data_9F5B
# 
_entry.id   9F5B 
# 
_audit_conform.dict_name       mmcif_pdbx.dic 
_audit_conform.dict_version    5.397 
_audit_conform.dict_location   http://mmcif.pdb.org/dictionaries/ascii/mmcif_pdbx.dic 
# 
loop_
_database_2.database_id 
_database_2.database_code 
_database_2.pdbx_database_accession 
_database_2.pdbx_DOI 
PDB   9F5B         pdb_00009f5b 10.2210/pdb9f5b/pdb 
WWPDB D_1292138205 ?            ?                   
# 
loop_
_pdbx_audit_revision_history.ordinal 
_pdbx_audit_revision_history.data_content_type 
_pdbx_audit_revision_history.major_revision 
_pdbx_audit_revision_history.minor_revision 
_pdbx_audit_revision_history.revision_date 
1 'Structure model' 1 0 2024-10-02 
2 'Structure model' 1 1 2024-10-16 
# 
_pdbx_audit_revision_details.ordinal             1 
_pdbx_audit_revision_details.revision_ordinal    1 
_pdbx_audit_revision_details.data_content_type   'Structure model' 
_pdbx_audit_revision_details.provider            repository 
_pdbx_audit_revision_details.type                'Initial release' 
_pdbx_audit_revision_details.description         ? 
_pdbx_audit_revision_details.details             ? 
# 
loop_
_pdbx_audit_revision_group.ordinal 
_pdbx_audit_revision_group.revision_ordinal 
_pdbx_audit_revision_group.data_content_type 
_pdbx_audit_revision_group.group 
1 2 'Structure model' 'Database references' 
2 2 'Structure model' 'Structure summary'   
# 
loop_
_pdbx_audit_revision_category.ordinal 
_pdbx_audit_revision_category.revision_ordinal 
_pdbx_audit_revision_category.data_content_type 
_pdbx_audit_revision_category.category 
1 2 'Structure model' citation           
2 2 'Structure model' citation_author    
3 2 'Structure model' pdbx_entry_details 
# 
loop_
_pdbx_audit_revision_item.ordinal 
_pdbx_audit_revision_item.revision_ordinal 
_pdbx_audit_revision_item.data_content_type 
_pdbx_audit_revision_item.item 
1 2 'Structure model' '_citation.journal_volume'                     
2 2 'Structure model' '_citation.page_first'                         
3 2 'Structure model' '_citation.page_last'                          
4 2 'Structure model' '_citation_author.identifier_ORCID'            
5 2 'Structure model' '_pdbx_entry_details.has_protein_modification' 
# 
_pdbx_database_status.status_code                     REL 
_pdbx_database_status.status_code_sf                  REL 
_pdbx_database_status.status_code_mr                  ? 
_pdbx_database_status.entry_id                        9F5B 
_pdbx_database_status.recvd_initial_deposition_date   2024-04-28 
_pdbx_database_status.SG_entry                        N 
_pdbx_database_status.deposit_site                    PDBE 
_pdbx_database_status.process_site                    PDBE 
_pdbx_database_status.status_code_cs                  ? 
_pdbx_database_status.status_code_nmr_data            ? 
_pdbx_database_status.methods_development_category    ? 
_pdbx_database_status.pdb_format_compatible           Y 
# 
_pdbx_contact_author.id                 2 
_pdbx_contact_author.email              kamel.el-omari@diamond.ac.uk 
_pdbx_contact_author.name_first         Kamel 
_pdbx_contact_author.name_last          'El Omari' 
_pdbx_contact_author.name_mi            ? 
_pdbx_contact_author.role               'principal investigator/group leader' 
_pdbx_contact_author.identifier_ORCID   0000-0003-3506-6045 
# 
loop_
_audit_author.name 
_audit_author.pdbx_ordinal 
_audit_author.identifier_ORCID 
'El Omari, K.'  1 0000-0003-3506-6045 
'Forsyth, I.'   2 ?                   
'Mancini, E.J.' 3 ?                   
'Wagner, A.'    4 0000-0001-8995-7324 
# 
_citation.abstract                  ? 
_citation.abstract_id_CAS           ? 
_citation.book_id_ISBN              ? 
_citation.book_publisher            ? 
_citation.book_publisher_city       ? 
_citation.book_title                ? 
_citation.coordinate_linkage        ? 
_citation.country                   ? 
_citation.database_id_Medline       ? 
_citation.details                   ? 
_citation.id                        primary 
_citation.journal_abbrev            'Acta Crystallogr D Struct Biol' 
_citation.journal_id_ASTM           ? 
_citation.journal_id_CSD            ? 
_citation.journal_id_ISSN           2059-7983 
_citation.journal_full              ? 
_citation.journal_issue             ? 
_citation.journal_volume            80 
_citation.language                  ? 
_citation.page_first                713 
_citation.page_last                 721 
_citation.title                     'Utilizing anomalous signals for element identification in macromolecular crystallography.' 
_citation.year                      2024 
_citation.database_id_CSD           ? 
_citation.pdbx_database_id_DOI      10.1107/S2059798324008659 
_citation.pdbx_database_id_PubMed   39291627 
_citation.pdbx_database_id_patent   ? 
_citation.unpublished_flag          ? 
# 
loop_
_citation_author.citation_id 
_citation_author.name 
_citation_author.ordinal 
_citation_author.identifier_ORCID 
primary 'El Omari, K.'  1 ? 
primary 'Forsyth, I.'   2 ? 
primary 'Duman, R.'     3 ? 
primary 'Orr, C.M.'     4 ? 
primary 'Mykhaylyk, V.' 5 ? 
primary 'Mancini, E.J.' 6 ? 
primary 'Wagner, A.'    7 ? 
# 
loop_
_entity.id 
_entity.type 
_entity.src_method 
_entity.pdbx_description 
_entity.formula_weight 
_entity.pdbx_number_of_molecules 
_entity.pdbx_ec 
_entity.pdbx_mutation 
_entity.pdbx_fragment 
_entity.details 
1 polymer     man 'LIM domain transcription factor LMO4,LIM domain-binding protein 1' 20195.641 1   ? ? ? ? 
2 non-polymer syn 'ZINC ION'                                                          65.409    4   ? ? ? ? 
3 water       nat water                                                               18.015    123 ? ? ? ? 
# 
_entity_name_com.entity_id   1 
_entity_name_com.name        
;Breast tumor autoantigen,LIM domain only protein 4,LMO-4,LDB-1,Carboxyl-terminal LIM domain-binding protein 2,CLIM-2,LIM domain-binding factor CLIM2,hLdb1,Nuclear LIM interactor
;
# 
_entity_poly.entity_id                      1 
_entity_poly.type                           'polypeptide(L)' 
_entity_poly.nstd_linkage                   no 
_entity_poly.nstd_monomer                   no 
_entity_poly.pdbx_seq_one_letter_code       
;GSLSWKRCAGCGGKIADRFLLYAMDSYWHSRCLKCSSCQAQLGDIGTSSYTKSGMILCRNDYIRLFGNSGACSACGQSIP
ASELVMRAQGNVYHLKCFTCSTCRNRLVPGDRFHYINGSLFCEHDRPTALINGHLNSGGSGGSGGSGGDVMVVGEPTLMG
GEFGDEDERLITRLENTQFDAANGIDDE
;
_entity_poly.pdbx_seq_one_letter_code_can   
;GSLSWKRCAGCGGKIADRFLLYAMDSYWHSRCLKCSSCQAQLGDIGTSSYTKSGMILCRNDYIRLFGNSGACSACGQSIP
ASELVMRAQGNVYHLKCFTCSTCRNRLVPGDRFHYINGSLFCEHDRPTALINGHLNSGGSGGSGGSGGDVMVVGEPTLMG
GEFGDEDERLITRLENTQFDAANGIDDE
;
_entity_poly.pdbx_strand_id                 A 
_entity_poly.pdbx_target_identifier         ? 
# 
loop_
_pdbx_entity_nonpoly.entity_id 
_pdbx_entity_nonpoly.name 
_pdbx_entity_nonpoly.comp_id 
2 'ZINC ION' ZN  
3 water      HOH 
# 
loop_
_entity_poly_seq.entity_id 
_entity_poly_seq.num 
_entity_poly_seq.mon_id 
_entity_poly_seq.hetero 
1 1   GLY n 
1 2   SER n 
1 3   LEU n 
1 4   SER n 
1 5   TRP n 
1 6   LYS n 
1 7   ARG n 
1 8   CYS n 
1 9   ALA n 
1 10  GLY n 
1 11  CYS n 
1 12  GLY n 
1 13  GLY n 
1 14  LYS n 
1 15  ILE n 
1 16  ALA n 
1 17  ASP n 
1 18  ARG n 
1 19  PHE n 
1 20  LEU n 
1 21  LEU n 
1 22  TYR n 
1 23  ALA n 
1 24  MET n 
1 25  ASP n 
1 26  SER n 
1 27  TYR n 
1 28  TRP n 
1 29  HIS n 
1 30  SER n 
1 31  ARG n 
1 32  CYS n 
1 33  LEU n 
1 34  LYS n 
1 35  CYS n 
1 36  SER n 
1 37  SER n 
1 38  CYS n 
1 39  GLN n 
1 40  ALA n 
1 41  GLN n 
1 42  LEU n 
1 43  GLY n 
1 44  ASP n 
1 45  ILE n 
1 46  GLY n 
1 47  THR n 
1 48  SER n 
1 49  SER n 
1 50  TYR n 
1 51  THR n 
1 52  LYS n 
1 53  SER n 
1 54  GLY n 
1 55  MET n 
1 56  ILE n 
1 57  LEU n 
1 58  CYS n 
1 59  ARG n 
1 60  ASN n 
1 61  ASP n 
1 62  TYR n 
1 63  ILE n 
1 64  ARG n 
1 65  LEU n 
1 66  PHE n 
1 67  GLY n 
1 68  ASN n 
1 69  SER n 
1 70  GLY n 
1 71  ALA n 
1 72  CYS n 
1 73  SER n 
1 74  ALA n 
1 75  CYS n 
1 76  GLY n 
1 77  GLN n 
1 78  SER n 
1 79  ILE n 
1 80  PRO n 
1 81  ALA n 
1 82  SER n 
1 83  GLU n 
1 84  LEU n 
1 85  VAL n 
1 86  MET n 
1 87  ARG n 
1 88  ALA n 
1 89  GLN n 
1 90  GLY n 
1 91  ASN n 
1 92  VAL n 
1 93  TYR n 
1 94  HIS n 
1 95  LEU n 
1 96  LYS n 
1 97  CYS n 
1 98  PHE n 
1 99  THR n 
1 100 CYS n 
1 101 SER n 
1 102 THR n 
1 103 CYS n 
1 104 ARG n 
1 105 ASN n 
1 106 ARG n 
1 107 LEU n 
1 108 VAL n 
1 109 PRO n 
1 110 GLY n 
1 111 ASP n 
1 112 ARG n 
1 113 PHE n 
1 114 HIS n 
1 115 TYR n 
1 116 ILE n 
1 117 ASN n 
1 118 GLY n 
1 119 SER n 
1 120 LEU n 
1 121 PHE n 
1 122 CYS n 
1 123 GLU n 
1 124 HIS n 
1 125 ASP n 
1 126 ARG n 
1 127 PRO n 
1 128 THR n 
1 129 ALA n 
1 130 LEU n 
1 131 ILE n 
1 132 ASN n 
1 133 GLY n 
1 134 HIS n 
1 135 LEU n 
1 136 ASN n 
1 137 SER n 
1 138 GLY n 
1 139 GLY n 
1 140 SER n 
1 141 GLY n 
1 142 GLY n 
1 143 SER n 
1 144 GLY n 
1 145 GLY n 
1 146 SER n 
1 147 GLY n 
1 148 GLY n 
1 149 ASP n 
1 150 VAL n 
1 151 MET n 
1 152 VAL n 
1 153 VAL n 
1 154 GLY n 
1 155 GLU n 
1 156 PRO n 
1 157 THR n 
1 158 LEU n 
1 159 MET n 
1 160 GLY n 
1 161 GLY n 
1 162 GLU n 
1 163 PHE n 
1 164 GLY n 
1 165 ASP n 
1 166 GLU n 
1 167 ASP n 
1 168 GLU n 
1 169 ARG n 
1 170 LEU n 
1 171 ILE n 
1 172 THR n 
1 173 ARG n 
1 174 LEU n 
1 175 GLU n 
1 176 ASN n 
1 177 THR n 
1 178 GLN n 
1 179 PHE n 
1 180 ASP n 
1 181 ALA n 
1 182 ALA n 
1 183 ASN n 
1 184 GLY n 
1 185 ILE n 
1 186 ASP n 
1 187 ASP n 
1 188 GLU n 
# 
loop_
_entity_src_gen.entity_id 
_entity_src_gen.pdbx_src_id 
_entity_src_gen.pdbx_alt_source_flag 
_entity_src_gen.pdbx_seq_type 
_entity_src_gen.pdbx_beg_seq_num 
_entity_src_gen.pdbx_end_seq_num 
_entity_src_gen.gene_src_common_name 
_entity_src_gen.gene_src_genus 
_entity_src_gen.pdbx_gene_src_gene 
_entity_src_gen.gene_src_species 
_entity_src_gen.gene_src_strain 
_entity_src_gen.gene_src_tissue 
_entity_src_gen.gene_src_tissue_fraction 
_entity_src_gen.gene_src_details 
_entity_src_gen.pdbx_gene_src_fragment 
_entity_src_gen.pdbx_gene_src_scientific_name 
_entity_src_gen.pdbx_gene_src_ncbi_taxonomy_id 
_entity_src_gen.pdbx_gene_src_variant 
_entity_src_gen.pdbx_gene_src_cell_line 
_entity_src_gen.pdbx_gene_src_atcc 
_entity_src_gen.pdbx_gene_src_organ 
_entity_src_gen.pdbx_gene_src_organelle 
_entity_src_gen.pdbx_gene_src_cell 
_entity_src_gen.pdbx_gene_src_cellular_location 
_entity_src_gen.host_org_common_name 
_entity_src_gen.pdbx_host_org_scientific_name 
_entity_src_gen.pdbx_host_org_ncbi_taxonomy_id 
_entity_src_gen.host_org_genus 
_entity_src_gen.pdbx_host_org_gene 
_entity_src_gen.pdbx_host_org_organ 
_entity_src_gen.host_org_species 
_entity_src_gen.pdbx_host_org_tissue 
_entity_src_gen.pdbx_host_org_tissue_fraction 
_entity_src_gen.pdbx_host_org_strain 
_entity_src_gen.pdbx_host_org_variant 
_entity_src_gen.pdbx_host_org_cell_line 
_entity_src_gen.pdbx_host_org_atcc 
_entity_src_gen.pdbx_host_org_culture_collection 
_entity_src_gen.pdbx_host_org_cell 
_entity_src_gen.pdbx_host_org_organelle 
_entity_src_gen.pdbx_host_org_cellular_location 
_entity_src_gen.pdbx_host_org_vector_type 
_entity_src_gen.pdbx_host_org_vector 
_entity_src_gen.host_org_details 
_entity_src_gen.expression_system_id 
_entity_src_gen.plasmid_name 
_entity_src_gen.plasmid_details 
_entity_src_gen.pdbx_description 
1 1 sample 'Biological sequence' 1   148 human ? LMO4          ? ? ? ? ? ? 'Homo sapiens' 9606 ? ? ? ? ? ? ? ? 'Escherichia coli' 
562 ? ? ? ? ? ? ? ? ? ? ? ? ? ? ? ? ? ? ? ? ? 
1 2 sample 'Biological sequence' 149 188 human ? 'LDB1, CLIM2' ? ? ? ? ? ? 'Homo sapiens' 9606 ? ? ? ? ? ? ? ? 'Escherichia coli' 
562 ? ? ? ? ? ? ? ? ? ? ? ? ? ? ? ? ? ? ? ? ? 
# 
loop_
_chem_comp.id 
_chem_comp.type 
_chem_comp.mon_nstd_flag 
_chem_comp.name 
_chem_comp.pdbx_synonyms 
_chem_comp.formula 
_chem_comp.formula_weight 
ALA 'L-peptide linking' y ALANINE         ? 'C3 H7 N O2'     89.093  
ARG 'L-peptide linking' y ARGININE        ? 'C6 H15 N4 O2 1' 175.209 
ASN 'L-peptide linking' y ASPARAGINE      ? 'C4 H8 N2 O3'    132.118 
ASP 'L-peptide linking' y 'ASPARTIC ACID' ? 'C4 H7 N O4'     133.103 
CYS 'L-peptide linking' y CYSTEINE        ? 'C3 H7 N O2 S'   121.158 
GLN 'L-peptide linking' y GLUTAMINE       ? 'C5 H10 N2 O3'   146.144 
GLU 'L-peptide linking' y 'GLUTAMIC ACID' ? 'C5 H9 N O4'     147.129 
GLY 'peptide linking'   y GLYCINE         ? 'C2 H5 N O2'     75.067  
HIS 'L-peptide linking' y HISTIDINE       ? 'C6 H10 N3 O2 1' 156.162 
HOH non-polymer         . WATER           ? 'H2 O'           18.015  
ILE 'L-peptide linking' y ISOLEUCINE      ? 'C6 H13 N O2'    131.173 
LEU 'L-peptide linking' y LEUCINE         ? 'C6 H13 N O2'    131.173 
LYS 'L-peptide linking' y LYSINE          ? 'C6 H15 N2 O2 1' 147.195 
MET 'L-peptide linking' y METHIONINE      ? 'C5 H11 N O2 S'  149.211 
PHE 'L-peptide linking' y PHENYLALANINE   ? 'C9 H11 N O2'    165.189 
PRO 'L-peptide linking' y PROLINE         ? 'C5 H9 N O2'     115.130 
SER 'L-peptide linking' y SERINE          ? 'C3 H7 N O3'     105.093 
THR 'L-peptide linking' y THREONINE       ? 'C4 H9 N O3'     119.119 
TRP 'L-peptide linking' y TRYPTOPHAN      ? 'C11 H12 N2 O2'  204.225 
TYR 'L-peptide linking' y TYROSINE        ? 'C9 H11 N O3'    181.189 
VAL 'L-peptide linking' y VALINE          ? 'C5 H11 N O2'    117.146 
ZN  non-polymer         . 'ZINC ION'      ? 'Zn 2'           65.409  
# 
loop_
_pdbx_poly_seq_scheme.asym_id 
_pdbx_poly_seq_scheme.entity_id 
_pdbx_poly_seq_scheme.seq_id 
_pdbx_poly_seq_scheme.mon_id 
_pdbx_poly_seq_scheme.ndb_seq_num 
_pdbx_poly_seq_scheme.pdb_seq_num 
_pdbx_poly_seq_scheme.auth_seq_num 
_pdbx_poly_seq_scheme.pdb_mon_id 
_pdbx_poly_seq_scheme.auth_mon_id 
_pdbx_poly_seq_scheme.pdb_strand_id 
_pdbx_poly_seq_scheme.pdb_ins_code 
_pdbx_poly_seq_scheme.hetero 
A 1 1   GLY 1   16  ?   ?   ?   A . n 
A 1 2   SER 2   17  ?   ?   ?   A . n 
A 1 3   LEU 3   18  ?   ?   ?   A . n 
A 1 4   SER 4   19  19  SER SER A . n 
A 1 5   TRP 5   20  20  TRP TRP A . n 
A 1 6   LYS 6   21  21  LYS LYS A . n 
A 1 7   ARG 7   22  22  ARG ARG A . n 
A 1 8   CYS 8   23  23  CYS CYS A . n 
A 1 9   ALA 9   24  24  ALA ALA A . n 
A 1 10  GLY 10  25  25  GLY GLY A . n 
A 1 11  CYS 11  26  26  CYS CYS A . n 
A 1 12  GLY 12  27  27  GLY GLY A . n 
A 1 13  GLY 13  28  28  GLY GLY A . n 
A 1 14  LYS 14  29  29  LYS LYS A . n 
A 1 15  ILE 15  30  30  ILE ILE A . n 
A 1 16  ALA 16  31  31  ALA ALA A . n 
A 1 17  ASP 17  32  32  ASP ASP A . n 
A 1 18  ARG 18  33  33  ARG ARG A . n 
A 1 19  PHE 19  34  34  PHE PHE A . n 
A 1 20  LEU 20  35  35  LEU LEU A . n 
A 1 21  LEU 21  36  36  LEU LEU A . n 
A 1 22  TYR 22  37  37  TYR TYR A . n 
A 1 23  ALA 23  38  38  ALA ALA A . n 
A 1 24  MET 24  39  39  MET MET A . n 
A 1 25  ASP 25  40  40  ASP ASP A . n 
A 1 26  SER 26  41  41  SER SER A . n 
A 1 27  TYR 27  42  42  TYR TYR A . n 
A 1 28  TRP 28  43  43  TRP TRP A . n 
A 1 29  HIS 29  44  44  HIS HIS A . n 
A 1 30  SER 30  45  45  SER SER A . n 
A 1 31  ARG 31  46  46  ARG ARG A . n 
A 1 32  CYS 32  47  47  CYS CYS A . n 
A 1 33  LEU 33  48  48  LEU LEU A . n 
A 1 34  LYS 34  49  49  LYS LYS A . n 
A 1 35  CYS 35  50  50  CYS CYS A . n 
A 1 36  SER 36  51  51  SER SER A . n 
A 1 37  SER 37  52  52  SER SER A . n 
A 1 38  CYS 38  53  53  CYS CYS A . n 
A 1 39  GLN 39  54  54  GLN GLN A . n 
A 1 40  ALA 40  55  55  ALA ALA A . n 
A 1 41  GLN 41  56  56  GLN GLN A . n 
A 1 42  LEU 42  57  57  LEU LEU A . n 
A 1 43  GLY 43  58  58  GLY GLY A . n 
A 1 44  ASP 44  59  59  ASP ASP A . n 
A 1 45  ILE 45  60  60  ILE ILE A . n 
A 1 46  GLY 46  61  61  GLY GLY A . n 
A 1 47  THR 47  62  62  THR THR A . n 
A 1 48  SER 48  63  63  SER SER A . n 
A 1 49  SER 49  64  64  SER SER A . n 
A 1 50  TYR 50  65  65  TYR TYR A . n 
A 1 51  THR 51  66  66  THR THR A . n 
A 1 52  LYS 52  67  67  LYS LYS A . n 
A 1 53  SER 53  68  68  SER SER A . n 
A 1 54  GLY 54  69  69  GLY GLY A . n 
A 1 55  MET 55  70  70  MET MET A . n 
A 1 56  ILE 56  71  71  ILE ILE A . n 
A 1 57  LEU 57  72  72  LEU LEU A . n 
A 1 58  CYS 58  73  73  CYS CYS A . n 
A 1 59  ARG 59  74  74  ARG ARG A . n 
A 1 60  ASN 60  75  75  ASN ASN A . n 
A 1 61  ASP 61  76  76  ASP ASP A . n 
A 1 62  TYR 62  77  77  TYR TYR A . n 
A 1 63  ILE 63  78  78  ILE ILE A . n 
A 1 64  ARG 64  79  79  ARG ARG A . n 
A 1 65  LEU 65  80  80  LEU LEU A . n 
A 1 66  PHE 66  81  81  PHE PHE A . n 
A 1 67  GLY 67  82  82  GLY GLY A . n 
A 1 68  ASN 68  83  83  ASN ASN A . n 
A 1 69  SER 69  84  84  SER SER A . n 
A 1 70  GLY 70  85  85  GLY GLY A . n 
A 1 71  ALA 71  86  86  ALA ALA A . n 
A 1 72  CYS 72  87  87  CYS CYS A . n 
A 1 73  SER 73  88  88  SER SER A . n 
A 1 74  ALA 74  89  89  ALA ALA A . n 
A 1 75  CYS 75  90  90  CYS CYS A . n 
A 1 76  GLY 76  91  91  GLY GLY A . n 
A 1 77  GLN 77  92  92  GLN GLN A . n 
A 1 78  SER 78  93  93  SER SER A . n 
A 1 79  ILE 79  94  94  ILE ILE A . n 
A 1 80  PRO 80  95  95  PRO PRO A . n 
A 1 81  ALA 81  96  96  ALA ALA A . n 
A 1 82  SER 82  97  97  SER SER A . n 
A 1 83  GLU 83  98  98  GLU GLU A . n 
A 1 84  LEU 84  99  99  LEU LEU A . n 
A 1 85  VAL 85  100 100 VAL VAL A . n 
A 1 86  MET 86  101 101 MET MET A . n 
A 1 87  ARG 87  102 102 ARG ARG A . n 
A 1 88  ALA 88  103 103 ALA ALA A . n 
A 1 89  GLN 89  104 104 GLN GLN A . n 
A 1 90  GLY 90  105 105 GLY GLY A . n 
A 1 91  ASN 91  106 106 ASN ASN A . n 
A 1 92  VAL 92  107 107 VAL VAL A . n 
A 1 93  TYR 93  108 108 TYR TYR A . n 
A 1 94  HIS 94  109 109 HIS HIS A . n 
A 1 95  LEU 95  110 110 LEU LEU A . n 
A 1 96  LYS 96  111 111 LYS LYS A . n 
A 1 97  CYS 97  112 112 CYS CYS A . n 
A 1 98  PHE 98  113 113 PHE PHE A . n 
A 1 99  THR 99  114 114 THR THR A . n 
A 1 100 CYS 100 115 115 CYS CYS A . n 
A 1 101 SER 101 116 116 SER SER A . n 
A 1 102 THR 102 117 117 THR THR A . n 
A 1 103 CYS 103 118 118 CYS CYS A . n 
A 1 104 ARG 104 119 119 ARG ARG A . n 
A 1 105 ASN 105 120 120 ASN ASN A . n 
A 1 106 ARG 106 121 121 ARG ARG A . n 
A 1 107 LEU 107 122 122 LEU LEU A . n 
A 1 108 VAL 108 123 123 VAL VAL A . n 
A 1 109 PRO 109 124 124 PRO PRO A . n 
A 1 110 GLY 110 125 125 GLY GLY A . n 
A 1 111 ASP 111 126 126 ASP ASP A . n 
A 1 112 ARG 112 127 127 ARG ARG A . n 
A 1 113 PHE 113 128 128 PHE PHE A . n 
A 1 114 HIS 114 129 129 HIS HIS A . n 
A 1 115 TYR 115 130 130 TYR TYR A . n 
A 1 116 ILE 116 131 131 ILE ILE A . n 
A 1 117 ASN 117 132 132 ASN ASN A . n 
A 1 118 GLY 118 133 133 GLY GLY A . n 
A 1 119 SER 119 134 134 SER SER A . n 
A 1 120 LEU 120 135 135 LEU LEU A . n 
A 1 121 PHE 121 136 136 PHE PHE A . n 
A 1 122 CYS 122 137 137 CYS CYS A . n 
A 1 123 GLU 123 138 138 GLU GLU A . n 
A 1 124 HIS 124 139 139 HIS HIS A . n 
A 1 125 ASP 125 140 140 ASP ASP A . n 
A 1 126 ARG 126 141 141 ARG ARG A . n 
A 1 127 PRO 127 142 142 PRO PRO A . n 
A 1 128 THR 128 143 143 THR THR A . n 
A 1 129 ALA 129 144 144 ALA ALA A . n 
A 1 130 LEU 130 145 145 LEU LEU A . n 
A 1 131 ILE 131 146 146 ILE ILE A . n 
A 1 132 ASN 132 147 147 ASN ASN A . n 
A 1 133 GLY 133 284 ?   ?   ?   A . n 
A 1 134 HIS 134 285 ?   ?   ?   A . n 
A 1 135 LEU 135 286 ?   ?   ?   A . n 
A 1 136 ASN 136 287 ?   ?   ?   A . n 
A 1 137 SER 137 288 ?   ?   ?   A . n 
A 1 138 GLY 138 289 ?   ?   ?   A . n 
A 1 139 GLY 139 290 ?   ?   ?   A . n 
A 1 140 SER 140 291 ?   ?   ?   A . n 
A 1 141 GLY 141 292 ?   ?   ?   A . n 
A 1 142 GLY 142 293 ?   ?   ?   A . n 
A 1 143 SER 143 294 ?   ?   ?   A . n 
A 1 144 GLY 144 295 ?   ?   ?   A . n 
A 1 145 GLY 145 296 ?   ?   ?   A . n 
A 1 146 SER 146 297 297 SER SER A . n 
A 1 147 GLY 147 298 298 GLY GLY A . n 
A 1 148 GLY 148 299 299 GLY GLY A . n 
A 1 149 ASP 149 300 300 ASP ASP A . n 
A 1 150 VAL 150 301 301 VAL VAL A . n 
A 1 151 MET 151 302 302 MET MET A . n 
A 1 152 VAL 152 303 303 VAL VAL A . n 
A 1 153 VAL 153 304 304 VAL VAL A . n 
A 1 154 GLY 154 305 305 GLY GLY A . n 
A 1 155 GLU 155 306 306 GLU GLU A . n 
A 1 156 PRO 156 307 307 PRO PRO A . n 
A 1 157 THR 157 308 308 THR THR A . n 
A 1 158 LEU 158 309 309 LEU LEU A . n 
A 1 159 MET 159 310 310 MET MET A . n 
A 1 160 GLY 160 311 311 GLY GLY A . n 
A 1 161 GLY 161 312 312 GLY GLY A . n 
A 1 162 GLU 162 313 313 GLU GLU A . n 
A 1 163 PHE 163 314 314 PHE PHE A . n 
A 1 164 GLY 164 315 315 GLY GLY A . n 
A 1 165 ASP 165 316 316 ASP ASP A . n 
A 1 166 GLU 166 317 317 GLU GLU A . n 
A 1 167 ASP 167 318 318 ASP ASP A . n 
A 1 168 GLU 168 319 319 GLU GLU A . n 
A 1 169 ARG 169 320 320 ARG ARG A . n 
A 1 170 LEU 170 321 321 LEU LEU A . n 
A 1 171 ILE 171 322 322 ILE ILE A . n 
A 1 172 THR 172 323 323 THR THR A . n 
A 1 173 ARG 173 324 324 ARG ARG A . n 
A 1 174 LEU 174 325 325 LEU LEU A . n 
A 1 175 GLU 175 326 326 GLU GLU A . n 
A 1 176 ASN 176 327 327 ASN ASN A . n 
A 1 177 THR 177 328 328 THR THR A . n 
A 1 178 GLN 178 329 329 GLN GLN A . n 
A 1 179 PHE 179 330 ?   ?   ?   A . n 
A 1 180 ASP 180 331 ?   ?   ?   A . n 
A 1 181 ALA 181 332 ?   ?   ?   A . n 
A 1 182 ALA 182 333 ?   ?   ?   A . n 
A 1 183 ASN 183 334 ?   ?   ?   A . n 
A 1 184 GLY 184 335 ?   ?   ?   A . n 
A 1 185 ILE 185 336 336 ILE ILE A . n 
A 1 186 ASP 186 337 337 ASP ASP A . n 
A 1 187 ASP 187 338 338 ASP ASP A . n 
A 1 188 GLU 188 339 339 GLU GLU A . n 
# 
loop_
_pdbx_nonpoly_scheme.asym_id 
_pdbx_nonpoly_scheme.entity_id 
_pdbx_nonpoly_scheme.mon_id 
_pdbx_nonpoly_scheme.ndb_seq_num 
_pdbx_nonpoly_scheme.pdb_seq_num 
_pdbx_nonpoly_scheme.auth_seq_num 
_pdbx_nonpoly_scheme.pdb_mon_id 
_pdbx_nonpoly_scheme.auth_mon_id 
_pdbx_nonpoly_scheme.pdb_strand_id 
_pdbx_nonpoly_scheme.pdb_ins_code 
B 2 ZN  1   400 400 ZN  ZN  A . 
C 2 ZN  1   401 401 ZN  ZN  A . 
D 2 ZN  1   402 402 ZN  ZN  A . 
E 2 ZN  1   403 403 ZN  ZN  A . 
F 3 HOH 1   501 117 HOH HOH A . 
F 3 HOH 2   502 75  HOH HOH A . 
F 3 HOH 3   503 108 HOH HOH A . 
F 3 HOH 4   504 86  HOH HOH A . 
F 3 HOH 5   505 38  HOH HOH A . 
F 3 HOH 6   506 99  HOH HOH A . 
F 3 HOH 7   507 91  HOH HOH A . 
F 3 HOH 8   508 43  HOH HOH A . 
F 3 HOH 9   509 36  HOH HOH A . 
F 3 HOH 10  510 39  HOH HOH A . 
F 3 HOH 11  511 41  HOH HOH A . 
F 3 HOH 12  512 3   HOH HOH A . 
F 3 HOH 13  513 25  HOH HOH A . 
F 3 HOH 14  514 16  HOH HOH A . 
F 3 HOH 15  515 57  HOH HOH A . 
F 3 HOH 16  516 26  HOH HOH A . 
F 3 HOH 17  517 44  HOH HOH A . 
F 3 HOH 18  518 78  HOH HOH A . 
F 3 HOH 19  519 111 HOH HOH A . 
F 3 HOH 20  520 34  HOH HOH A . 
F 3 HOH 21  521 56  HOH HOH A . 
F 3 HOH 22  522 10  HOH HOH A . 
F 3 HOH 23  523 100 HOH HOH A . 
F 3 HOH 24  524 30  HOH HOH A . 
F 3 HOH 25  525 2   HOH HOH A . 
F 3 HOH 26  526 87  HOH HOH A . 
F 3 HOH 27  527 7   HOH HOH A . 
F 3 HOH 28  528 74  HOH HOH A . 
F 3 HOH 29  529 15  HOH HOH A . 
F 3 HOH 30  530 112 HOH HOH A . 
F 3 HOH 31  531 11  HOH HOH A . 
F 3 HOH 32  532 68  HOH HOH A . 
F 3 HOH 33  533 47  HOH HOH A . 
F 3 HOH 34  534 65  HOH HOH A . 
F 3 HOH 35  535 69  HOH HOH A . 
F 3 HOH 36  536 19  HOH HOH A . 
F 3 HOH 37  537 123 HOH HOH A . 
F 3 HOH 38  538 17  HOH HOH A . 
F 3 HOH 39  539 5   HOH HOH A . 
F 3 HOH 40  540 90  HOH HOH A . 
F 3 HOH 41  541 27  HOH HOH A . 
F 3 HOH 42  542 9   HOH HOH A . 
F 3 HOH 43  543 80  HOH HOH A . 
F 3 HOH 44  544 48  HOH HOH A . 
F 3 HOH 45  545 54  HOH HOH A . 
F 3 HOH 46  546 40  HOH HOH A . 
F 3 HOH 47  547 59  HOH HOH A . 
F 3 HOH 48  548 51  HOH HOH A . 
F 3 HOH 49  549 62  HOH HOH A . 
F 3 HOH 50  550 113 HOH HOH A . 
F 3 HOH 51  551 37  HOH HOH A . 
F 3 HOH 52  552 42  HOH HOH A . 
F 3 HOH 53  553 8   HOH HOH A . 
F 3 HOH 54  554 88  HOH HOH A . 
F 3 HOH 55  555 12  HOH HOH A . 
F 3 HOH 56  556 118 HOH HOH A . 
F 3 HOH 57  557 72  HOH HOH A . 
F 3 HOH 58  558 13  HOH HOH A . 
F 3 HOH 59  559 45  HOH HOH A . 
F 3 HOH 60  560 73  HOH HOH A . 
F 3 HOH 61  561 4   HOH HOH A . 
F 3 HOH 62  562 110 HOH HOH A . 
F 3 HOH 63  563 101 HOH HOH A . 
F 3 HOH 64  564 21  HOH HOH A . 
F 3 HOH 65  565 66  HOH HOH A . 
F 3 HOH 66  566 28  HOH HOH A . 
F 3 HOH 67  567 70  HOH HOH A . 
F 3 HOH 68  568 89  HOH HOH A . 
F 3 HOH 69  569 119 HOH HOH A . 
F 3 HOH 70  570 1   HOH HOH A . 
F 3 HOH 71  571 35  HOH HOH A . 
F 3 HOH 72  572 63  HOH HOH A . 
F 3 HOH 73  573 52  HOH HOH A . 
F 3 HOH 74  574 58  HOH HOH A . 
F 3 HOH 75  575 95  HOH HOH A . 
F 3 HOH 76  576 32  HOH HOH A . 
F 3 HOH 77  577 18  HOH HOH A . 
F 3 HOH 78  578 84  HOH HOH A . 
F 3 HOH 79  579 22  HOH HOH A . 
F 3 HOH 80  580 46  HOH HOH A . 
F 3 HOH 81  581 50  HOH HOH A . 
F 3 HOH 82  582 61  HOH HOH A . 
F 3 HOH 83  583 102 HOH HOH A . 
F 3 HOH 84  584 77  HOH HOH A . 
F 3 HOH 85  585 121 HOH HOH A . 
F 3 HOH 86  586 29  HOH HOH A . 
F 3 HOH 87  587 120 HOH HOH A . 
F 3 HOH 88  588 76  HOH HOH A . 
F 3 HOH 89  589 6   HOH HOH A . 
F 3 HOH 90  590 106 HOH HOH A . 
F 3 HOH 91  591 31  HOH HOH A . 
F 3 HOH 92  592 23  HOH HOH A . 
F 3 HOH 93  593 97  HOH HOH A . 
F 3 HOH 94  594 105 HOH HOH A . 
F 3 HOH 95  595 33  HOH HOH A . 
F 3 HOH 96  596 60  HOH HOH A . 
F 3 HOH 97  597 53  HOH HOH A . 
F 3 HOH 98  598 85  HOH HOH A . 
F 3 HOH 99  599 64  HOH HOH A . 
F 3 HOH 100 600 94  HOH HOH A . 
F 3 HOH 101 601 114 HOH HOH A . 
F 3 HOH 102 602 82  HOH HOH A . 
F 3 HOH 103 603 24  HOH HOH A . 
F 3 HOH 104 604 83  HOH HOH A . 
F 3 HOH 105 605 104 HOH HOH A . 
F 3 HOH 106 606 67  HOH HOH A . 
F 3 HOH 107 607 107 HOH HOH A . 
F 3 HOH 108 608 96  HOH HOH A . 
F 3 HOH 109 609 115 HOH HOH A . 
F 3 HOH 110 610 79  HOH HOH A . 
F 3 HOH 111 611 109 HOH HOH A . 
F 3 HOH 112 612 49  HOH HOH A . 
F 3 HOH 113 613 92  HOH HOH A . 
F 3 HOH 114 614 81  HOH HOH A . 
F 3 HOH 115 615 103 HOH HOH A . 
F 3 HOH 116 616 55  HOH HOH A . 
F 3 HOH 117 617 93  HOH HOH A . 
F 3 HOH 118 618 14  HOH HOH A . 
F 3 HOH 119 619 122 HOH HOH A . 
F 3 HOH 120 620 20  HOH HOH A . 
F 3 HOH 121 621 116 HOH HOH A . 
F 3 HOH 122 622 71  HOH HOH A . 
F 3 HOH 123 623 98  HOH HOH A . 
# 
loop_
_software.citation_id 
_software.classification 
_software.compiler_name 
_software.compiler_version 
_software.contact_author 
_software.contact_author_email 
_software.date 
_software.description 
_software.dependencies 
_software.hardware 
_software.language 
_software.location 
_software.mods 
_software.name 
_software.os 
_software.os_version 
_software.type 
_software.version 
_software.pdbx_ordinal 
? refinement       ? ? ? ? ? ? ? ? ? ? ? REFMAC ? ? ? 5.8.0425 1 
? 'data reduction' ? ? ? ? ? ? ? ? ? ? ? DIALS  ? ? ? .        2 
? 'data scaling'   ? ? ? ? ? ? ? ? ? ? ? DIALS  ? ? ? .        3 
? phasing          ? ? ? ? ? ? ? ? ? ? ? PHASER ? ? ? .        4 
# 
_cell.angle_alpha                  90 
_cell.angle_alpha_esd              ? 
_cell.angle_beta                   90 
_cell.angle_beta_esd               ? 
_cell.angle_gamma                  120 
_cell.angle_gamma_esd              ? 
_cell.entry_id                     9F5B 
_cell.details                      ? 
_cell.formula_units_Z              ? 
_cell.length_a                     61.816 
_cell.length_a_esd                 ? 
_cell.length_b                     61.816 
_cell.length_b_esd                 ? 
_cell.length_c                     93.396 
_cell.length_c_esd                 ? 
_cell.volume                       ? 
_cell.volume_esd                   ? 
_cell.Z_PDB                        6 
_cell.reciprocal_angle_alpha       ? 
_cell.reciprocal_angle_beta        ? 
_cell.reciprocal_angle_gamma       ? 
_cell.reciprocal_angle_alpha_esd   ? 
_cell.reciprocal_angle_beta_esd    ? 
_cell.reciprocal_angle_gamma_esd   ? 
_cell.reciprocal_length_a          ? 
_cell.reciprocal_length_b          ? 
_cell.reciprocal_length_c          ? 
_cell.reciprocal_length_a_esd      ? 
_cell.reciprocal_length_b_esd      ? 
_cell.reciprocal_length_c_esd      ? 
_cell.pdbx_unique_axis             ? 
_cell.pdbx_esd_method              ? 
# 
_symmetry.entry_id                         9F5B 
_symmetry.cell_setting                     ? 
_symmetry.Int_Tables_number                149 
_symmetry.space_group_name_Hall            ? 
_symmetry.space_group_name_H-M             'P 3 1 2' 
_symmetry.pdbx_full_space_group_name_H-M   ? 
# 
_exptl.absorpt_coefficient_mu     ? 
_exptl.absorpt_correction_T_max   ? 
_exptl.absorpt_correction_T_min   ? 
_exptl.absorpt_correction_type    ? 
_exptl.absorpt_process_details    ? 
_exptl.entry_id                   9F5B 
_exptl.crystals_number            1 
_exptl.details                    ? 
_exptl.method                     'X-RAY DIFFRACTION' 
_exptl.method_details             ? 
# 
_exptl_crystal.colour                       ? 
_exptl_crystal.density_diffrn               ? 
_exptl_crystal.density_Matthews             2.55 
_exptl_crystal.density_method               ? 
_exptl_crystal.density_percent_sol          51.78 
_exptl_crystal.description                  ? 
_exptl_crystal.F_000                        ? 
_exptl_crystal.id                           1 
_exptl_crystal.preparation                  ? 
_exptl_crystal.size_max                     ? 
_exptl_crystal.size_mid                     ? 
_exptl_crystal.size_min                     ? 
_exptl_crystal.size_rad                     ? 
_exptl_crystal.colour_lustre                ? 
_exptl_crystal.colour_modifier              ? 
_exptl_crystal.colour_primary               ? 
_exptl_crystal.density_meas                 ? 
_exptl_crystal.density_meas_esd             ? 
_exptl_crystal.density_meas_gt              ? 
_exptl_crystal.density_meas_lt              ? 
_exptl_crystal.density_meas_temp            ? 
_exptl_crystal.density_meas_temp_esd        ? 
_exptl_crystal.density_meas_temp_gt         ? 
_exptl_crystal.density_meas_temp_lt         ? 
_exptl_crystal.pdbx_crystal_image_url       ? 
_exptl_crystal.pdbx_crystal_image_format    ? 
_exptl_crystal.pdbx_mosaicity               ? 
_exptl_crystal.pdbx_mosaicity_esd           ? 
_exptl_crystal.pdbx_mosaic_method           ? 
_exptl_crystal.pdbx_mosaic_block_size       ? 
_exptl_crystal.pdbx_mosaic_block_size_esd   ? 
# 
_exptl_crystal_grow.apparatus       ? 
_exptl_crystal_grow.atmosphere      ? 
_exptl_crystal_grow.crystal_id      1 
_exptl_crystal_grow.details         ? 
_exptl_crystal_grow.method          'VAPOR DIFFUSION, SITTING DROP' 
_exptl_crystal_grow.method_ref      ? 
_exptl_crystal_grow.pH              ? 
_exptl_crystal_grow.pressure        ? 
_exptl_crystal_grow.pressure_esd    ? 
_exptl_crystal_grow.seeding         ? 
_exptl_crystal_grow.seeding_ref     ? 
_exptl_crystal_grow.temp_details    ? 
_exptl_crystal_grow.temp_esd        ? 
_exptl_crystal_grow.time            ? 
_exptl_crystal_grow.pdbx_details    '0.25 M Sodium Malonate pH 7, 20 % v/w PEG 3350' 
_exptl_crystal_grow.pdbx_pH_range   ? 
_exptl_crystal_grow.temp            293 
# 
loop_
_diffrn.ambient_environment 
_diffrn.ambient_temp 
_diffrn.ambient_temp_details 
_diffrn.ambient_temp_esd 
_diffrn.crystal_id 
_diffrn.crystal_support 
_diffrn.crystal_treatment 
_diffrn.details 
_diffrn.id 
_diffrn.ambient_pressure 
_diffrn.ambient_pressure_esd 
_diffrn.ambient_pressure_gt 
_diffrn.ambient_pressure_lt 
_diffrn.ambient_temp_gt 
_diffrn.ambient_temp_lt 
_diffrn.pdbx_serial_crystal_experiment 
? 80 ? ? 1 ? ? ? 1 ? ? ? ? ? ? N 
? 80 ? ? 1 ? ? ? 2 ? ? ? ? ? ? N 
? 80 ? ? 1 ? ? ? 3 ? ? ? ? ? ? N 
# 
loop_
_diffrn_detector.details 
_diffrn_detector.detector 
_diffrn_detector.diffrn_id 
_diffrn_detector.type 
_diffrn_detector.area_resol_mean 
_diffrn_detector.dtime 
_diffrn_detector.pdbx_frames_total 
_diffrn_detector.pdbx_collection_time_total 
_diffrn_detector.pdbx_collection_date 
_diffrn_detector.pdbx_frequency 
_diffrn_detector.id 
_diffrn_detector.number_of_axes 
? PIXEL 1 'DECTRIS PILATUS 12M' ? ? ? ? 2023-05-25 ? ? ? 
? PIXEL 2 'DECTRIS PILATUS 12M' ? ? ? ? 2023-05-25 ? ? ? 
? PIXEL 3 'DECTRIS PILATUS 12M' ? ? ? ? 2023-05-25 ? ? ? 
# 
loop_
_diffrn_radiation.collimation 
_diffrn_radiation.diffrn_id 
_diffrn_radiation.filter_edge 
_diffrn_radiation.inhomogeneity 
_diffrn_radiation.monochromator 
_diffrn_radiation.polarisn_norm 
_diffrn_radiation.polarisn_ratio 
_diffrn_radiation.probe 
_diffrn_radiation.type 
_diffrn_radiation.xray_symbol 
_diffrn_radiation.wavelength_id 
_diffrn_radiation.pdbx_monochromatic_or_laue_m_l 
_diffrn_radiation.pdbx_wavelength_list 
_diffrn_radiation.pdbx_wavelength 
_diffrn_radiation.pdbx_diffrn_protocol 
_diffrn_radiation.pdbx_analyzer 
_diffrn_radiation.pdbx_scattering_type 
? 1 ? ? ? ? ? ? ? ? 1 M ? ? 'SINGLE WAVELENGTH' ? x-ray 
? 2 ? ? ? ? ? ? ? ? 2 M ? ? 'SINGLE WAVELENGTH' ? x-ray 
? 3 ? ? ? ? ? ? ? ? 3 M ? ? 'SINGLE WAVELENGTH' ? x-ray 
# 
loop_
_diffrn_radiation_wavelength.id 
_diffrn_radiation_wavelength.wavelength 
_diffrn_radiation_wavelength.wt 
1 1.2853 1.0 
2 1.2874 1.0 
3 1.3051 1.0 
# 
loop_
_diffrn_source.current 
_diffrn_source.details 
_diffrn_source.diffrn_id 
_diffrn_source.power 
_diffrn_source.size 
_diffrn_source.source 
_diffrn_source.target 
_diffrn_source.type 
_diffrn_source.voltage 
_diffrn_source.take-off_angle 
_diffrn_source.pdbx_wavelength_list 
_diffrn_source.pdbx_wavelength 
_diffrn_source.pdbx_synchrotron_beamline 
_diffrn_source.pdbx_synchrotron_site 
? ? 1 ? ? SYNCHROTRON ? 'DIAMOND BEAMLINE I23' ? ? 1.2853 ? I23 Diamond 
? ? 2 ? ? SYNCHROTRON ? 'DIAMOND BEAMLINE I23' ? ? 1.2874 ? I23 Diamond 
? ? 3 ? ? SYNCHROTRON ? 'DIAMOND BEAMLINE I23' ? ? 1.3051 ? I23 Diamond 
# 
loop_
_reflns.B_iso_Wilson_estimate 
_reflns.entry_id 
_reflns.data_reduction_details 
_reflns.data_reduction_method 
_reflns.d_resolution_high 
_reflns.d_resolution_low 
_reflns.details 
_reflns.limit_h_max 
_reflns.limit_h_min 
_reflns.limit_k_max 
_reflns.limit_k_min 
_reflns.limit_l_max 
_reflns.limit_l_min 
_reflns.number_all 
_reflns.number_obs 
_reflns.observed_criterion 
_reflns.observed_criterion_F_max 
_reflns.observed_criterion_F_min 
_reflns.observed_criterion_I_max 
_reflns.observed_criterion_I_min 
_reflns.observed_criterion_sigma_F 
_reflns.observed_criterion_sigma_I 
_reflns.percent_possible_obs 
_reflns.R_free_details 
_reflns.Rmerge_F_all 
_reflns.Rmerge_F_obs 
_reflns.Friedel_coverage 
_reflns.number_gt 
_reflns.threshold_expression 
_reflns.pdbx_redundancy 
_reflns.pdbx_netI_over_av_sigmaI 
_reflns.pdbx_netI_over_sigmaI 
_reflns.pdbx_res_netI_over_av_sigmaI_2 
_reflns.pdbx_res_netI_over_sigmaI_2 
_reflns.pdbx_chi_squared 
_reflns.pdbx_scaling_rejects 
_reflns.pdbx_d_res_high_opt 
_reflns.pdbx_d_res_low_opt 
_reflns.pdbx_d_res_opt_method 
_reflns.phase_calculation_details 
_reflns.pdbx_Rrim_I_all 
_reflns.pdbx_Rpim_I_all 
_reflns.pdbx_d_opt 
_reflns.pdbx_number_measured_all 
_reflns.pdbx_diffrn_id 
_reflns.pdbx_ordinal 
_reflns.pdbx_CC_half 
_reflns.pdbx_CC_star 
_reflns.pdbx_R_split 
_reflns.pdbx_Rmerge_I_obs 
_reflns.pdbx_Rmerge_I_all 
_reflns.pdbx_Rsym_value 
_reflns.pdbx_CC_split_method 
_reflns.pdbx_aniso_diffraction_limit_axis_1_ortho[1] 
_reflns.pdbx_aniso_diffraction_limit_axis_1_ortho[2] 
_reflns.pdbx_aniso_diffraction_limit_axis_1_ortho[3] 
_reflns.pdbx_aniso_diffraction_limit_axis_2_ortho[1] 
_reflns.pdbx_aniso_diffraction_limit_axis_2_ortho[2] 
_reflns.pdbx_aniso_diffraction_limit_axis_2_ortho[3] 
_reflns.pdbx_aniso_diffraction_limit_axis_3_ortho[1] 
_reflns.pdbx_aniso_diffraction_limit_axis_3_ortho[2] 
_reflns.pdbx_aniso_diffraction_limit_axis_3_ortho[3] 
_reflns.pdbx_aniso_diffraction_limit_1 
_reflns.pdbx_aniso_diffraction_limit_2 
_reflns.pdbx_aniso_diffraction_limit_3 
_reflns.pdbx_aniso_B_tensor_eigenvector_1_ortho[1] 
_reflns.pdbx_aniso_B_tensor_eigenvector_1_ortho[2] 
_reflns.pdbx_aniso_B_tensor_eigenvector_1_ortho[3] 
_reflns.pdbx_aniso_B_tensor_eigenvector_2_ortho[1] 
_reflns.pdbx_aniso_B_tensor_eigenvector_2_ortho[2] 
_reflns.pdbx_aniso_B_tensor_eigenvector_2_ortho[3] 
_reflns.pdbx_aniso_B_tensor_eigenvector_3_ortho[1] 
_reflns.pdbx_aniso_B_tensor_eigenvector_3_ortho[2] 
_reflns.pdbx_aniso_B_tensor_eigenvector_3_ortho[3] 
_reflns.pdbx_aniso_B_tensor_eigenvalue_1 
_reflns.pdbx_aniso_B_tensor_eigenvalue_2 
_reflns.pdbx_aniso_B_tensor_eigenvalue_3 
_reflns.pdbx_orthogonalization_convention 
_reflns.pdbx_percent_possible_ellipsoidal 
_reflns.pdbx_percent_possible_spherical 
_reflns.pdbx_percent_possible_ellipsoidal_anomalous 
_reflns.pdbx_percent_possible_spherical_anomalous 
_reflns.pdbx_redundancy_anomalous 
_reflns.pdbx_CC_half_anomalous 
_reflns.pdbx_absDiff_over_sigma_anomalous 
_reflns.pdbx_percent_possible_anomalous 
_reflns.pdbx_observed_signal_threshold 
_reflns.pdbx_signal_type 
_reflns.pdbx_signal_details 
_reflns.pdbx_signal_software_id 
? 9F5B ? ? 1.8 53.534 ? ? ? ? ? ? ? ? 19257 ? ? ? ? ? ? ? 100 ? ? ? ? ? ? 18.8 ? 18.4 ? ? ? ? ? ? ? ? 0.11 ? ? ? 1 1 1 ? ? ? ? ? ? 
? ? ? ? ? ? ? ? ? ? ? ? ? ? ? ? ? ? ? ? ? ? ? ? ? ? ? ? ? ? ? ? ? ? ? ? ? 
? 9F5B ? ? 1.8 53.534 ? ? ? ? ? ? ? ? 19257 ? ? ? ? ? ? ? 100 ? ? ? ? ? ? 18.8 ? 19.6 ? ? ? ? ? ? ? ? 0.09 ? ? ? 2 2 1 ? ? ? ? ? ? 
? ? ? ? ? ? ? ? ? ? ? ? ? ? ? ? ? ? ? ? ? ? ? ? ? ? ? ? ? ? ? ? ? ? ? ? ? 
? 9F5B ? ? 1.8 53.534 ? ? ? ? ? ? ? ? 19257 ? ? ? ? ? ? ? 100 ? ? ? ? ? ? 18.8 ? 21.1 ? ? ? ? ? ? ? ? 0.08 ? ? ? 3 3 1 ? ? ? ? ? ? 
? ? ? ? ? ? ? ? ? ? ? ? ? ? ? ? ? ? ? ? ? ? ? ? ? ? ? ? ? ? ? ? ? ? ? ? ? 
# 
loop_
_reflns_shell.d_res_high 
_reflns_shell.d_res_low 
_reflns_shell.meanI_over_sigI_all 
_reflns_shell.meanI_over_sigI_obs 
_reflns_shell.number_measured_all 
_reflns_shell.number_measured_obs 
_reflns_shell.number_possible 
_reflns_shell.number_unique_all 
_reflns_shell.number_unique_obs 
_reflns_shell.percent_possible_obs 
_reflns_shell.Rmerge_F_all 
_reflns_shell.Rmerge_F_obs 
_reflns_shell.meanI_over_sigI_gt 
_reflns_shell.meanI_over_uI_all 
_reflns_shell.meanI_over_uI_gt 
_reflns_shell.number_measured_gt 
_reflns_shell.number_unique_gt 
_reflns_shell.percent_possible_gt 
_reflns_shell.Rmerge_F_gt 
_reflns_shell.Rmerge_I_gt 
_reflns_shell.pdbx_redundancy 
_reflns_shell.pdbx_chi_squared 
_reflns_shell.pdbx_netI_over_sigmaI_all 
_reflns_shell.pdbx_netI_over_sigmaI_obs 
_reflns_shell.pdbx_Rrim_I_all 
_reflns_shell.pdbx_Rpim_I_all 
_reflns_shell.pdbx_rejects 
_reflns_shell.pdbx_ordinal 
_reflns_shell.pdbx_diffrn_id 
_reflns_shell.pdbx_CC_half 
_reflns_shell.pdbx_CC_star 
_reflns_shell.pdbx_R_split 
_reflns_shell.percent_possible_all 
_reflns_shell.Rmerge_I_all 
_reflns_shell.Rmerge_I_obs 
_reflns_shell.pdbx_Rsym_value 
_reflns_shell.pdbx_percent_possible_ellipsoidal 
_reflns_shell.pdbx_percent_possible_spherical 
_reflns_shell.pdbx_percent_possible_ellipsoidal_anomalous 
_reflns_shell.pdbx_percent_possible_spherical_anomalous 
_reflns_shell.pdbx_redundancy_anomalous 
_reflns_shell.pdbx_CC_half_anomalous 
_reflns_shell.pdbx_absDiff_over_sigma_anomalous 
_reflns_shell.pdbx_percent_possible_anomalous 
1.80 1.83 ? 0.5 ? ? ? ? 963 ? ? ? ? ? ? ? ? ? ? ? ? ? ? ? 3.08 ? ? 1 1 0.35 ? ? ? ? ? ? ? ? ? ? ? ? ? ? 
1.80 1.83 ? 0.7 ? ? ? ? 963 ? ? ? ? ? ? ? ? ? ? ? ? ? ? ? 2.45 ? ? 2 2 0.46 ? ? ? ? ? ? ? ? ? ? ? ? ? ? 
1.80 1.83 ? 0.7 ? ? ? ? 963 ? ? ? ? ? ? ? ? ? ? ? ? ? ? ? 0.08 ? ? 3 3 0.61 ? ? ? ? ? ? ? ? ? ? ? ? ? ? 
# 
_refine.aniso_B[1][1]                            -0.124 
_refine.aniso_B[1][2]                            -0.062 
_refine.aniso_B[1][3]                            0.000 
_refine.aniso_B[2][2]                            -0.124 
_refine.aniso_B[2][3]                            -0.000 
_refine.aniso_B[3][3]                            0.403 
_refine.B_iso_max                                ? 
_refine.B_iso_mean                               46.685 
_refine.B_iso_min                                ? 
_refine.correlation_coeff_Fo_to_Fc               0.965 
_refine.correlation_coeff_Fo_to_Fc_free          0.950 
_refine.details                                  'Hydrogens have not been used' 
_refine.diff_density_max                         ? 
_refine.diff_density_max_esd                     ? 
_refine.diff_density_min                         ? 
_refine.diff_density_min_esd                     ? 
_refine.diff_density_rms                         ? 
_refine.diff_density_rms_esd                     ? 
_refine.entry_id                                 9F5B 
_refine.pdbx_refine_id                           'X-RAY DIFFRACTION' 
_refine.ls_abs_structure_details                 ? 
_refine.ls_abs_structure_Flack                   ? 
_refine.ls_abs_structure_Flack_esd               ? 
_refine.ls_abs_structure_Rogers                  ? 
_refine.ls_abs_structure_Rogers_esd              ? 
_refine.ls_d_res_high                            1.800 
_refine.ls_d_res_low                             53.534 
_refine.ls_extinction_coef                       ? 
_refine.ls_extinction_coef_esd                   ? 
_refine.ls_extinction_expression                 ? 
_refine.ls_extinction_method                     ? 
_refine.ls_goodness_of_fit_all                   ? 
_refine.ls_goodness_of_fit_all_esd               ? 
_refine.ls_goodness_of_fit_obs                   ? 
_refine.ls_goodness_of_fit_obs_esd               ? 
_refine.ls_hydrogen_treatment                    ? 
_refine.ls_matrix_type                           ? 
_refine.ls_number_constraints                    ? 
_refine.ls_number_parameters                     ? 
_refine.ls_number_reflns_all                     ? 
_refine.ls_number_reflns_obs                     19198 
_refine.ls_number_reflns_R_free                  967 
_refine.ls_number_reflns_R_work                  18231 
_refine.ls_number_restraints                     ? 
_refine.ls_percent_reflns_obs                    99.720 
_refine.ls_percent_reflns_R_free                 5.037 
_refine.ls_R_factor_all                          0.200 
_refine.ls_R_factor_obs                          ? 
_refine.ls_R_factor_R_free                       0.2335 
_refine.ls_R_factor_R_free_error                 ? 
_refine.ls_R_factor_R_free_error_details         ? 
_refine.ls_R_factor_R_work                       0.1983 
_refine.ls_R_Fsqd_factor_obs                     ? 
_refine.ls_R_I_factor_obs                        ? 
_refine.ls_redundancy_reflns_all                 ? 
_refine.ls_redundancy_reflns_obs                 ? 
_refine.ls_restrained_S_all                      ? 
_refine.ls_restrained_S_obs                      ? 
_refine.ls_shift_over_esd_max                    ? 
_refine.ls_shift_over_esd_mean                   ? 
_refine.ls_structure_factor_coef                 ? 
_refine.ls_weighting_details                     ? 
_refine.ls_weighting_scheme                      ? 
_refine.ls_wR_factor_all                         ? 
_refine.ls_wR_factor_obs                         ? 
_refine.ls_wR_factor_R_free                      ? 
_refine.ls_wR_factor_R_work                      ? 
_refine.occupancy_max                            ? 
_refine.occupancy_min                            ? 
_refine.solvent_model_details                    'MASK BULK SOLVENT' 
_refine.solvent_model_param_bsol                 ? 
_refine.solvent_model_param_ksol                 ? 
_refine.pdbx_R_complete                          ? 
_refine.ls_R_factor_gt                           ? 
_refine.ls_goodness_of_fit_gt                    ? 
_refine.ls_goodness_of_fit_ref                   ? 
_refine.ls_shift_over_su_max                     ? 
_refine.ls_shift_over_su_max_lt                  ? 
_refine.ls_shift_over_su_mean                    ? 
_refine.ls_shift_over_su_mean_lt                 ? 
_refine.pdbx_ls_sigma_I                          ? 
_refine.pdbx_ls_sigma_F                          ? 
_refine.pdbx_ls_sigma_Fsqd                       ? 
_refine.pdbx_data_cutoff_high_absF               ? 
_refine.pdbx_data_cutoff_high_rms_absF           ? 
_refine.pdbx_data_cutoff_low_absF                ? 
_refine.pdbx_isotropic_thermal_model             ? 
_refine.pdbx_ls_cross_valid_method               THROUGHOUT 
_refine.pdbx_method_to_determine_struct          'MOLECULAR REPLACEMENT' 
_refine.pdbx_starting_model                      ? 
_refine.pdbx_stereochemistry_target_values       ? 
_refine.pdbx_R_Free_selection_details            ? 
_refine.pdbx_stereochem_target_val_spec_case     ? 
_refine.pdbx_overall_ESU_R                       0.122 
_refine.pdbx_overall_ESU_R_Free                  0.119 
_refine.pdbx_solvent_vdw_probe_radii             1.200 
_refine.pdbx_solvent_ion_probe_radii             0.800 
_refine.pdbx_solvent_shrinkage_radii             0.800 
_refine.pdbx_real_space_R                        ? 
_refine.pdbx_density_correlation                 ? 
_refine.pdbx_pd_number_of_powder_patterns        ? 
_refine.pdbx_pd_number_of_points                 ? 
_refine.pdbx_pd_meas_number_of_points            ? 
_refine.pdbx_pd_proc_ls_prof_R_factor            ? 
_refine.pdbx_pd_proc_ls_prof_wR_factor           ? 
_refine.pdbx_pd_Marquardt_correlation_coeff      ? 
_refine.pdbx_pd_Fsqrd_R_factor                   ? 
_refine.pdbx_pd_ls_matrix_band_width             ? 
_refine.pdbx_overall_phase_error                 ? 
_refine.pdbx_overall_SU_R_free_Cruickshank_DPI   ? 
_refine.pdbx_overall_SU_R_free_Blow_DPI          ? 
_refine.pdbx_overall_SU_R_Blow_DPI               ? 
_refine.pdbx_TLS_residual_ADP_flag               ? 
_refine.pdbx_diffrn_id                           1 
_refine.overall_SU_B                             4.222 
_refine.overall_SU_ML                            0.114 
_refine.overall_SU_R_Cruickshank_DPI             ? 
_refine.overall_SU_R_free                        ? 
_refine.overall_FOM_free_R_set                   ? 
_refine.overall_FOM_work_R_set                   ? 
_refine.pdbx_average_fsc_overall                 ? 
_refine.pdbx_average_fsc_work                    ? 
_refine.pdbx_average_fsc_free                    ? 
# 
_refine_hist.pdbx_refine_id                   'X-RAY DIFFRACTION' 
_refine_hist.cycle_id                         LAST 
_refine_hist.details                          ? 
_refine_hist.d_res_high                       1.800 
_refine_hist.d_res_low                        53.534 
_refine_hist.number_atoms_solvent             123 
_refine_hist.number_atoms_total               1400 
_refine_hist.number_reflns_all                ? 
_refine_hist.number_reflns_obs                ? 
_refine_hist.number_reflns_R_free             ? 
_refine_hist.number_reflns_R_work             ? 
_refine_hist.R_factor_all                     ? 
_refine_hist.R_factor_obs                     ? 
_refine_hist.R_factor_R_free                  ? 
_refine_hist.R_factor_R_work                  ? 
_refine_hist.pdbx_number_residues_total       ? 
_refine_hist.pdbx_B_iso_mean_ligand           ? 
_refine_hist.pdbx_B_iso_mean_solvent          ? 
_refine_hist.pdbx_number_atoms_protein        1273 
_refine_hist.pdbx_number_atoms_nucleic_acid   0 
_refine_hist.pdbx_number_atoms_ligand         4 
_refine_hist.pdbx_number_atoms_lipid          ? 
_refine_hist.pdbx_number_atoms_carb           ? 
_refine_hist.pdbx_pseudo_atom_details         ? 
# 
loop_
_refine_ls_restr.pdbx_refine_id 
_refine_ls_restr.criterion 
_refine_ls_restr.dev_ideal 
_refine_ls_restr.dev_ideal_target 
_refine_ls_restr.number 
_refine_ls_restr.rejects 
_refine_ls_restr.type 
_refine_ls_restr.weight 
_refine_ls_restr.pdbx_restraint_function 
'X-RAY DIFFRACTION' ? 0.008  0.012  1310 ? r_bond_refined_d               ? ? 
'X-RAY DIFFRACTION' ? 0.000  0.010  4747 ? r_ext_dist_refined_b           ? ? 
'X-RAY DIFFRACTION' ? 1.659  1.814  1762 ? r_angle_refined_deg            ? ? 
'X-RAY DIFFRACTION' ? 6.210  5.000  167  ? r_dihedral_angle_1_deg         ? ? 
'X-RAY DIFFRACTION' ? 3.868  5.000  13   ? r_dihedral_angle_2_deg         ? ? 
'X-RAY DIFFRACTION' ? 13.119 10.000 225  ? r_dihedral_angle_3_deg         ? ? 
'X-RAY DIFFRACTION' ? 17.259 10.000 63   ? r_dihedral_angle_6_deg         ? ? 
'X-RAY DIFFRACTION' ? 0.096  0.200  187  ? r_chiral_restr                 ? ? 
'X-RAY DIFFRACTION' ? 0.007  0.020  1002 ? r_gen_planes_refined           ? ? 
'X-RAY DIFFRACTION' ? 0.198  0.200  545  ? r_nbd_refined                  ? ? 
'X-RAY DIFFRACTION' ? 0.308  0.200  902  ? r_nbtor_refined                ? ? 
'X-RAY DIFFRACTION' ? 0.200  0.200  119  ? r_xyhbond_nbd_refined          ? ? 
'X-RAY DIFFRACTION' ? 0.131  0.200  12   ? r_metal_ion_refined            ? ? 
'X-RAY DIFFRACTION' ? 0.185  0.200  64   ? r_symmetry_nbd_refined         ? ? 
'X-RAY DIFFRACTION' ? 0.136  0.200  24   ? r_symmetry_xyhbond_nbd_refined ? ? 
'X-RAY DIFFRACTION' ? 4.305  4.366  665  ? r_mcbond_it                    ? ? 
'X-RAY DIFFRACTION' ? 5.707  7.786  827  ? r_mcangle_it                   ? ? 
'X-RAY DIFFRACTION' ? 5.982  4.858  645  ? r_scbond_it                    ? ? 
'X-RAY DIFFRACTION' ? 8.480  8.685  933  ? r_scangle_it                   ? ? 
'X-RAY DIFFRACTION' ? 10.091 67.180 5069 ? r_lrange_it                    ? ? 
# 
loop_
_refine_ls_shell.pdbx_refine_id 
_refine_ls_shell.d_res_high 
_refine_ls_shell.d_res_low 
_refine_ls_shell.number_reflns_all 
_refine_ls_shell.number_reflns_obs 
_refine_ls_shell.number_reflns_R_free 
_refine_ls_shell.number_reflns_R_work 
_refine_ls_shell.percent_reflns_obs 
_refine_ls_shell.percent_reflns_R_free 
_refine_ls_shell.R_factor_all 
_refine_ls_shell.R_factor_obs 
_refine_ls_shell.R_factor_R_free_error 
_refine_ls_shell.R_factor_R_work 
_refine_ls_shell.redundancy_reflns_all 
_refine_ls_shell.redundancy_reflns_obs 
_refine_ls_shell.wR_factor_all 
_refine_ls_shell.wR_factor_obs 
_refine_ls_shell.wR_factor_R_free 
_refine_ls_shell.wR_factor_R_work 
_refine_ls_shell.pdbx_R_complete 
_refine_ls_shell.pdbx_total_number_of_bins_used 
_refine_ls_shell.pdbx_phase_error 
_refine_ls_shell.pdbx_fsc_work 
_refine_ls_shell.pdbx_fsc_free 
_refine_ls_shell.R_factor_R_free 
'X-RAY DIFFRACTION' 1.800 1.847  1413 . 89 1318 99.5754  . 0.347 . . 0.347 . . . . . 0.355 . 20 . 0.898 0.880 0.356 
'X-RAY DIFFRACTION' 1.847 1.897  1373 . 79 1289 99.6358  . 0.327 . . 0.325 . . . . . 0.332 . 20 . 0.914 0.896 0.362 
'X-RAY DIFFRACTION' 1.897 1.952  1329 . 56 1265 99.3980  . 0.290 . . 0.289 . . . . . 0.289 . 20 . 0.933 0.915 0.309 
'X-RAY DIFFRACTION' 1.952 2.012  1305 . 68 1234 99.7701  . 0.271 . . 0.270 . . . . . 0.263 . 20 . 0.947 0.948 0.291 
'X-RAY DIFFRACTION' 2.012 2.078  1240 . 53 1178 99.2742  . 0.270 . . 0.268 . . . . . 0.254 . 20 . 0.947 0.936 0.307 
'X-RAY DIFFRACTION' 2.078 2.151  1227 . 59 1161 99.4295  . 0.263 . . 0.262 . . . . . 0.240 . 20 . 0.952 0.948 0.273 
'X-RAY DIFFRACTION' 2.151 2.232  1183 . 83 1097 99.7464  . 0.238 . . 0.236 . . . . . 0.210 . 20 . 0.963 0.952 0.267 
'X-RAY DIFFRACTION' 2.232 2.323  1126 . 62 1061 99.7336  . 0.218 . . 0.215 . . . . . 0.186 . 20 . 0.970 0.928 0.292 
'X-RAY DIFFRACTION' 2.323 2.426  1084 . 53 1026 99.5387  . 0.212 . . 0.210 . . . . . 0.176 . 20 . 0.971 0.953 0.262 
'X-RAY DIFFRACTION' 2.426 2.544  1047 . 40 1005 99.8090  . 0.205 . . 0.203 . . . . . 0.170 . 20 . 0.974 0.962 0.244 
'X-RAY DIFFRACTION' 2.544 2.681  1002 . 55 946  99.9002  . 0.210 . . 0.205 . . . . . 0.166 . 20 . 0.973 0.959 0.301 
'X-RAY DIFFRACTION' 2.681 2.844  930  . 45 884  99.8925  . 0.205 . . 0.204 . . . . . 0.174 . 20 . 0.975 0.974 0.217 
'X-RAY DIFFRACTION' 2.844 3.039  884  . 29 855  100.0000 . 0.199 . . 0.199 . . . . . 0.173 . 20 . 0.976 0.980 0.179 
'X-RAY DIFFRACTION' 3.039 3.282  827  . 42 785  100.0000 . 0.196 . . 0.197 . . . . . 0.174 . 20 . 0.978 0.978 0.179 
'X-RAY DIFFRACTION' 3.282 3.594  772  . 42 730  100.0000 . 0.184 . . 0.184 . . . . . 0.168 . 20 . 0.982 0.980 0.195 
'X-RAY DIFFRACTION' 3.594 4.016  684  . 30 654  100.0000 . 0.163 . . 0.162 . . . . . 0.152 . 20 . 0.984 0.971 0.199 
'X-RAY DIFFRACTION' 4.016 4.633  615  . 26 589  100.0000 . 0.147 . . 0.146 . . . . . 0.145 . 20 . 0.987 0.984 0.175 
'X-RAY DIFFRACTION' 4.633 5.663  536  . 21 515  100.0000 . 0.154 . . 0.152 . . . . . 0.152 . 20 . 0.987 0.977 0.221 
'X-RAY DIFFRACTION' 5.663 7.965  419  . 30 389  100.0000 . 0.218 . . 0.216 . . . . . 0.214 . 20 . 0.976 0.970 0.250 
'X-RAY DIFFRACTION' 7.965 53.534 253  . 5  248  100.0000 . 0.175 . . 0.175 . . . . . 0.195 . 20 . 0.971 0.968 0.191 
# 
_struct.entry_id                     9F5B 
_struct.title                        'Identification of zinc ions in LMO4.' 
_struct.pdbx_model_details           ? 
_struct.pdbx_formula_weight          ? 
_struct.pdbx_formula_weight_method   ? 
_struct.pdbx_model_type_details      ? 
_struct.pdbx_CASP_flag               N 
# 
_struct_keywords.entry_id        9F5B 
_struct_keywords.text            'Protease, HYDROLASE' 
_struct_keywords.pdbx_keywords   HYDROLASE 
# 
loop_
_struct_asym.id 
_struct_asym.pdbx_blank_PDB_chainid_flag 
_struct_asym.pdbx_modified 
_struct_asym.entity_id 
_struct_asym.details 
A N N 1 ? 
B N N 2 ? 
C N N 2 ? 
D N N 2 ? 
E N N 2 ? 
F N N 3 ? 
# 
loop_
_struct_ref.id 
_struct_ref.db_name 
_struct_ref.db_code 
_struct_ref.pdbx_db_accession 
_struct_ref.pdbx_db_isoform 
_struct_ref.entity_id 
_struct_ref.pdbx_seq_one_letter_code 
_struct_ref.pdbx_align_begin 
1 UNP LMO4_HUMAN P61968 ? 1 
;GSLSWKRCAGCGGKIADRFLLYAMDSYWHSRCLKCSCCQAQLGDIGTSCYTKSGMILCRNDYIRLFGNSGACSACGQSIP
ASELVMRAQGNVYHLKCFTCSTCRNRLVPGDRFHYINGSLFCEHDRPTALINGHLNS
;
16  
2 UNP LDB1_HUMAN Q86U70 ? 1 DVMVVGEPTLMGGEFGDEDERLITRLENTQFDAANGIDDE 336 
# 
loop_
_struct_ref_seq.align_id 
_struct_ref_seq.ref_id 
_struct_ref_seq.pdbx_PDB_id_code 
_struct_ref_seq.pdbx_strand_id 
_struct_ref_seq.seq_align_beg 
_struct_ref_seq.pdbx_seq_align_beg_ins_code 
_struct_ref_seq.seq_align_end 
_struct_ref_seq.pdbx_seq_align_end_ins_code 
_struct_ref_seq.pdbx_db_accession 
_struct_ref_seq.db_align_beg 
_struct_ref_seq.pdbx_db_align_beg_ins_code 
_struct_ref_seq.db_align_end 
_struct_ref_seq.pdbx_db_align_end_ins_code 
_struct_ref_seq.pdbx_auth_seq_align_beg 
_struct_ref_seq.pdbx_auth_seq_align_end 
1 1 9F5B A 1   ? 137 ? P61968 16  ? 152 ? 16  288 
2 2 9F5B A 149 ? 188 ? Q86U70 336 ? 375 ? 300 339 
# 
loop_
_struct_ref_seq_dif.align_id 
_struct_ref_seq_dif.pdbx_pdb_id_code 
_struct_ref_seq_dif.mon_id 
_struct_ref_seq_dif.pdbx_pdb_strand_id 
_struct_ref_seq_dif.seq_num 
_struct_ref_seq_dif.pdbx_pdb_ins_code 
_struct_ref_seq_dif.pdbx_seq_db_name 
_struct_ref_seq_dif.pdbx_seq_db_accession_code 
_struct_ref_seq_dif.db_mon_id 
_struct_ref_seq_dif.pdbx_seq_db_seq_num 
_struct_ref_seq_dif.details 
_struct_ref_seq_dif.pdbx_auth_seq_num 
_struct_ref_seq_dif.pdbx_ordinal 
1 9F5B SER A 37  ? UNP P61968 CYS 52 conflict 52  1  
1 9F5B SER A 49  ? UNP P61968 CYS 64 conflict 64  2  
1 9F5B GLY A 138 ? UNP P61968 ?   ?  linker   289 3  
1 9F5B GLY A 139 ? UNP P61968 ?   ?  linker   290 4  
1 9F5B SER A 140 ? UNP P61968 ?   ?  linker   291 5  
1 9F5B GLY A 141 ? UNP P61968 ?   ?  linker   292 6  
1 9F5B GLY A 142 ? UNP P61968 ?   ?  linker   293 7  
1 9F5B SER A 143 ? UNP P61968 ?   ?  linker   294 8  
1 9F5B GLY A 144 ? UNP P61968 ?   ?  linker   295 9  
1 9F5B GLY A 145 ? UNP P61968 ?   ?  linker   296 10 
1 9F5B SER A 146 ? UNP P61968 ?   ?  linker   297 11 
1 9F5B GLY A 147 ? UNP P61968 ?   ?  linker   298 12 
1 9F5B GLY A 148 ? UNP P61968 ?   ?  linker   299 13 
# 
_pdbx_struct_assembly.id                   1 
_pdbx_struct_assembly.details              author_and_software_defined_assembly 
_pdbx_struct_assembly.method_details       PISA 
_pdbx_struct_assembly.oligomeric_details   monomeric 
_pdbx_struct_assembly.oligomeric_count     1 
# 
loop_
_pdbx_struct_assembly_prop.biol_id 
_pdbx_struct_assembly_prop.type 
_pdbx_struct_assembly_prop.value 
_pdbx_struct_assembly_prop.details 
1 'ABSA (A^2)' 0     ? 
1 MORE         0     ? 
1 'SSA (A^2)'  10540 ? 
# 
_pdbx_struct_assembly_gen.assembly_id       1 
_pdbx_struct_assembly_gen.oper_expression   1 
_pdbx_struct_assembly_gen.asym_id_list      A,B,C,D,E,F 
# 
_pdbx_struct_assembly_auth_evidence.id                     1 
_pdbx_struct_assembly_auth_evidence.assembly_id            1 
_pdbx_struct_assembly_auth_evidence.experimental_support   none 
_pdbx_struct_assembly_auth_evidence.details                ? 
# 
_pdbx_struct_oper_list.id                   1 
_pdbx_struct_oper_list.type                 'identity operation' 
_pdbx_struct_oper_list.name                 1_555 
_pdbx_struct_oper_list.symmetry_operation   x,y,z 
_pdbx_struct_oper_list.matrix[1][1]         1.0000000000 
_pdbx_struct_oper_list.matrix[1][2]         0.0000000000 
_pdbx_struct_oper_list.matrix[1][3]         0.0000000000 
_pdbx_struct_oper_list.vector[1]            0.0000000000 
_pdbx_struct_oper_list.matrix[2][1]         0.0000000000 
_pdbx_struct_oper_list.matrix[2][2]         1.0000000000 
_pdbx_struct_oper_list.matrix[2][3]         0.0000000000 
_pdbx_struct_oper_list.vector[2]            0.0000000000 
_pdbx_struct_oper_list.matrix[3][1]         0.0000000000 
_pdbx_struct_oper_list.matrix[3][2]         0.0000000000 
_pdbx_struct_oper_list.matrix[3][3]         1.0000000000 
_pdbx_struct_oper_list.vector[3]            0.0000000000 
# 
loop_
_struct_conf.conf_type_id 
_struct_conf.id 
_struct_conf.pdbx_PDB_helix_id 
_struct_conf.beg_label_comp_id 
_struct_conf.beg_label_asym_id 
_struct_conf.beg_label_seq_id 
_struct_conf.pdbx_beg_PDB_ins_code 
_struct_conf.end_label_comp_id 
_struct_conf.end_label_asym_id 
_struct_conf.end_label_seq_id 
_struct_conf.pdbx_end_PDB_ins_code 
_struct_conf.beg_auth_comp_id 
_struct_conf.beg_auth_asym_id 
_struct_conf.beg_auth_seq_id 
_struct_conf.end_auth_comp_id 
_struct_conf.end_auth_asym_id 
_struct_conf.end_auth_seq_id 
_struct_conf.pdbx_PDB_helix_class 
_struct_conf.details 
_struct_conf.pdbx_PDB_helix_length 
HELX_P HELX_P1 AA1 HIS A 29  ? LEU A 33  ? HIS A 44  LEU A 48  5 ? 5  
HELX_P HELX_P2 AA2 GLN A 41  ? GLY A 46  ? GLN A 56  GLY A 61  1 ? 6  
HELX_P HELX_P3 AA3 CYS A 58  ? GLY A 67  ? CYS A 73  GLY A 82  1 ? 10 
HELX_P HELX_P4 AA4 HIS A 94  ? PHE A 98  ? HIS A 109 PHE A 113 5 ? 5  
HELX_P HELX_P5 AA5 HIS A 124 ? ARG A 126 ? HIS A 139 ARG A 141 5 ? 3  
HELX_P HELX_P6 AA6 PRO A 127 ? ASN A 132 ? PRO A 142 ASN A 147 1 ? 6  
# 
_struct_conf_type.id          HELX_P 
_struct_conf_type.criteria    ? 
_struct_conf_type.reference   ? 
# 
loop_
_struct_conn.id 
_struct_conn.conn_type_id 
_struct_conn.pdbx_leaving_atom_flag 
_struct_conn.pdbx_PDB_id 
_struct_conn.ptnr1_label_asym_id 
_struct_conn.ptnr1_label_comp_id 
_struct_conn.ptnr1_label_seq_id 
_struct_conn.ptnr1_label_atom_id 
_struct_conn.pdbx_ptnr1_label_alt_id 
_struct_conn.pdbx_ptnr1_PDB_ins_code 
_struct_conn.pdbx_ptnr1_standard_comp_id 
_struct_conn.ptnr1_symmetry 
_struct_conn.ptnr2_label_asym_id 
_struct_conn.ptnr2_label_comp_id 
_struct_conn.ptnr2_label_seq_id 
_struct_conn.ptnr2_label_atom_id 
_struct_conn.pdbx_ptnr2_label_alt_id 
_struct_conn.pdbx_ptnr2_PDB_ins_code 
_struct_conn.ptnr1_auth_asym_id 
_struct_conn.ptnr1_auth_comp_id 
_struct_conn.ptnr1_auth_seq_id 
_struct_conn.ptnr2_auth_asym_id 
_struct_conn.ptnr2_auth_comp_id 
_struct_conn.ptnr2_auth_seq_id 
_struct_conn.ptnr2_symmetry 
_struct_conn.pdbx_ptnr3_label_atom_id 
_struct_conn.pdbx_ptnr3_label_seq_id 
_struct_conn.pdbx_ptnr3_label_comp_id 
_struct_conn.pdbx_ptnr3_label_asym_id 
_struct_conn.pdbx_ptnr3_label_alt_id 
_struct_conn.pdbx_ptnr3_PDB_ins_code 
_struct_conn.details 
_struct_conn.pdbx_dist_value 
_struct_conn.pdbx_value_order 
_struct_conn.pdbx_role 
metalc1  metalc ? ? A CYS 8   SG  ? ? ? 1_555 B ZN . ZN ? ? A CYS 23  A ZN 400 1_555 ? ? ? ? ? ? ? 2.339 ? ? 
metalc2  metalc ? ? A CYS 11  SG  ? ? ? 1_555 B ZN . ZN ? ? A CYS 26  A ZN 400 1_555 ? ? ? ? ? ? ? 2.353 ? ? 
metalc3  metalc ? ? A HIS 29  ND1 ? ? ? 1_555 B ZN . ZN ? ? A HIS 44  A ZN 400 1_555 ? ? ? ? ? ? ? 2.217 ? ? 
metalc4  metalc ? ? A CYS 32  SG  ? ? ? 1_555 B ZN . ZN ? ? A CYS 47  A ZN 400 1_555 ? ? ? ? ? ? ? 2.246 ? ? 
metalc5  metalc ? ? A CYS 35  SG  ? ? ? 1_555 C ZN . ZN ? ? A CYS 50  A ZN 401 1_555 ? ? ? ? ? ? ? 2.363 ? ? 
metalc6  metalc ? ? A CYS 38  SG  ? ? ? 1_555 C ZN . ZN ? ? A CYS 53  A ZN 401 1_555 ? ? ? ? ? ? ? 2.272 ? ? 
metalc7  metalc ? ? A CYS 58  SG  ? ? ? 1_555 C ZN . ZN ? ? A CYS 73  A ZN 401 1_555 ? ? ? ? ? ? ? 2.304 ? ? 
metalc8  metalc ? ? A ASP 61  OD2 ? ? ? 1_555 C ZN . ZN ? ? A ASP 76  A ZN 401 1_555 ? ? ? ? ? ? ? 2.015 ? ? 
metalc9  metalc ? ? A CYS 72  SG  ? ? ? 1_555 E ZN . ZN ? ? A CYS 87  A ZN 403 1_555 ? ? ? ? ? ? ? 2.420 ? ? 
metalc10 metalc ? ? A CYS 75  SG  ? ? ? 1_555 E ZN . ZN ? ? A CYS 90  A ZN 403 1_555 ? ? ? ? ? ? ? 2.329 ? ? 
metalc11 metalc ? ? A HIS 94  ND1 ? ? ? 1_555 E ZN . ZN ? ? A HIS 109 A ZN 403 1_555 ? ? ? ? ? ? ? 2.254 ? ? 
metalc12 metalc ? ? A CYS 97  SG  ? ? ? 1_555 E ZN . ZN ? ? A CYS 112 A ZN 403 1_555 ? ? ? ? ? ? ? 2.257 ? ? 
metalc13 metalc ? ? A CYS 100 SG  ? ? ? 1_555 D ZN . ZN ? ? A CYS 115 A ZN 402 1_555 ? ? ? ? ? ? ? 2.444 ? ? 
metalc14 metalc ? ? A CYS 103 SG  ? ? ? 1_555 D ZN . ZN ? ? A CYS 118 A ZN 402 1_555 ? ? ? ? ? ? ? 2.265 ? ? 
metalc15 metalc ? ? A CYS 122 SG  ? ? ? 1_555 D ZN . ZN ? ? A CYS 137 A ZN 402 1_555 ? ? ? ? ? ? ? 2.297 ? ? 
metalc16 metalc ? ? A ASP 125 OD2 ? ? ? 1_555 D ZN . ZN ? ? A ASP 140 A ZN 402 1_555 ? ? ? ? ? ? ? 2.106 ? ? 
# 
_struct_conn_type.id          metalc 
_struct_conn_type.criteria    ? 
_struct_conn_type.reference   ? 
# 
loop_
_pdbx_struct_conn_angle.id 
_pdbx_struct_conn_angle.ptnr1_label_atom_id 
_pdbx_struct_conn_angle.ptnr1_label_alt_id 
_pdbx_struct_conn_angle.ptnr1_label_asym_id 
_pdbx_struct_conn_angle.ptnr1_label_comp_id 
_pdbx_struct_conn_angle.ptnr1_label_seq_id 
_pdbx_struct_conn_angle.ptnr1_auth_atom_id 
_pdbx_struct_conn_angle.ptnr1_auth_asym_id 
_pdbx_struct_conn_angle.ptnr1_auth_comp_id 
_pdbx_struct_conn_angle.ptnr1_auth_seq_id 
_pdbx_struct_conn_angle.ptnr1_PDB_ins_code 
_pdbx_struct_conn_angle.ptnr1_symmetry 
_pdbx_struct_conn_angle.ptnr2_label_atom_id 
_pdbx_struct_conn_angle.ptnr2_label_alt_id 
_pdbx_struct_conn_angle.ptnr2_label_asym_id 
_pdbx_struct_conn_angle.ptnr2_label_comp_id 
_pdbx_struct_conn_angle.ptnr2_label_seq_id 
_pdbx_struct_conn_angle.ptnr2_auth_atom_id 
_pdbx_struct_conn_angle.ptnr2_auth_asym_id 
_pdbx_struct_conn_angle.ptnr2_auth_comp_id 
_pdbx_struct_conn_angle.ptnr2_auth_seq_id 
_pdbx_struct_conn_angle.ptnr2_PDB_ins_code 
_pdbx_struct_conn_angle.ptnr2_symmetry 
_pdbx_struct_conn_angle.ptnr3_label_atom_id 
_pdbx_struct_conn_angle.ptnr3_label_alt_id 
_pdbx_struct_conn_angle.ptnr3_label_asym_id 
_pdbx_struct_conn_angle.ptnr3_label_comp_id 
_pdbx_struct_conn_angle.ptnr3_label_seq_id 
_pdbx_struct_conn_angle.ptnr3_auth_atom_id 
_pdbx_struct_conn_angle.ptnr3_auth_asym_id 
_pdbx_struct_conn_angle.ptnr3_auth_comp_id 
_pdbx_struct_conn_angle.ptnr3_auth_seq_id 
_pdbx_struct_conn_angle.ptnr3_PDB_ins_code 
_pdbx_struct_conn_angle.ptnr3_symmetry 
_pdbx_struct_conn_angle.value 
_pdbx_struct_conn_angle.value_esd 
1  SG  ? A CYS 8   ? A CYS 23  ? 1_555 ZN ? B ZN . ? A ZN 400 ? 1_555 SG  ? A CYS 11  ? A CYS 26  ? 1_555 112.0 ? 
2  SG  ? A CYS 8   ? A CYS 23  ? 1_555 ZN ? B ZN . ? A ZN 400 ? 1_555 ND1 ? A HIS 29  ? A HIS 44  ? 1_555 103.7 ? 
3  SG  ? A CYS 11  ? A CYS 26  ? 1_555 ZN ? B ZN . ? A ZN 400 ? 1_555 ND1 ? A HIS 29  ? A HIS 44  ? 1_555 101.0 ? 
4  SG  ? A CYS 8   ? A CYS 23  ? 1_555 ZN ? B ZN . ? A ZN 400 ? 1_555 SG  ? A CYS 32  ? A CYS 47  ? 1_555 111.4 ? 
5  SG  ? A CYS 11  ? A CYS 26  ? 1_555 ZN ? B ZN . ? A ZN 400 ? 1_555 SG  ? A CYS 32  ? A CYS 47  ? 1_555 114.1 ? 
6  ND1 ? A HIS 29  ? A HIS 44  ? 1_555 ZN ? B ZN . ? A ZN 400 ? 1_555 SG  ? A CYS 32  ? A CYS 47  ? 1_555 113.8 ? 
7  SG  ? A CYS 35  ? A CYS 50  ? 1_555 ZN ? C ZN . ? A ZN 401 ? 1_555 SG  ? A CYS 38  ? A CYS 53  ? 1_555 108.7 ? 
8  SG  ? A CYS 35  ? A CYS 50  ? 1_555 ZN ? C ZN . ? A ZN 401 ? 1_555 SG  ? A CYS 58  ? A CYS 73  ? 1_555 115.2 ? 
9  SG  ? A CYS 38  ? A CYS 53  ? 1_555 ZN ? C ZN . ? A ZN 401 ? 1_555 SG  ? A CYS 58  ? A CYS 73  ? 1_555 118.7 ? 
10 SG  ? A CYS 35  ? A CYS 50  ? 1_555 ZN ? C ZN . ? A ZN 401 ? 1_555 OD2 ? A ASP 61  ? A ASP 76  ? 1_555 109.8 ? 
11 SG  ? A CYS 38  ? A CYS 53  ? 1_555 ZN ? C ZN . ? A ZN 401 ? 1_555 OD2 ? A ASP 61  ? A ASP 76  ? 1_555 103.2 ? 
12 SG  ? A CYS 58  ? A CYS 73  ? 1_555 ZN ? C ZN . ? A ZN 401 ? 1_555 OD2 ? A ASP 61  ? A ASP 76  ? 1_555 99.8  ? 
13 SG  ? A CYS 72  ? A CYS 87  ? 1_555 ZN ? E ZN . ? A ZN 403 ? 1_555 SG  ? A CYS 75  ? A CYS 90  ? 1_555 107.5 ? 
14 SG  ? A CYS 72  ? A CYS 87  ? 1_555 ZN ? E ZN . ? A ZN 403 ? 1_555 ND1 ? A HIS 94  ? A HIS 109 ? 1_555 96.8  ? 
15 SG  ? A CYS 75  ? A CYS 90  ? 1_555 ZN ? E ZN . ? A ZN 403 ? 1_555 ND1 ? A HIS 94  ? A HIS 109 ? 1_555 92.3  ? 
16 SG  ? A CYS 72  ? A CYS 87  ? 1_555 ZN ? E ZN . ? A ZN 403 ? 1_555 SG  ? A CYS 97  ? A CYS 112 ? 1_555 118.3 ? 
17 SG  ? A CYS 75  ? A CYS 90  ? 1_555 ZN ? E ZN . ? A ZN 403 ? 1_555 SG  ? A CYS 97  ? A CYS 112 ? 1_555 118.9 ? 
18 ND1 ? A HIS 94  ? A HIS 109 ? 1_555 ZN ? E ZN . ? A ZN 403 ? 1_555 SG  ? A CYS 97  ? A CYS 112 ? 1_555 118.3 ? 
19 SG  ? A CYS 100 ? A CYS 115 ? 1_555 ZN ? D ZN . ? A ZN 402 ? 1_555 SG  ? A CYS 103 ? A CYS 118 ? 1_555 106.2 ? 
20 SG  ? A CYS 100 ? A CYS 115 ? 1_555 ZN ? D ZN . ? A ZN 402 ? 1_555 SG  ? A CYS 122 ? A CYS 137 ? 1_555 116.0 ? 
21 SG  ? A CYS 103 ? A CYS 118 ? 1_555 ZN ? D ZN . ? A ZN 402 ? 1_555 SG  ? A CYS 122 ? A CYS 137 ? 1_555 122.9 ? 
22 SG  ? A CYS 100 ? A CYS 115 ? 1_555 ZN ? D ZN . ? A ZN 402 ? 1_555 OD2 ? A ASP 125 ? A ASP 140 ? 1_555 99.4  ? 
23 SG  ? A CYS 103 ? A CYS 118 ? 1_555 ZN ? D ZN . ? A ZN 402 ? 1_555 OD2 ? A ASP 125 ? A ASP 140 ? 1_555 101.6 ? 
24 SG  ? A CYS 122 ? A CYS 137 ? 1_555 ZN ? D ZN . ? A ZN 402 ? 1_555 OD2 ? A ASP 125 ? A ASP 140 ? 1_555 107.1 ? 
# 
loop_
_struct_sheet.id 
_struct_sheet.type 
_struct_sheet.number_strands 
_struct_sheet.details 
AA1 ? 4 ? 
AA2 ? 3 ? 
AA3 ? 2 ? 
AA4 ? 3 ? 
AA5 ? 3 ? 
# 
loop_
_struct_sheet_order.sheet_id 
_struct_sheet_order.range_id_1 
_struct_sheet_order.range_id_2 
_struct_sheet_order.offset 
_struct_sheet_order.sense 
AA1 1 2 ? anti-parallel 
AA1 2 3 ? anti-parallel 
AA1 3 4 ? anti-parallel 
AA2 1 2 ? anti-parallel 
AA2 2 3 ? anti-parallel 
AA3 1 2 ? anti-parallel 
AA4 1 2 ? anti-parallel 
AA4 2 3 ? anti-parallel 
AA5 1 2 ? anti-parallel 
AA5 2 3 ? anti-parallel 
# 
loop_
_struct_sheet_range.sheet_id 
_struct_sheet_range.id 
_struct_sheet_range.beg_label_comp_id 
_struct_sheet_range.beg_label_asym_id 
_struct_sheet_range.beg_label_seq_id 
_struct_sheet_range.pdbx_beg_PDB_ins_code 
_struct_sheet_range.end_label_comp_id 
_struct_sheet_range.end_label_asym_id 
_struct_sheet_range.end_label_seq_id 
_struct_sheet_range.pdbx_end_PDB_ins_code 
_struct_sheet_range.beg_auth_comp_id 
_struct_sheet_range.beg_auth_asym_id 
_struct_sheet_range.beg_auth_seq_id 
_struct_sheet_range.end_auth_comp_id 
_struct_sheet_range.end_auth_asym_id 
_struct_sheet_range.end_auth_seq_id 
AA1 1 SER A 26  ? TRP A 28  ? SER A 41  TRP A 43  
AA1 2 PHE A 19  ? ALA A 23  ? PHE A 34  ALA A 38  
AA1 3 THR A 172 ? GLU A 175 ? THR A 323 GLU A 326 
AA1 4 ASP A 186 ? ASP A 187 ? ASP A 337 ASP A 338 
AA2 1 MET A 55  ? LEU A 57  ? MET A 70  LEU A 72  
AA2 2 SER A 48  ? LYS A 52  ? SER A 63  LYS A 67  
AA2 3 GLU A 168 ? LEU A 170 ? GLU A 319 LEU A 321 
AA3 1 GLY A 70  ? ALA A 71  ? GLY A 85  ALA A 86  
AA3 2 SER A 78  ? ILE A 79  ? SER A 93  ILE A 94  
AA4 1 ASN A 91  ? TYR A 93  ? ASN A 106 TYR A 108 
AA4 2 LEU A 84  ? ALA A 88  ? LEU A 99  ALA A 103 
AA4 3 THR A 157 ? LEU A 158 ? THR A 308 LEU A 309 
AA5 1 SER A 119 ? CYS A 122 ? SER A 134 CYS A 137 
AA5 2 ARG A 112 ? ILE A 116 ? ARG A 127 ILE A 131 
AA5 3 MET A 151 ? VAL A 152 ? MET A 302 VAL A 303 
# 
loop_
_pdbx_struct_sheet_hbond.sheet_id 
_pdbx_struct_sheet_hbond.range_id_1 
_pdbx_struct_sheet_hbond.range_id_2 
_pdbx_struct_sheet_hbond.range_1_label_atom_id 
_pdbx_struct_sheet_hbond.range_1_label_comp_id 
_pdbx_struct_sheet_hbond.range_1_label_asym_id 
_pdbx_struct_sheet_hbond.range_1_label_seq_id 
_pdbx_struct_sheet_hbond.range_1_PDB_ins_code 
_pdbx_struct_sheet_hbond.range_1_auth_atom_id 
_pdbx_struct_sheet_hbond.range_1_auth_comp_id 
_pdbx_struct_sheet_hbond.range_1_auth_asym_id 
_pdbx_struct_sheet_hbond.range_1_auth_seq_id 
_pdbx_struct_sheet_hbond.range_2_label_atom_id 
_pdbx_struct_sheet_hbond.range_2_label_comp_id 
_pdbx_struct_sheet_hbond.range_2_label_asym_id 
_pdbx_struct_sheet_hbond.range_2_label_seq_id 
_pdbx_struct_sheet_hbond.range_2_PDB_ins_code 
_pdbx_struct_sheet_hbond.range_2_auth_atom_id 
_pdbx_struct_sheet_hbond.range_2_auth_comp_id 
_pdbx_struct_sheet_hbond.range_2_auth_asym_id 
_pdbx_struct_sheet_hbond.range_2_auth_seq_id 
AA1 1 2 O SER A 26  ? O SER A 41  N ALA A 23  ? N ALA A 38  
AA1 2 3 N LEU A 20  ? N LEU A 35  O LEU A 174 ? O LEU A 325 
AA1 3 4 N GLU A 175 ? N GLU A 326 O ASP A 186 ? O ASP A 337 
AA2 1 2 O LEU A 57  ? O LEU A 72  N TYR A 50  ? N TYR A 65  
AA2 2 3 N SER A 49  ? N SER A 64  O ARG A 169 ? O ARG A 320 
AA3 1 2 N GLY A 70  ? N GLY A 85  O ILE A 79  ? O ILE A 94  
AA4 1 2 O ASN A 91  ? O ASN A 106 N ALA A 88  ? N ALA A 103 
AA4 2 3 N VAL A 85  ? N VAL A 100 O THR A 157 ? O THR A 308 
AA5 1 2 O PHE A 121 ? O PHE A 136 N HIS A 114 ? N HIS A 129 
AA5 2 3 N PHE A 113 ? N PHE A 128 O MET A 151 ? O MET A 302 
# 
_pdbx_entry_details.entry_id                   9F5B 
_pdbx_entry_details.has_ligand_of_interest     N 
_pdbx_entry_details.compound_details           ? 
_pdbx_entry_details.source_details             ? 
_pdbx_entry_details.nonpolymer_details         ? 
_pdbx_entry_details.sequence_details           ? 
_pdbx_entry_details.has_protein_modification   N 
# 
loop_
_pdbx_validate_close_contact.id 
_pdbx_validate_close_contact.PDB_model_num 
_pdbx_validate_close_contact.auth_atom_id_1 
_pdbx_validate_close_contact.auth_asym_id_1 
_pdbx_validate_close_contact.auth_comp_id_1 
_pdbx_validate_close_contact.auth_seq_id_1 
_pdbx_validate_close_contact.PDB_ins_code_1 
_pdbx_validate_close_contact.label_alt_id_1 
_pdbx_validate_close_contact.auth_atom_id_2 
_pdbx_validate_close_contact.auth_asym_id_2 
_pdbx_validate_close_contact.auth_comp_id_2 
_pdbx_validate_close_contact.auth_seq_id_2 
_pdbx_validate_close_contact.PDB_ins_code_2 
_pdbx_validate_close_contact.label_alt_id_2 
_pdbx_validate_close_contact.dist 
1 1 O   A HOH 601 ? ? O A HOH 611 ? ? 2.01 
2 1 OD1 A ASP 40  ? ? O A HOH 501 ? ? 2.14 
3 1 O   A HOH 604 ? ? O A HOH 607 ? ? 2.18 
# 
loop_
_pdbx_struct_special_symmetry.id 
_pdbx_struct_special_symmetry.PDB_model_num 
_pdbx_struct_special_symmetry.auth_asym_id 
_pdbx_struct_special_symmetry.auth_comp_id 
_pdbx_struct_special_symmetry.auth_seq_id 
_pdbx_struct_special_symmetry.PDB_ins_code 
_pdbx_struct_special_symmetry.label_asym_id 
_pdbx_struct_special_symmetry.label_comp_id 
_pdbx_struct_special_symmetry.label_seq_id 
1 1 A HOH 598 ? F HOH . 
2 1 A HOH 618 ? F HOH . 
# 
loop_
_pdbx_unobs_or_zero_occ_residues.id 
_pdbx_unobs_or_zero_occ_residues.PDB_model_num 
_pdbx_unobs_or_zero_occ_residues.polymer_flag 
_pdbx_unobs_or_zero_occ_residues.occupancy_flag 
_pdbx_unobs_or_zero_occ_residues.auth_asym_id 
_pdbx_unobs_or_zero_occ_residues.auth_comp_id 
_pdbx_unobs_or_zero_occ_residues.auth_seq_id 
_pdbx_unobs_or_zero_occ_residues.PDB_ins_code 
_pdbx_unobs_or_zero_occ_residues.label_asym_id 
_pdbx_unobs_or_zero_occ_residues.label_comp_id 
_pdbx_unobs_or_zero_occ_residues.label_seq_id 
1  1 Y 1 A GLY 16  ? A GLY 1   
2  1 Y 1 A SER 17  ? A SER 2   
3  1 Y 1 A LEU 18  ? A LEU 3   
4  1 Y 1 A GLY 284 ? A GLY 133 
5  1 Y 1 A HIS 285 ? A HIS 134 
6  1 Y 1 A LEU 286 ? A LEU 135 
7  1 Y 1 A ASN 287 ? A ASN 136 
8  1 Y 1 A SER 288 ? A SER 137 
9  1 Y 1 A GLY 289 ? A GLY 138 
10 1 Y 1 A GLY 290 ? A GLY 139 
11 1 Y 1 A SER 291 ? A SER 140 
12 1 Y 1 A GLY 292 ? A GLY 141 
13 1 Y 1 A GLY 293 ? A GLY 142 
14 1 Y 1 A SER 294 ? A SER 143 
15 1 Y 1 A GLY 295 ? A GLY 144 
16 1 Y 1 A GLY 296 ? A GLY 145 
17 1 Y 1 A PHE 330 ? A PHE 179 
18 1 Y 1 A ASP 331 ? A ASP 180 
19 1 Y 1 A ALA 332 ? A ALA 181 
20 1 Y 1 A ALA 333 ? A ALA 182 
21 1 Y 1 A ASN 334 ? A ASN 183 
22 1 Y 1 A GLY 335 ? A GLY 184 
# 
loop_
_chem_comp_atom.comp_id 
_chem_comp_atom.atom_id 
_chem_comp_atom.type_symbol 
_chem_comp_atom.pdbx_aromatic_flag 
_chem_comp_atom.pdbx_stereo_config 
_chem_comp_atom.pdbx_ordinal 
ALA N    N  N N 1   
ALA CA   C  N S 2   
ALA C    C  N N 3   
ALA O    O  N N 4   
ALA CB   C  N N 5   
ALA OXT  O  N N 6   
ALA H    H  N N 7   
ALA H2   H  N N 8   
ALA HA   H  N N 9   
ALA HB1  H  N N 10  
ALA HB2  H  N N 11  
ALA HB3  H  N N 12  
ALA HXT  H  N N 13  
ARG N    N  N N 14  
ARG CA   C  N S 15  
ARG C    C  N N 16  
ARG O    O  N N 17  
ARG CB   C  N N 18  
ARG CG   C  N N 19  
ARG CD   C  N N 20  
ARG NE   N  N N 21  
ARG CZ   C  N N 22  
ARG NH1  N  N N 23  
ARG NH2  N  N N 24  
ARG OXT  O  N N 25  
ARG H    H  N N 26  
ARG H2   H  N N 27  
ARG HA   H  N N 28  
ARG HB2  H  N N 29  
ARG HB3  H  N N 30  
ARG HG2  H  N N 31  
ARG HG3  H  N N 32  
ARG HD2  H  N N 33  
ARG HD3  H  N N 34  
ARG HE   H  N N 35  
ARG HH11 H  N N 36  
ARG HH12 H  N N 37  
ARG HH21 H  N N 38  
ARG HH22 H  N N 39  
ARG HXT  H  N N 40  
ASN N    N  N N 41  
ASN CA   C  N S 42  
ASN C    C  N N 43  
ASN O    O  N N 44  
ASN CB   C  N N 45  
ASN CG   C  N N 46  
ASN OD1  O  N N 47  
ASN ND2  N  N N 48  
ASN OXT  O  N N 49  
ASN H    H  N N 50  
ASN H2   H  N N 51  
ASN HA   H  N N 52  
ASN HB2  H  N N 53  
ASN HB3  H  N N 54  
ASN HD21 H  N N 55  
ASN HD22 H  N N 56  
ASN HXT  H  N N 57  
ASP N    N  N N 58  
ASP CA   C  N S 59  
ASP C    C  N N 60  
ASP O    O  N N 61  
ASP CB   C  N N 62  
ASP CG   C  N N 63  
ASP OD1  O  N N 64  
ASP OD2  O  N N 65  
ASP OXT  O  N N 66  
ASP H    H  N N 67  
ASP H2   H  N N 68  
ASP HA   H  N N 69  
ASP HB2  H  N N 70  
ASP HB3  H  N N 71  
ASP HD2  H  N N 72  
ASP HXT  H  N N 73  
CYS N    N  N N 74  
CYS CA   C  N R 75  
CYS C    C  N N 76  
CYS O    O  N N 77  
CYS CB   C  N N 78  
CYS SG   S  N N 79  
CYS OXT  O  N N 80  
CYS H    H  N N 81  
CYS H2   H  N N 82  
CYS HA   H  N N 83  
CYS HB2  H  N N 84  
CYS HB3  H  N N 85  
CYS HG   H  N N 86  
CYS HXT  H  N N 87  
GLN N    N  N N 88  
GLN CA   C  N S 89  
GLN C    C  N N 90  
GLN O    O  N N 91  
GLN CB   C  N N 92  
GLN CG   C  N N 93  
GLN CD   C  N N 94  
GLN OE1  O  N N 95  
GLN NE2  N  N N 96  
GLN OXT  O  N N 97  
GLN H    H  N N 98  
GLN H2   H  N N 99  
GLN HA   H  N N 100 
GLN HB2  H  N N 101 
GLN HB3  H  N N 102 
GLN HG2  H  N N 103 
GLN HG3  H  N N 104 
GLN HE21 H  N N 105 
GLN HE22 H  N N 106 
GLN HXT  H  N N 107 
GLU N    N  N N 108 
GLU CA   C  N S 109 
GLU C    C  N N 110 
GLU O    O  N N 111 
GLU CB   C  N N 112 
GLU CG   C  N N 113 
GLU CD   C  N N 114 
GLU OE1  O  N N 115 
GLU OE2  O  N N 116 
GLU OXT  O  N N 117 
GLU H    H  N N 118 
GLU H2   H  N N 119 
GLU HA   H  N N 120 
GLU HB2  H  N N 121 
GLU HB3  H  N N 122 
GLU HG2  H  N N 123 
GLU HG3  H  N N 124 
GLU HE2  H  N N 125 
GLU HXT  H  N N 126 
GLY N    N  N N 127 
GLY CA   C  N N 128 
GLY C    C  N N 129 
GLY O    O  N N 130 
GLY OXT  O  N N 131 
GLY H    H  N N 132 
GLY H2   H  N N 133 
GLY HA2  H  N N 134 
GLY HA3  H  N N 135 
GLY HXT  H  N N 136 
HIS N    N  N N 137 
HIS CA   C  N S 138 
HIS C    C  N N 139 
HIS O    O  N N 140 
HIS CB   C  N N 141 
HIS CG   C  Y N 142 
HIS ND1  N  Y N 143 
HIS CD2  C  Y N 144 
HIS CE1  C  Y N 145 
HIS NE2  N  Y N 146 
HIS OXT  O  N N 147 
HIS H    H  N N 148 
HIS H2   H  N N 149 
HIS HA   H  N N 150 
HIS HB2  H  N N 151 
HIS HB3  H  N N 152 
HIS HD1  H  N N 153 
HIS HD2  H  N N 154 
HIS HE1  H  N N 155 
HIS HE2  H  N N 156 
HIS HXT  H  N N 157 
HOH O    O  N N 158 
HOH H1   H  N N 159 
HOH H2   H  N N 160 
ILE N    N  N N 161 
ILE CA   C  N S 162 
ILE C    C  N N 163 
ILE O    O  N N 164 
ILE CB   C  N S 165 
ILE CG1  C  N N 166 
ILE CG2  C  N N 167 
ILE CD1  C  N N 168 
ILE OXT  O  N N 169 
ILE H    H  N N 170 
ILE H2   H  N N 171 
ILE HA   H  N N 172 
ILE HB   H  N N 173 
ILE HG12 H  N N 174 
ILE HG13 H  N N 175 
ILE HG21 H  N N 176 
ILE HG22 H  N N 177 
ILE HG23 H  N N 178 
ILE HD11 H  N N 179 
ILE HD12 H  N N 180 
ILE HD13 H  N N 181 
ILE HXT  H  N N 182 
LEU N    N  N N 183 
LEU CA   C  N S 184 
LEU C    C  N N 185 
LEU O    O  N N 186 
LEU CB   C  N N 187 
LEU CG   C  N N 188 
LEU CD1  C  N N 189 
LEU CD2  C  N N 190 
LEU OXT  O  N N 191 
LEU H    H  N N 192 
LEU H2   H  N N 193 
LEU HA   H  N N 194 
LEU HB2  H  N N 195 
LEU HB3  H  N N 196 
LEU HG   H  N N 197 
LEU HD11 H  N N 198 
LEU HD12 H  N N 199 
LEU HD13 H  N N 200 
LEU HD21 H  N N 201 
LEU HD22 H  N N 202 
LEU HD23 H  N N 203 
LEU HXT  H  N N 204 
LYS N    N  N N 205 
LYS CA   C  N S 206 
LYS C    C  N N 207 
LYS O    O  N N 208 
LYS CB   C  N N 209 
LYS CG   C  N N 210 
LYS CD   C  N N 211 
LYS CE   C  N N 212 
LYS NZ   N  N N 213 
LYS OXT  O  N N 214 
LYS H    H  N N 215 
LYS H2   H  N N 216 
LYS HA   H  N N 217 
LYS HB2  H  N N 218 
LYS HB3  H  N N 219 
LYS HG2  H  N N 220 
LYS HG3  H  N N 221 
LYS HD2  H  N N 222 
LYS HD3  H  N N 223 
LYS HE2  H  N N 224 
LYS HE3  H  N N 225 
LYS HZ1  H  N N 226 
LYS HZ2  H  N N 227 
LYS HZ3  H  N N 228 
LYS HXT  H  N N 229 
MET N    N  N N 230 
MET CA   C  N S 231 
MET C    C  N N 232 
MET O    O  N N 233 
MET CB   C  N N 234 
MET CG   C  N N 235 
MET SD   S  N N 236 
MET CE   C  N N 237 
MET OXT  O  N N 238 
MET H    H  N N 239 
MET H2   H  N N 240 
MET HA   H  N N 241 
MET HB2  H  N N 242 
MET HB3  H  N N 243 
MET HG2  H  N N 244 
MET HG3  H  N N 245 
MET HE1  H  N N 246 
MET HE2  H  N N 247 
MET HE3  H  N N 248 
MET HXT  H  N N 249 
PHE N    N  N N 250 
PHE CA   C  N S 251 
PHE C    C  N N 252 
PHE O    O  N N 253 
PHE CB   C  N N 254 
PHE CG   C  Y N 255 
PHE CD1  C  Y N 256 
PHE CD2  C  Y N 257 
PHE CE1  C  Y N 258 
PHE CE2  C  Y N 259 
PHE CZ   C  Y N 260 
PHE OXT  O  N N 261 
PHE H    H  N N 262 
PHE H2   H  N N 263 
PHE HA   H  N N 264 
PHE HB2  H  N N 265 
PHE HB3  H  N N 266 
PHE HD1  H  N N 267 
PHE HD2  H  N N 268 
PHE HE1  H  N N 269 
PHE HE2  H  N N 270 
PHE HZ   H  N N 271 
PHE HXT  H  N N 272 
PRO N    N  N N 273 
PRO CA   C  N S 274 
PRO C    C  N N 275 
PRO O    O  N N 276 
PRO CB   C  N N 277 
PRO CG   C  N N 278 
PRO CD   C  N N 279 
PRO OXT  O  N N 280 
PRO H    H  N N 281 
PRO HA   H  N N 282 
PRO HB2  H  N N 283 
PRO HB3  H  N N 284 
PRO HG2  H  N N 285 
PRO HG3  H  N N 286 
PRO HD2  H  N N 287 
PRO HD3  H  N N 288 
PRO HXT  H  N N 289 
SER N    N  N N 290 
SER CA   C  N S 291 
SER C    C  N N 292 
SER O    O  N N 293 
SER CB   C  N N 294 
SER OG   O  N N 295 
SER OXT  O  N N 296 
SER H    H  N N 297 
SER H2   H  N N 298 
SER HA   H  N N 299 
SER HB2  H  N N 300 
SER HB3  H  N N 301 
SER HG   H  N N 302 
SER HXT  H  N N 303 
THR N    N  N N 304 
THR CA   C  N S 305 
THR C    C  N N 306 
THR O    O  N N 307 
THR CB   C  N R 308 
THR OG1  O  N N 309 
THR CG2  C  N N 310 
THR OXT  O  N N 311 
THR H    H  N N 312 
THR H2   H  N N 313 
THR HA   H  N N 314 
THR HB   H  N N 315 
THR HG1  H  N N 316 
THR HG21 H  N N 317 
THR HG22 H  N N 318 
THR HG23 H  N N 319 
THR HXT  H  N N 320 
TRP N    N  N N 321 
TRP CA   C  N S 322 
TRP C    C  N N 323 
TRP O    O  N N 324 
TRP CB   C  N N 325 
TRP CG   C  Y N 326 
TRP CD1  C  Y N 327 
TRP CD2  C  Y N 328 
TRP NE1  N  Y N 329 
TRP CE2  C  Y N 330 
TRP CE3  C  Y N 331 
TRP CZ2  C  Y N 332 
TRP CZ3  C  Y N 333 
TRP CH2  C  Y N 334 
TRP OXT  O  N N 335 
TRP H    H  N N 336 
TRP H2   H  N N 337 
TRP HA   H  N N 338 
TRP HB2  H  N N 339 
TRP HB3  H  N N 340 
TRP HD1  H  N N 341 
TRP HE1  H  N N 342 
TRP HE3  H  N N 343 
TRP HZ2  H  N N 344 
TRP HZ3  H  N N 345 
TRP HH2  H  N N 346 
TRP HXT  H  N N 347 
TYR N    N  N N 348 
TYR CA   C  N S 349 
TYR C    C  N N 350 
TYR O    O  N N 351 
TYR CB   C  N N 352 
TYR CG   C  Y N 353 
TYR CD1  C  Y N 354 
TYR CD2  C  Y N 355 
TYR CE1  C  Y N 356 
TYR CE2  C  Y N 357 
TYR CZ   C  Y N 358 
TYR OH   O  N N 359 
TYR OXT  O  N N 360 
TYR H    H  N N 361 
TYR H2   H  N N 362 
TYR HA   H  N N 363 
TYR HB2  H  N N 364 
TYR HB3  H  N N 365 
TYR HD1  H  N N 366 
TYR HD2  H  N N 367 
TYR HE1  H  N N 368 
TYR HE2  H  N N 369 
TYR HH   H  N N 370 
TYR HXT  H  N N 371 
VAL N    N  N N 372 
VAL CA   C  N S 373 
VAL C    C  N N 374 
VAL O    O  N N 375 
VAL CB   C  N N 376 
VAL CG1  C  N N 377 
VAL CG2  C  N N 378 
VAL OXT  O  N N 379 
VAL H    H  N N 380 
VAL H2   H  N N 381 
VAL HA   H  N N 382 
VAL HB   H  N N 383 
VAL HG11 H  N N 384 
VAL HG12 H  N N 385 
VAL HG13 H  N N 386 
VAL HG21 H  N N 387 
VAL HG22 H  N N 388 
VAL HG23 H  N N 389 
VAL HXT  H  N N 390 
ZN  ZN   ZN N N 391 
# 
loop_
_chem_comp_bond.comp_id 
_chem_comp_bond.atom_id_1 
_chem_comp_bond.atom_id_2 
_chem_comp_bond.value_order 
_chem_comp_bond.pdbx_aromatic_flag 
_chem_comp_bond.pdbx_stereo_config 
_chem_comp_bond.pdbx_ordinal 
ALA N   CA   sing N N 1   
ALA N   H    sing N N 2   
ALA N   H2   sing N N 3   
ALA CA  C    sing N N 4   
ALA CA  CB   sing N N 5   
ALA CA  HA   sing N N 6   
ALA C   O    doub N N 7   
ALA C   OXT  sing N N 8   
ALA CB  HB1  sing N N 9   
ALA CB  HB2  sing N N 10  
ALA CB  HB3  sing N N 11  
ALA OXT HXT  sing N N 12  
ARG N   CA   sing N N 13  
ARG N   H    sing N N 14  
ARG N   H2   sing N N 15  
ARG CA  C    sing N N 16  
ARG CA  CB   sing N N 17  
ARG CA  HA   sing N N 18  
ARG C   O    doub N N 19  
ARG C   OXT  sing N N 20  
ARG CB  CG   sing N N 21  
ARG CB  HB2  sing N N 22  
ARG CB  HB3  sing N N 23  
ARG CG  CD   sing N N 24  
ARG CG  HG2  sing N N 25  
ARG CG  HG3  sing N N 26  
ARG CD  NE   sing N N 27  
ARG CD  HD2  sing N N 28  
ARG CD  HD3  sing N N 29  
ARG NE  CZ   sing N N 30  
ARG NE  HE   sing N N 31  
ARG CZ  NH1  sing N N 32  
ARG CZ  NH2  doub N N 33  
ARG NH1 HH11 sing N N 34  
ARG NH1 HH12 sing N N 35  
ARG NH2 HH21 sing N N 36  
ARG NH2 HH22 sing N N 37  
ARG OXT HXT  sing N N 38  
ASN N   CA   sing N N 39  
ASN N   H    sing N N 40  
ASN N   H2   sing N N 41  
ASN CA  C    sing N N 42  
ASN CA  CB   sing N N 43  
ASN CA  HA   sing N N 44  
ASN C   O    doub N N 45  
ASN C   OXT  sing N N 46  
ASN CB  CG   sing N N 47  
ASN CB  HB2  sing N N 48  
ASN CB  HB3  sing N N 49  
ASN CG  OD1  doub N N 50  
ASN CG  ND2  sing N N 51  
ASN ND2 HD21 sing N N 52  
ASN ND2 HD22 sing N N 53  
ASN OXT HXT  sing N N 54  
ASP N   CA   sing N N 55  
ASP N   H    sing N N 56  
ASP N   H2   sing N N 57  
ASP CA  C    sing N N 58  
ASP CA  CB   sing N N 59  
ASP CA  HA   sing N N 60  
ASP C   O    doub N N 61  
ASP C   OXT  sing N N 62  
ASP CB  CG   sing N N 63  
ASP CB  HB2  sing N N 64  
ASP CB  HB3  sing N N 65  
ASP CG  OD1  doub N N 66  
ASP CG  OD2  sing N N 67  
ASP OD2 HD2  sing N N 68  
ASP OXT HXT  sing N N 69  
CYS N   CA   sing N N 70  
CYS N   H    sing N N 71  
CYS N   H2   sing N N 72  
CYS CA  C    sing N N 73  
CYS CA  CB   sing N N 74  
CYS CA  HA   sing N N 75  
CYS C   O    doub N N 76  
CYS C   OXT  sing N N 77  
CYS CB  SG   sing N N 78  
CYS CB  HB2  sing N N 79  
CYS CB  HB3  sing N N 80  
CYS SG  HG   sing N N 81  
CYS OXT HXT  sing N N 82  
GLN N   CA   sing N N 83  
GLN N   H    sing N N 84  
GLN N   H2   sing N N 85  
GLN CA  C    sing N N 86  
GLN CA  CB   sing N N 87  
GLN CA  HA   sing N N 88  
GLN C   O    doub N N 89  
GLN C   OXT  sing N N 90  
GLN CB  CG   sing N N 91  
GLN CB  HB2  sing N N 92  
GLN CB  HB3  sing N N 93  
GLN CG  CD   sing N N 94  
GLN CG  HG2  sing N N 95  
GLN CG  HG3  sing N N 96  
GLN CD  OE1  doub N N 97  
GLN CD  NE2  sing N N 98  
GLN NE2 HE21 sing N N 99  
GLN NE2 HE22 sing N N 100 
GLN OXT HXT  sing N N 101 
GLU N   CA   sing N N 102 
GLU N   H    sing N N 103 
GLU N   H2   sing N N 104 
GLU CA  C    sing N N 105 
GLU CA  CB   sing N N 106 
GLU CA  HA   sing N N 107 
GLU C   O    doub N N 108 
GLU C   OXT  sing N N 109 
GLU CB  CG   sing N N 110 
GLU CB  HB2  sing N N 111 
GLU CB  HB3  sing N N 112 
GLU CG  CD   sing N N 113 
GLU CG  HG2  sing N N 114 
GLU CG  HG3  sing N N 115 
GLU CD  OE1  doub N N 116 
GLU CD  OE2  sing N N 117 
GLU OE2 HE2  sing N N 118 
GLU OXT HXT  sing N N 119 
GLY N   CA   sing N N 120 
GLY N   H    sing N N 121 
GLY N   H2   sing N N 122 
GLY CA  C    sing N N 123 
GLY CA  HA2  sing N N 124 
GLY CA  HA3  sing N N 125 
GLY C   O    doub N N 126 
GLY C   OXT  sing N N 127 
GLY OXT HXT  sing N N 128 
HIS N   CA   sing N N 129 
HIS N   H    sing N N 130 
HIS N   H2   sing N N 131 
HIS CA  C    sing N N 132 
HIS CA  CB   sing N N 133 
HIS CA  HA   sing N N 134 
HIS C   O    doub N N 135 
HIS C   OXT  sing N N 136 
HIS CB  CG   sing N N 137 
HIS CB  HB2  sing N N 138 
HIS CB  HB3  sing N N 139 
HIS CG  ND1  sing Y N 140 
HIS CG  CD2  doub Y N 141 
HIS ND1 CE1  doub Y N 142 
HIS ND1 HD1  sing N N 143 
HIS CD2 NE2  sing Y N 144 
HIS CD2 HD2  sing N N 145 
HIS CE1 NE2  sing Y N 146 
HIS CE1 HE1  sing N N 147 
HIS NE2 HE2  sing N N 148 
HIS OXT HXT  sing N N 149 
HOH O   H1   sing N N 150 
HOH O   H2   sing N N 151 
ILE N   CA   sing N N 152 
ILE N   H    sing N N 153 
ILE N   H2   sing N N 154 
ILE CA  C    sing N N 155 
ILE CA  CB   sing N N 156 
ILE CA  HA   sing N N 157 
ILE C   O    doub N N 158 
ILE C   OXT  sing N N 159 
ILE CB  CG1  sing N N 160 
ILE CB  CG2  sing N N 161 
ILE CB  HB   sing N N 162 
ILE CG1 CD1  sing N N 163 
ILE CG1 HG12 sing N N 164 
ILE CG1 HG13 sing N N 165 
ILE CG2 HG21 sing N N 166 
ILE CG2 HG22 sing N N 167 
ILE CG2 HG23 sing N N 168 
ILE CD1 HD11 sing N N 169 
ILE CD1 HD12 sing N N 170 
ILE CD1 HD13 sing N N 171 
ILE OXT HXT  sing N N 172 
LEU N   CA   sing N N 173 
LEU N   H    sing N N 174 
LEU N   H2   sing N N 175 
LEU CA  C    sing N N 176 
LEU CA  CB   sing N N 177 
LEU CA  HA   sing N N 178 
LEU C   O    doub N N 179 
LEU C   OXT  sing N N 180 
LEU CB  CG   sing N N 181 
LEU CB  HB2  sing N N 182 
LEU CB  HB3  sing N N 183 
LEU CG  CD1  sing N N 184 
LEU CG  CD2  sing N N 185 
LEU CG  HG   sing N N 186 
LEU CD1 HD11 sing N N 187 
LEU CD1 HD12 sing N N 188 
LEU CD1 HD13 sing N N 189 
LEU CD2 HD21 sing N N 190 
LEU CD2 HD22 sing N N 191 
LEU CD2 HD23 sing N N 192 
LEU OXT HXT  sing N N 193 
LYS N   CA   sing N N 194 
LYS N   H    sing N N 195 
LYS N   H2   sing N N 196 
LYS CA  C    sing N N 197 
LYS CA  CB   sing N N 198 
LYS CA  HA   sing N N 199 
LYS C   O    doub N N 200 
LYS C   OXT  sing N N 201 
LYS CB  CG   sing N N 202 
LYS CB  HB2  sing N N 203 
LYS CB  HB3  sing N N 204 
LYS CG  CD   sing N N 205 
LYS CG  HG2  sing N N 206 
LYS CG  HG3  sing N N 207 
LYS CD  CE   sing N N 208 
LYS CD  HD2  sing N N 209 
LYS CD  HD3  sing N N 210 
LYS CE  NZ   sing N N 211 
LYS CE  HE2  sing N N 212 
LYS CE  HE3  sing N N 213 
LYS NZ  HZ1  sing N N 214 
LYS NZ  HZ2  sing N N 215 
LYS NZ  HZ3  sing N N 216 
LYS OXT HXT  sing N N 217 
MET N   CA   sing N N 218 
MET N   H    sing N N 219 
MET N   H2   sing N N 220 
MET CA  C    sing N N 221 
MET CA  CB   sing N N 222 
MET CA  HA   sing N N 223 
MET C   O    doub N N 224 
MET C   OXT  sing N N 225 
MET CB  CG   sing N N 226 
MET CB  HB2  sing N N 227 
MET CB  HB3  sing N N 228 
MET CG  SD   sing N N 229 
MET CG  HG2  sing N N 230 
MET CG  HG3  sing N N 231 
MET SD  CE   sing N N 232 
MET CE  HE1  sing N N 233 
MET CE  HE2  sing N N 234 
MET CE  HE3  sing N N 235 
MET OXT HXT  sing N N 236 
PHE N   CA   sing N N 237 
PHE N   H    sing N N 238 
PHE N   H2   sing N N 239 
PHE CA  C    sing N N 240 
PHE CA  CB   sing N N 241 
PHE CA  HA   sing N N 242 
PHE C   O    doub N N 243 
PHE C   OXT  sing N N 244 
PHE CB  CG   sing N N 245 
PHE CB  HB2  sing N N 246 
PHE CB  HB3  sing N N 247 
PHE CG  CD1  doub Y N 248 
PHE CG  CD2  sing Y N 249 
PHE CD1 CE1  sing Y N 250 
PHE CD1 HD1  sing N N 251 
PHE CD2 CE2  doub Y N 252 
PHE CD2 HD2  sing N N 253 
PHE CE1 CZ   doub Y N 254 
PHE CE1 HE1  sing N N 255 
PHE CE2 CZ   sing Y N 256 
PHE CE2 HE2  sing N N 257 
PHE CZ  HZ   sing N N 258 
PHE OXT HXT  sing N N 259 
PRO N   CA   sing N N 260 
PRO N   CD   sing N N 261 
PRO N   H    sing N N 262 
PRO CA  C    sing N N 263 
PRO CA  CB   sing N N 264 
PRO CA  HA   sing N N 265 
PRO C   O    doub N N 266 
PRO C   OXT  sing N N 267 
PRO CB  CG   sing N N 268 
PRO CB  HB2  sing N N 269 
PRO CB  HB3  sing N N 270 
PRO CG  CD   sing N N 271 
PRO CG  HG2  sing N N 272 
PRO CG  HG3  sing N N 273 
PRO CD  HD2  sing N N 274 
PRO CD  HD3  sing N N 275 
PRO OXT HXT  sing N N 276 
SER N   CA   sing N N 277 
SER N   H    sing N N 278 
SER N   H2   sing N N 279 
SER CA  C    sing N N 280 
SER CA  CB   sing N N 281 
SER CA  HA   sing N N 282 
SER C   O    doub N N 283 
SER C   OXT  sing N N 284 
SER CB  OG   sing N N 285 
SER CB  HB2  sing N N 286 
SER CB  HB3  sing N N 287 
SER OG  HG   sing N N 288 
SER OXT HXT  sing N N 289 
THR N   CA   sing N N 290 
THR N   H    sing N N 291 
THR N   H2   sing N N 292 
THR CA  C    sing N N 293 
THR CA  CB   sing N N 294 
THR CA  HA   sing N N 295 
THR C   O    doub N N 296 
THR C   OXT  sing N N 297 
THR CB  OG1  sing N N 298 
THR CB  CG2  sing N N 299 
THR CB  HB   sing N N 300 
THR OG1 HG1  sing N N 301 
THR CG2 HG21 sing N N 302 
THR CG2 HG22 sing N N 303 
THR CG2 HG23 sing N N 304 
THR OXT HXT  sing N N 305 
TRP N   CA   sing N N 306 
TRP N   H    sing N N 307 
TRP N   H2   sing N N 308 
TRP CA  C    sing N N 309 
TRP CA  CB   sing N N 310 
TRP CA  HA   sing N N 311 
TRP C   O    doub N N 312 
TRP C   OXT  sing N N 313 
TRP CB  CG   sing N N 314 
TRP CB  HB2  sing N N 315 
TRP CB  HB3  sing N N 316 
TRP CG  CD1  doub Y N 317 
TRP CG  CD2  sing Y N 318 
TRP CD1 NE1  sing Y N 319 
TRP CD1 HD1  sing N N 320 
TRP CD2 CE2  doub Y N 321 
TRP CD2 CE3  sing Y N 322 
TRP NE1 CE2  sing Y N 323 
TRP NE1 HE1  sing N N 324 
TRP CE2 CZ2  sing Y N 325 
TRP CE3 CZ3  doub Y N 326 
TRP CE3 HE3  sing N N 327 
TRP CZ2 CH2  doub Y N 328 
TRP CZ2 HZ2  sing N N 329 
TRP CZ3 CH2  sing Y N 330 
TRP CZ3 HZ3  sing N N 331 
TRP CH2 HH2  sing N N 332 
TRP OXT HXT  sing N N 333 
TYR N   CA   sing N N 334 
TYR N   H    sing N N 335 
TYR N   H2   sing N N 336 
TYR CA  C    sing N N 337 
TYR CA  CB   sing N N 338 
TYR CA  HA   sing N N 339 
TYR C   O    doub N N 340 
TYR C   OXT  sing N N 341 
TYR CB  CG   sing N N 342 
TYR CB  HB2  sing N N 343 
TYR CB  HB3  sing N N 344 
TYR CG  CD1  doub Y N 345 
TYR CG  CD2  sing Y N 346 
TYR CD1 CE1  sing Y N 347 
TYR CD1 HD1  sing N N 348 
TYR CD2 CE2  doub Y N 349 
TYR CD2 HD2  sing N N 350 
TYR CE1 CZ   doub Y N 351 
TYR CE1 HE1  sing N N 352 
TYR CE2 CZ   sing Y N 353 
TYR CE2 HE2  sing N N 354 
TYR CZ  OH   sing N N 355 
TYR OH  HH   sing N N 356 
TYR OXT HXT  sing N N 357 
VAL N   CA   sing N N 358 
VAL N   H    sing N N 359 
VAL N   H2   sing N N 360 
VAL CA  C    sing N N 361 
VAL CA  CB   sing N N 362 
VAL CA  HA   sing N N 363 
VAL C   O    doub N N 364 
VAL C   OXT  sing N N 365 
VAL CB  CG1  sing N N 366 
VAL CB  CG2  sing N N 367 
VAL CB  HB   sing N N 368 
VAL CG1 HG11 sing N N 369 
VAL CG1 HG12 sing N N 370 
VAL CG1 HG13 sing N N 371 
VAL CG2 HG21 sing N N 372 
VAL CG2 HG22 sing N N 373 
VAL CG2 HG23 sing N N 374 
VAL OXT HXT  sing N N 375 
# 
_pdbx_audit_support.funding_organization   'Not funded' 
_pdbx_audit_support.country                ? 
_pdbx_audit_support.grant_number           ? 
_pdbx_audit_support.ordinal                1 
# 
_pdbx_initial_refinement_model.id               1 
_pdbx_initial_refinement_model.entity_id_list   ? 
_pdbx_initial_refinement_model.type             'experimental model' 
_pdbx_initial_refinement_model.source_name      PDB 
_pdbx_initial_refinement_model.accession_code   1RUT 
_pdbx_initial_refinement_model.details          ? 
# 
_atom_sites.entry_id                    9F5B 
_atom_sites.Cartn_transf_matrix[1][1]   ? 
_atom_sites.Cartn_transf_matrix[1][2]   ? 
_atom_sites.Cartn_transf_matrix[1][3]   ? 
_atom_sites.Cartn_transf_matrix[2][1]   ? 
_atom_sites.Cartn_transf_matrix[2][2]   ? 
_atom_sites.Cartn_transf_matrix[2][3]   ? 
_atom_sites.Cartn_transf_matrix[3][1]   ? 
_atom_sites.Cartn_transf_matrix[3][2]   ? 
_atom_sites.Cartn_transf_matrix[3][3]   ? 
_atom_sites.Cartn_transf_vector[1]      ? 
_atom_sites.Cartn_transf_vector[2]      ? 
_atom_sites.Cartn_transf_vector[3]      ? 
_atom_sites.Cartn_transform_axes        ? 
_atom_sites.fract_transf_matrix[1][1]   0.00339645 
_atom_sites.fract_transf_matrix[1][2]   0.00877835 
_atom_sites.fract_transf_matrix[1][3]   0.01613492 
_atom_sites.fract_transf_matrix[2][1]   -0.01419412 
_atom_sites.fract_transf_matrix[2][2]   0.00517266 
_atom_sites.fract_transf_matrix[2][3]   0.01098694 
_atom_sites.fract_transf_matrix[3][1]   0.00046014 
_atom_sites.fract_transf_matrix[3][2]   -0.00943682 
_atom_sites.fract_transf_matrix[3][3]   0.00503732 
_atom_sites.fract_transf_vector[1]      -0.018120 
_atom_sites.fract_transf_vector[2]      0.327804 
_atom_sites.fract_transf_vector[3]      0.271928 
_atom_sites.solution_primary            ? 
_atom_sites.solution_secondary          ? 
_atom_sites.solution_hydrogens          ? 
_atom_sites.special_details             ? 
# 
loop_
_atom_type.symbol 
_atom_type.pdbx_scat_Z 
_atom_type.pdbx_N_electrons 
_atom_type.scat_Cromer_Mann_a1 
_atom_type.scat_Cromer_Mann_b1 
_atom_type.scat_Cromer_Mann_a2 
_atom_type.scat_Cromer_Mann_b2 
_atom_type.scat_Cromer_Mann_a3 
_atom_type.scat_Cromer_Mann_b3 
_atom_type.scat_Cromer_Mann_a4 
_atom_type.scat_Cromer_Mann_b4 
_atom_type.scat_Cromer_Mann_c 
C  6  6  2.3103  20.8439 1.0201 10.2075 1.5888 0.5687  0.8651 51.6512 0.2156   
N  7  7  12.2220 0.0057  3.1346 9.8933  2.0141 28.9975 1.1672 0.5826  -11.5379 
O  8  8  3.0487  13.2771 2.2870 5.7011  1.5464 0.3239  0.8671 32.9089 0.2508   
S  16 16 6.9054  1.4679  5.2035 22.2151 1.4379 0.2536  1.5863 56.1720 1.1296   
ZN 30 30 14.0812 3.2655  7.0352 0.2333  5.1677 10.3163 2.4112 58.7097 -5.0415  
# 
loop_
_atom_site.group_PDB 
_atom_site.id 
_atom_site.type_symbol 
_atom_site.label_atom_id 
_atom_site.label_alt_id 
_atom_site.label_comp_id 
_atom_site.label_asym_id 
_atom_site.label_entity_id 
_atom_site.label_seq_id 
_atom_site.pdbx_PDB_ins_code 
_atom_site.Cartn_x 
_atom_site.Cartn_y 
_atom_site.Cartn_z 
_atom_site.occupancy 
_atom_site.B_iso_or_equiv 
_atom_site.pdbx_formal_charge 
_atom_site.auth_seq_id 
_atom_site.auth_comp_id 
_atom_site.auth_asym_id 
_atom_site.auth_atom_id 
_atom_site.pdbx_PDB_model_num 
ATOM   1    N  N   . SER A 1 4   ? -2.311  -33.764 23.836  1   74.545  ? 19  SER A N   1 
ATOM   2    C  CA  . SER A 1 4   ? -1.027  -33.789 23.097  1   72.78   ? 19  SER A CA  1 
ATOM   3    C  C   . SER A 1 4   ? -0.900  -32.522 22.244  1   74.708  ? 19  SER A C   1 
ATOM   4    O  O   . SER A 1 4   ? -1.887  -31.907 21.870  1   76.721  ? 19  SER A O   1 
ATOM   5    C  CB  . SER A 1 4   ? -0.881  -35.051 22.286  1   76.297  ? 19  SER A CB  1 
ATOM   6    O  OG  . SER A 1 4   ? -1.986  -35.226 21.411  1   86.965  ? 19  SER A OG  1 
ATOM   7    N  N   . TRP A 1 5   ? 0.344   -32.156 21.956  1   75.396  ? 20  TRP A N   1 
ATOM   8    C  CA  . TRP A 1 5   ? 0.659   -30.938 21.230  1   65.111  ? 20  TRP A CA  1 
ATOM   9    C  C   . TRP A 1 5   ? 0.104   -30.940 19.807  1   47.048  ? 20  TRP A C   1 
ATOM   10   O  O   . TRP A 1 5   ? -0.046  -31.974 19.166  1   48.097  ? 20  TRP A O   1 
ATOM   11   C  CB  . TRP A 1 5   ? 2.181   -30.705 21.237  1   70.551  ? 20  TRP A CB  1 
ATOM   12   C  CG  . TRP A 1 5   ? 2.775   -30.461 22.611  1   75.973  ? 20  TRP A CG  1 
ATOM   13   C  CD1 . TRP A 1 5   ? 2.220   -29.737 23.629  1   79.84   ? 20  TRP A CD1 1 
ATOM   14   C  CD2 . TRP A 1 5   ? 4.061   -30.904 23.103  1   85.326  ? 20  TRP A CD2 1 
ATOM   15   N  NE1 . TRP A 1 5   ? 3.060   -29.698 24.716  1   84.636  ? 20  TRP A NE1 1 
ATOM   16   C  CE2 . TRP A 1 5   ? 4.195   -30.413 24.428  1   91.326  ? 20  TRP A CE2 1 
ATOM   17   C  CE3 . TRP A 1 5   ? 5.105   -31.672 22.562  1   95.431  ? 20  TRP A CE3 1 
ATOM   18   C  CZ2 . TRP A 1 5   ? 5.325   -30.665 25.211  1   98.559  ? 20  TRP A CZ2 1 
ATOM   19   C  CZ3 . TRP A 1 5   ? 6.228   -31.916 23.335  1   104.352 ? 20  TRP A CZ3 1 
ATOM   20   C  CH2 . TRP A 1 5   ? 6.332   -31.420 24.644  1   102.888 ? 20  TRP A CH2 1 
ATOM   21   N  N   . LYS A 1 6   ? -0.185  -29.728 19.345  1   45.553  ? 21  LYS A N   1 
ATOM   22   C  CA  . LYS A 1 6   ? -0.484  -29.428 17.941  1   38.988  ? 21  LYS A CA  1 
ATOM   23   C  C   . LYS A 1 6   ? 0.772   -29.469 17.081  1   37.54   ? 21  LYS A C   1 
ATOM   24   O  O   . LYS A 1 6   ? 1.882   -29.175 17.538  1   35.679  ? 21  LYS A O   1 
ATOM   25   C  CB  . LYS A 1 6   ? -1.060  -28.015 17.840  1   36.849  ? 21  LYS A CB  1 
ATOM   26   C  CG  . LYS A 1 6   ? -2.339  -27.787 18.676  1   38.573  ? 21  LYS A CG  1 
ATOM   27   C  CD  . LYS A 1 6   ? -3.416  -28.835 18.367  1   34.546  ? 21  LYS A CD  1 
ATOM   28   C  CE  . LYS A 1 6   ? -4.700  -28.481 19.039  1   36.109  ? 21  LYS A CE  1 
ATOM   29   N  NZ  . LYS A 1 6   ? -5.714  -29.519 18.692  1   37.035  ? 21  LYS A NZ  1 
ATOM   30   N  N   . ARG A 1 7   ? 0.581   -29.778 15.792  1   33.227  ? 22  ARG A N   1 
ATOM   31   C  CA  . ARG A 1 7   ? 1.688   -29.782 14.858  1   35.186  ? 22  ARG A CA  1 
ATOM   32   C  C   . ARG A 1 7   ? 1.722   -28.469 14.086  1   31.295  ? 22  ARG A C   1 
ATOM   33   O  O   . ARG A 1 7   ? 0.688   -27.895 13.751  1   31.711  ? 22  ARG A O   1 
ATOM   34   C  CB  . ARG A 1 7   ? 1.602   -30.944 13.870  1   37.72   ? 22  ARG A CB  1 
ATOM   35   C  CG  . ARG A 1 7   ? 1.751   -32.313 14.532  1   57.522  ? 22  ARG A CG  1 
ATOM   36   C  CD  . ARG A 1 7   ? 2.422   -33.297 13.573  1   65.223  ? 22  ARG A CD  1 
ATOM   37   N  NE  . ARG A 1 7   ? 2.993   -34.411 14.325  1   66.357  ? 22  ARG A NE  1 
ATOM   38   C  CZ  . ARG A 1 7   ? 4.296   -34.678 14.375  1   72.481  ? 22  ARG A CZ  1 
ATOM   39   N  NH1 . ARG A 1 7   ? 5.182   -33.852 13.873  1   66.171  ? 22  ARG A NH1 1 
ATOM   40   N  NH2 . ARG A 1 7   ? 4.741   -35.756 14.992  1   79.565  ? 22  ARG A NH2 1 
ATOM   41   N  N   . CYS A 1 8   ? 2.947   -28.032 13.774  1   26.355  ? 23  CYS A N   1 
ATOM   42   C  CA  . CYS A 1 8   ? 3.131   -26.781 13.055  1   29.543  ? 23  CYS A CA  1 
ATOM   43   C  C   . CYS A 1 8   ? 2.958   -27.038 11.559  1   31.802  ? 23  CYS A C   1 
ATOM   44   O  O   . CYS A 1 8   ? 3.580   -27.950 11.008  1   29.099  ? 23  CYS A O   1 
ATOM   45   C  CB  . CYS A 1 8   ? 4.538   -26.287 13.340  1   24.137  ? 23  CYS A CB  1 
ATOM   46   S  SG  . CYS A 1 8   ? 4.976   -24.811 12.442  1   25.428  ? 23  CYS A SG  1 
ATOM   47   N  N   . ALA A 1 9   ? 2.111   -26.237 10.908  1   27.824  ? 24  ALA A N   1 
ATOM   48   C  CA  . ALA A 1 9   ? 1.934   -26.357 9.461   1   26.662  ? 24  ALA A CA  1 
ATOM   49   C  C   . ALA A 1 9   ? 3.171   -25.892 8.701   1   28.884  ? 24  ALA A C   1 
ATOM   50   O  O   . ALA A 1 9   ? 3.325   -26.218 7.527   1   34.136  ? 24  ALA A O   1 
ATOM   51   C  CB  . ALA A 1 9   ? 0.716   -25.562 8.990   1   29.041  ? 24  ALA A CB  1 
ATOM   52   N  N   . GLY A 1 10  ? 4.053   -25.130 9.348   1   26.749  ? 25  GLY A N   1 
ATOM   53   C  CA  . GLY A 1 10  ? 5.231   -24.635 8.652   1   30.047  ? 25  GLY A CA  1 
ATOM   54   C  C   . GLY A 1 10  ? 6.356   -25.662 8.570   1   38.562  ? 25  GLY A C   1 
ATOM   55   O  O   . GLY A 1 10  ? 6.975   -25.799 7.521   1   34.77   ? 25  GLY A O   1 
ATOM   56   N  N   . CYS A 1 11  ? 6.588   -26.407 9.667   1   32.085  ? 26  CYS A N   1 
ATOM   57   C  CA  . CYS A 1 11  ? 7.717   -27.324 9.757   1   31.559  ? 26  CYS A CA  1 
ATOM   58   C  C   . CYS A 1 11  ? 7.335   -28.791 10.008  1   32.303  ? 26  CYS A C   1 
ATOM   59   O  O   . CYS A 1 11  ? 8.213   -29.652 9.927   1   32.425  ? 26  CYS A O   1 
ATOM   60   C  CB  . CYS A 1 11  ? 8.736   -26.868 10.812  1   32.119  ? 26  CYS A CB  1 
ATOM   61   S  SG  . CYS A 1 11  ? 8.165   -27.033 12.535  1   31.513  ? 26  CYS A SG  1 
ATOM   62   N  N   . GLY A 1 12  ? 6.063   -29.079 10.313  1   30.763  ? 27  GLY A N   1 
ATOM   63   C  CA  . GLY A 1 12  ? 5.596   -30.418 10.647  1   35.223  ? 27  GLY A CA  1 
ATOM   64   C  C   . GLY A 1 12  ? 5.886   -30.869 12.087  1   37.638  ? 27  GLY A C   1 
ATOM   65   O  O   . GLY A 1 12  ? 5.488   -31.956 12.475  1   37.825  ? 27  GLY A O   1 
ATOM   66   N  N   . GLY A 1 13  ? 6.605   -30.082 12.873  1   32.713  ? 28  GLY A N   1 
ATOM   67   C  CA  . GLY A 1 13  ? 6.982   -30.507 14.213  1   33.396  ? 28  GLY A CA  1 
ATOM   68   C  C   . GLY A 1 13  ? 5.909   -30.207 15.268  1   33.127  ? 28  GLY A C   1 
ATOM   69   O  O   . GLY A 1 13  ? 5.053   -29.348 15.094  1   29.697  ? 28  GLY A O   1 
ATOM   70   N  N   . LYS A 1 14  ? 5.954   -30.947 16.375  1   30.764  ? 29  LYS A N   1 
ATOM   71   C  CA  . LYS A 1 14  ? 5.083   -30.633 17.499  1   32.535  ? 29  LYS A CA  1 
ATOM   72   C  C   . LYS A 1 14  ? 5.476   -29.270 18.054  1   30.294  ? 29  LYS A C   1 
ATOM   73   O  O   . LYS A 1 14  ? 6.650   -28.883 18.046  1   32.687  ? 29  LYS A O   1 
ATOM   74   C  CB  . LYS A 1 14  ? 5.206   -31.693 18.601  1   37.039  ? 29  LYS A CB  1 
ATOM   75   C  CG  . LYS A 1 14  ? 4.614   -33.050 18.164  1   47.113  ? 29  LYS A CG  1 
ATOM   76   C  CD  . LYS A 1 14  ? 4.541   -33.983 19.370  1   69.302  ? 29  LYS A CD  1 
ATOM   77   C  CE  . LYS A 1 14  ? 4.592   -35.466 19.044  1   77.553  ? 29  LYS A CE  1 
ATOM   78   N  NZ  . LYS A 1 14  ? 4.616   -36.314 20.240  1   92.716  ? 29  LYS A NZ  1 
ATOM   79   N  N   . ILE A 1 15  ? 4.481   -28.532 18.529  1   28.521  ? 30  ILE A N   1 
ATOM   80   C  CA  . ILE A 1 15  ? 4.712   -27.208 19.073  1   30.001  ? 30  ILE A CA  1 
ATOM   81   C  C   . ILE A 1 15  ? 4.674   -27.304 20.597  1   31.674  ? 30  ILE A C   1 
ATOM   82   O  O   . ILE A 1 15  ? 3.593   -27.426 21.198  1   31.077  ? 30  ILE A O   1 
ATOM   83   C  CB  . ILE A 1 15  ? 3.694   -26.171 18.569  1   26.637  ? 30  ILE A CB  1 
ATOM   84   C  CG1 . ILE A 1 15  ? 3.685   -26.060 17.055  1   23.811  ? 30  ILE A CG1 1 
ATOM   85   C  CG2 . ILE A 1 15  ? 4.020   -24.800 19.163  1   24.372  ? 30  ILE A CG2 1 
ATOM   86   C  CD1 . ILE A 1 15  ? 2.428   -25.378 16.503  1   22.77   ? 30  ILE A CD1 1 
ATOM   87   N  N   . ALA A 1 16  ? 5.870   -27.237 21.200  1   32.443  ? 31  ALA A N   1 
ATOM   88   C  CA  . ALA A 1 16  ? 6.016   -27.237 22.660  1   33.925  ? 31  ALA A CA  1 
ATOM   89   C  C   . ALA A 1 16  ? 6.160   -25.830 23.255  1   37.307  ? 31  ALA A C   1 
ATOM   90   O  O   . ALA A 1 16  ? 6.156   -25.703 24.469  1   33.159  ? 31  ALA A O   1 
ATOM   91   C  CB  . ALA A 1 16  ? 7.208   -28.083 23.062  1   32.556  ? 31  ALA A CB  1 
ATOM   92   N  N   . ASP A 1 17  ? 6.217   -24.793 22.408  1   31.59   ? 32  ASP A N   1 
ATOM   93   C  CA  . ASP A 1 17  ? 6.426   -23.421 22.832  1   28.731  ? 32  ASP A CA  1 
ATOM   94   C  C   . ASP A 1 17  ? 5.277   -22.901 23.693  1   35.997  ? 32  ASP A C   1 
ATOM   95   O  O   . ASP A 1 17  ? 4.117   -23.263 23.477  1   30.712  ? 32  ASP A O   1 
ATOM   96   C  CB  . ASP A 1 17  ? 6.477   -22.493 21.635  1   24.131  ? 32  ASP A CB  1 
ATOM   97   C  CG  . ASP A 1 17  ? 7.609   -22.776 20.695  1   28.545  ? 32  ASP A CG  1 
ATOM   98   O  OD1 . ASP A 1 17  ? 8.364   -23.726 20.987  1   30.999  ? 32  ASP A OD1 1 
ATOM   99   O  OD2 . ASP A 1 17  ? 7.697   -22.013 19.702  1   31.367  ? 32  ASP A OD2 1 
ATOM   100  N  N   . ARG A 1 18  ? 5.608   -22.027 24.660  1   32.144  ? 33  ARG A N   1 
ATOM   101  C  CA  . ARG A 1 18  ? 4.573   -21.400 25.466  1   31.588  ? 33  ARG A CA  1 
ATOM   102  C  C   . ARG A 1 18  ? 3.628   -20.518 24.647  1   30.82   ? 33  ARG A C   1 
ATOM   103  O  O   . ARG A 1 18  ? 2.441   -20.414 24.970  1   32.668  ? 33  ARG A O   1 
ATOM   104  C  CB  . ARG A 1 18  ? 5.182   -20.559 26.593  1   32.134  ? 33  ARG A CB  1 
ATOM   105  C  CG  . ARG A 1 18  ? 4.073   -19.962 27.448  1   41.011  ? 33  ARG A CG  1 
ATOM   106  C  CD  . ARG A 1 18  ? 4.501   -19.675 28.844  1   53.893  ? 33  ARG A CD  1 
ATOM   107  N  NE  . ARG A 1 18  ? 3.359   -19.236 29.648  1   69.055  ? 33  ARG A NE  1 
ATOM   108  C  CZ  . ARG A 1 18  ? 3.113   -19.615 30.912  1   66.587  ? 33  ARG A CZ  1 
ATOM   109  N  NH1 . ARG A 1 18  ? 3.885   -20.500 31.490  1   61.358  ? 33  ARG A NH1 1 
ATOM   110  N  NH2 . ARG A 1 18  ? 2.061   -19.145 31.542  1   70.904  ? 33  ARG A NH2 1 
ATOM   111  N  N   . PHE A 1 19  ? 4.144   -19.818 23.629  1   28.182  ? 34  PHE A N   1 
ATOM   112  C  CA  . PHE A 1 19  ? 3.288   -18.966 22.827  1   26.485  ? 34  PHE A CA  1 
ATOM   113  C  C   . PHE A 1 19  ? 3.357   -19.440 21.382  1   31.574  ? 34  PHE A C   1 
ATOM   114  O  O   . PHE A 1 19  ? 4.443   -19.687 20.857  1   27.8    ? 34  PHE A O   1 
ATOM   115  C  CB  . PHE A 1 19  ? 3.708   -17.500 22.910  1   28.783  ? 34  PHE A CB  1 
ATOM   116  C  CG  . PHE A 1 19  ? 3.676   -16.943 24.327  1   34.154  ? 34  PHE A CG  1 
ATOM   117  C  CD1 . PHE A 1 19  ? 2.467   -16.550 24.897  1   34.051  ? 34  PHE A CD1 1 
ATOM   118  C  CD2 . PHE A 1 19  ? 4.839   -16.825 25.080  1   34.098  ? 34  PHE A CD2 1 
ATOM   119  C  CE1 . PHE A 1 19  ? 2.432   -16.038 26.177  1   39.795  ? 34  PHE A CE1 1 
ATOM   120  C  CE2 . PHE A 1 19  ? 4.791   -16.324 26.373  1   36.216  ? 34  PHE A CE2 1 
ATOM   121  C  CZ  . PHE A 1 19  ? 3.593   -15.931 26.923  1   41.932  ? 34  PHE A CZ  1 
ATOM   122  N  N   . LEU A 1 20  ? 2.209   -19.457 20.704  1   26.589  ? 35  LEU A N   1 
ATOM   123  C  CA  . LEU A 1 20  ? 2.195   -20.002 19.361  1   26.634  ? 35  LEU A CA  1 
ATOM   124  C  C   . LEU A 1 20  ? 1.131   -19.233 18.593  1   25.227  ? 35  LEU A C   1 
ATOM   125  O  O   . LEU A 1 20  ? 0.463   -18.362 19.158  1   24.646  ? 35  LEU A O   1 
ATOM   126  C  CB  . LEU A 1 20  ? 1.991   -21.524 19.384  1   26.921  ? 35  LEU A CB  1 
ATOM   127  C  CG  . LEU A 1 20  ? 0.646   -22.074 19.895  1   33.139  ? 35  LEU A CG  1 
ATOM   128  C  CD1 . LEU A 1 20  ? 0.413   -23.473 19.379  1   33.591  ? 35  LEU A CD1 1 
ATOM   129  C  CD2 . LEU A 1 20  ? 0.622   -22.103 21.428  1   41.409  ? 35  LEU A CD2 1 
ATOM   130  N  N   . LEU A 1 21  ? 0.971   -19.555 17.298  1   22.82   ? 36  LEU A N   1 
ATOM   131  C  CA  . LEU A 1 21  ? 0.034   -18.812 16.456  1   24.873  ? 36  LEU A CA  1 
ATOM   132  C  C   . LEU A 1 21  ? -1.010  -19.742 15.851  1   23.923  ? 36  LEU A C   1 
ATOM   133  O  O   . LEU A 1 21  ? -0.743  -20.912 15.584  1   25.893  ? 36  LEU A O   1 
ATOM   134  C  CB  . LEU A 1 21  ? 0.759   -18.082 15.317  1   25.691  ? 36  LEU A CB  1 
ATOM   135  C  CG  . LEU A 1 21  ? 1.903   -17.168 15.745  1   24.4    ? 36  LEU A CG  1 
ATOM   136  C  CD1 . LEU A 1 21  ? 2.505   -16.611 14.465  1   27.023  ? 36  LEU A CD1 1 
ATOM   137  C  CD2 . LEU A 1 21  ? 1.410   -16.029 16.626  1   21.16   ? 36  LEU A CD2 1 
ATOM   138  N  N   . TYR A 1 22  ? -2.181  -19.172 15.585  1   23.916  ? 37  TYR A N   1 
ATOM   139  C  CA  . TYR A 1 22  ? -3.210  -19.847 14.819  1   24.996  ? 37  TYR A CA  1 
ATOM   140  C  C   . TYR A 1 22  ? -3.540  -18.972 13.630  1   24.289  ? 37  TYR A C   1 
ATOM   141  O  O   . TYR A 1 22  ? -3.768  -17.776 13.780  1   25.644  ? 37  TYR A O   1 
ATOM   142  C  CB  . TYR A 1 22  ? -4.457  -20.049 15.677  1   24.967  ? 37  TYR A CB  1 
ATOM   143  C  CG  . TYR A 1 22  ? -5.544  -20.901 15.037  1   27.44   ? 37  TYR A CG  1 
ATOM   144  C  CD1 . TYR A 1 22  ? -5.465  -22.292 15.035  1   26.699  ? 37  TYR A CD1 1 
ATOM   145  C  CD2 . TYR A 1 22  ? -6.678  -20.300 14.474  1   25.3    ? 37  TYR A CD2 1 
ATOM   146  C  CE1 . TYR A 1 22  ? -6.490  -23.073 14.484  1   26.158  ? 37  TYR A CE1 1 
ATOM   147  C  CE2 . TYR A 1 22  ? -7.664  -21.062 13.876  1   26.621  ? 37  TYR A CE2 1 
ATOM   148  C  CZ  . TYR A 1 22  ? -7.588  -22.453 13.907  1   26.888  ? 37  TYR A CZ  1 
ATOM   149  O  OH  . TYR A 1 22  ? -8.648  -23.187 13.389  1   26.704  ? 37  TYR A OH  1 
ATOM   150  N  N   . ALA A 1 23  ? -3.511  -19.566 12.444  1   22.516  ? 38  ALA A N   1 
ATOM   151  C  CA  . ALA A 1 23  ? -3.769  -18.812 11.229  1   23.855  ? 38  ALA A CA  1 
ATOM   152  C  C   . ALA A 1 23  ? -4.048  -19.797 10.099  1   24.958  ? 38  ALA A C   1 
ATOM   153  O  O   . ALA A 1 23  ? -3.428  -20.859 10.029  1   25.042  ? 38  ALA A O   1 
ATOM   154  C  CB  . ALA A 1 23  ? -2.564  -17.936 10.854  1   25.986  ? 38  ALA A CB  1 
ATOM   155  N  N   . MET A 1 24  ? -4.983  -19.436 9.221   1   26.038  ? 39  MET A N   1 
ATOM   156  C  CA  . MET A 1 24  ? -5.305  -20.304 8.087   1   28.499  ? 39  MET A CA  1 
ATOM   157  C  C   . MET A 1 24  ? -5.641  -21.724 8.539   1   26.739  ? 39  MET A C   1 
ATOM   158  O  O   . MET A 1 24  ? -5.196  -22.700 7.935   1   32.351  ? 39  MET A O   1 
ATOM   159  C  CB  . MET A 1 24  ? -4.194  -20.294 7.020   1   27.263  ? 39  MET A CB  1 
ATOM   160  C  CG  . MET A 1 24  ? -4.127  -18.922 6.389   1   35.174  ? 39  MET A CG  1 
ATOM   161  S  SD  . MET A 1 24  ? -2.526  -18.576 5.658   1   40.71   ? 39  MET A SD  1 
ATOM   162  C  CE  . MET A 1 24  ? -1.538  -18.258 7.105   1   37.98   ? 39  MET A CE  1 
ATOM   163  N  N   . ASP A 1 25  ? -6.396  -21.833 9.620   1   30.154  ? 40  ASP A N   1 
ATOM   164  C  CA  . ASP A 1 25  ? -6.890  -23.101 10.148  1   37.798  ? 40  ASP A CA  1 
ATOM   165  C  C   . ASP A 1 25  ? -5.785  -24.002 10.664  1   36.498  ? 40  ASP A C   1 
ATOM   166  O  O   . ASP A 1 25  ? -6.042  -25.174 10.901  1   31.286  ? 40  ASP A O   1 
ATOM   167  C  CB  . ASP A 1 25  ? -7.684  -23.895 9.124   1   48.782  ? 40  ASP A CB  1 
ATOM   168  C  CG  . ASP A 1 25  ? -8.835  -23.114 8.552   1   53.595  ? 40  ASP A CG  1 
ATOM   169  O  OD1 . ASP A 1 25  ? -9.477  -22.394 9.355   1   50.453  ? 40  ASP A OD1 1 
ATOM   170  O  OD2 . ASP A 1 25  ? -9.059  -23.242 7.317   1   55.261  ? 40  ASP A OD2 1 
ATOM   171  N  N   . SER A 1 26  ? -4.577  -23.457 10.868  1   31.988  ? 41  SER A N   1 
ATOM   172  C  CA  . SER A 1 26  ? -3.435  -24.269 11.258  1   33.427  ? 41  SER A CA  1 
ATOM   173  C  C   . SER A 1 26  ? -2.767  -23.620 12.476  1   28.152  ? 41  SER A C   1 
ATOM   174  O  O   . SER A 1 26  ? -2.962  -22.428 12.739  1   25.785  ? 41  SER A O   1 
ATOM   175  C  CB  . SER A 1 26  ? -2.451  -24.418 10.096  1   32.489  ? 41  SER A CB  1 
ATOM   176  O  OG  . SER A 1 26  ? -2.960  -25.305 9.116   1   38.758  ? 41  SER A OG  1 
ATOM   177  N  N   . TYR A 1 27  ? -2.021  -24.418 13.230  1   26.836  ? 42  TYR A N   1 
ATOM   178  C  CA  . TYR A 1 27  ? -1.147  -23.923 14.293  1   26.65   ? 42  TYR A CA  1 
ATOM   179  C  C   . TYR A 1 27  ? 0.269   -23.777 13.756  1   25.68   ? 42  TYR A C   1 
ATOM   180  O  O   . TYR A 1 27  ? 0.667   -24.503 12.840  1   27.186  ? 42  TYR A O   1 
ATOM   181  C  CB  . TYR A 1 27  ? -1.131  -24.908 15.472  1   25.818  ? 42  TYR A CB  1 
ATOM   182  C  CG  . TYR A 1 27  ? -2.505  -25.042 16.085  1   27.853  ? 42  TYR A CG  1 
ATOM   183  C  CD1 . TYR A 1 27  ? -3.393  -25.997 15.610  1   28.847  ? 42  TYR A CD1 1 
ATOM   184  C  CD2 . TYR A 1 27  ? -2.918  -24.205 17.110  1   29.56   ? 42  TYR A CD2 1 
ATOM   185  C  CE1 . TYR A 1 27  ? -4.671  -26.106 16.156  1   31.419  ? 42  TYR A CE1 1 
ATOM   186  C  CE2 . TYR A 1 27  ? -4.188  -24.334 17.681  1   27.818  ? 42  TYR A CE2 1 
ATOM   187  C  CZ  . TYR A 1 27  ? -5.067  -25.272 17.186  1   31.531  ? 42  TYR A CZ  1 
ATOM   188  O  OH  . TYR A 1 27  ? -6.319  -25.405 17.735  1   34.776  ? 42  TYR A OH  1 
ATOM   189  N  N   . TRP A 1 28  ? 1.041   -22.853 14.351  1   23.66   ? 43  TRP A N   1 
ATOM   190  C  CA  . TRP A 1 28  ? 2.395   -22.538 13.886  1   24.068  ? 43  TRP A CA  1 
ATOM   191  C  C   . TRP A 1 28  ? 3.311   -22.182 15.054  1   22.405  ? 43  TRP A C   1 
ATOM   192  O  O   . TRP A 1 28  ? 2.906   -21.385 15.913  1   24.009  ? 43  TRP A O   1 
ATOM   193  C  CB  . TRP A 1 28  ? 2.373   -21.299 12.975  1   20.793  ? 43  TRP A CB  1 
ATOM   194  C  CG  . TRP A 1 28  ? 1.380   -21.345 11.853  1   21.45   ? 43  TRP A CG  1 
ATOM   195  C  CD1 . TRP A 1 28  ? 0.025   -21.140 11.938  1   23.394  ? 43  TRP A CD1 1 
ATOM   196  C  CD2 . TRP A 1 28  ? 1.675   -21.562 10.468  1   23.163  ? 43  TRP A CD2 1 
ATOM   197  N  NE1 . TRP A 1 28  ? -0.540  -21.249 10.694  1   22.531  ? 43  TRP A NE1 1 
ATOM   198  C  CE2 . TRP A 1 28  ? 0.453   -21.525 9.780   1   25.021  ? 43  TRP A CE2 1 
ATOM   199  C  CE3 . TRP A 1 28  ? 2.847   -21.816 9.751   1   26.535  ? 43  TRP A CE3 1 
ATOM   200  C  CZ2 . TRP A 1 28  ? 0.365   -21.704 8.399   1   24.833  ? 43  TRP A CZ2 1 
ATOM   201  C  CZ3 . TRP A 1 28  ? 2.764   -21.990 8.377   1   25.649  ? 43  TRP A CZ3 1 
ATOM   202  C  CH2 . TRP A 1 28  ? 1.531   -21.948 7.710   1   24.635  ? 43  TRP A CH2 1 
ATOM   203  N  N   . HIS A 1 29  ? 4.567   -22.635 15.012  1   23.92   ? 44  HIS A N   1 
ATOM   204  C  CA  . HIS A 1 29  ? 5.604   -21.874 15.720  1   23.294  ? 44  HIS A CA  1 
ATOM   205  C  C   . HIS A 1 29  ? 5.637   -20.490 15.098  1   24.329  ? 44  HIS A C   1 
ATOM   206  O  O   . HIS A 1 29  ? 5.522   -20.350 13.886  1   23.859  ? 44  HIS A O   1 
ATOM   207  C  CB  . HIS A 1 29  ? 7.008   -22.485 15.525  1   25.672  ? 44  HIS A CB  1 
ATOM   208  C  CG  . HIS A 1 29  ? 7.168   -23.869 16.055  1   28.289  ? 44  HIS A CG  1 
ATOM   209  N  ND1 . HIS A 1 29  ? 7.208   -24.978 15.238  1   30.766  ? 44  HIS A ND1 1 
ATOM   210  C  CD2 . HIS A 1 29  ? 7.400   -24.323 17.319  1   26.488  ? 44  HIS A CD2 1 
ATOM   211  C  CE1 . HIS A 1 29  ? 7.447   -26.069 15.968  1   27.616  ? 44  HIS A CE1 1 
ATOM   212  N  NE2 . HIS A 1 29  ? 7.561   -25.690 17.241  1   27.966  ? 44  HIS A NE2 1 
ATOM   213  N  N   . SER A 1 30  ? 5.794   -19.451 15.908  1   25.225  ? 45  SER A N   1 
ATOM   214  C  CA  . SER A 1 30  ? 5.790   -18.119 15.307  1   25.964  ? 45  SER A CA  1 
ATOM   215  C  C   . SER A 1 30  ? 6.908   -17.997 14.254  1   26.429  ? 45  SER A C   1 
ATOM   216  O  O   . SER A 1 30  ? 6.700   -17.416 13.180  1   26.369  ? 45  SER A O   1 
ATOM   217  C  CB  . SER A 1 30  ? 5.911   -17.031 16.367  1   26.554  ? 45  SER A CB  1 
ATOM   218  O  OG  . SER A 1 30  ? 5.855   -15.785 15.708  1   29.769  ? 45  SER A OG  1 
ATOM   219  N  N   . ARG A 1 31  ? 8.085   -18.532 14.536  1   25.189  ? 46  ARG A N   1 
ATOM   220  C  CA  . ARG A 1 31  ? 9.200   -18.465 13.592  1   27.123  ? 46  ARG A CA  1 
ATOM   221  C  C   . ARG A 1 31  ? 8.887   -19.167 12.262  1   28.752  ? 46  ARG A C   1 
ATOM   222  O  O   . ARG A 1 31  ? 9.532   -18.889 11.252  1   30.027  ? 46  ARG A O   1 
ATOM   223  C  CB  . ARG A 1 31  ? 10.468  -19.102 14.178  1   28.916  ? 46  ARG A CB  1 
ATOM   224  C  CG  . ARG A 1 31  ? 10.275  -20.554 14.594  1   29.906  ? 46  ARG A CG  1 
ATOM   225  C  CD  . ARG A 1 31  ? 11.490  -21.121 15.327  1   31.236  ? 46  ARG A CD  1 
ATOM   226  N  NE  . ARG A 1 31  ? 11.124  -22.380 16.014  1   31.801  ? 46  ARG A NE  1 
ATOM   227  C  CZ  . ARG A 1 31  ? 11.118  -23.585 15.457  1   36.829  ? 46  ARG A CZ  1 
ATOM   228  N  NH1 . ARG A 1 31  ? 11.509  -23.760 14.201  1   35.448  ? 46  ARG A NH1 1 
ATOM   229  N  NH2 . ARG A 1 31  ? 10.738  -24.628 16.171  1   35.988  ? 46  ARG A NH2 1 
ATOM   230  N  N   . CYS A 1 32  ? 7.894   -20.052 12.239  1   27.68   ? 47  CYS A N   1 
ATOM   231  C  CA  . CYS A 1 32  ? 7.581   -20.810 11.038  1   28.924  ? 47  CYS A CA  1 
ATOM   232  C  C   . CYS A 1 32  ? 6.513   -20.149 10.167  1   28.815  ? 47  CYS A C   1 
ATOM   233  O  O   . CYS A 1 32  ? 6.243   -20.643 9.069   1   27.924  ? 47  CYS A O   1 
ATOM   234  C  CB  . CYS A 1 32  ? 7.098   -22.207 11.399  1   29.283  ? 47  CYS A CB  1 
ATOM   235  S  SG  . CYS A 1 32  ? 8.393   -23.198 12.172  1   28.727  ? 47  CYS A SG  1 
ATOM   236  N  N   . LEU A 1 33  ? 5.860   -19.093 10.640  1   24.538  ? 48  LEU A N   1 
ATOM   237  C  CA  . LEU A 1 33  ? 4.861   -18.405 9.822   1   27.991  ? 48  LEU A CA  1 
ATOM   238  C  C   . LEU A 1 33  ? 5.502   -17.140 9.257   1   26.841  ? 48  LEU A C   1 
ATOM   239  O  O   . LEU A 1 33  ? 5.581   -16.103 9.941   1   27.954  ? 48  LEU A O   1 
ATOM   240  C  CB  . LEU A 1 33  ? 3.604   -18.118 10.640  1   23.151  ? 48  LEU A CB  1 
ATOM   241  C  CG  . LEU A 1 33  ? 2.493   -17.396 9.866   1   27.372  ? 48  LEU A CG  1 
ATOM   242  C  CD1 . LEU A 1 33  ? 2.053   -18.179 8.620   1   24.773  ? 48  LEU A CD1 1 
ATOM   243  C  CD2 . LEU A 1 33  ? 1.310   -17.070 10.749  1   25.326  ? 48  LEU A CD2 1 
ATOM   244  N  N   . LYS A 1 34  ? 5.980   -17.241 8.011   1   25.558  ? 49  LYS A N   1 
ATOM   245  C  CA  . LYS A 1 34  ? 6.823   -16.200 7.410   1   29.744  ? 49  LYS A CA  1 
ATOM   246  C  C   . LYS A 1 34  ? 6.290   -15.794 6.042   1   28.807  ? 49  LYS A C   1 
ATOM   247  O  O   . LYS A 1 34  ? 5.693   -16.600 5.318   1   25.573  ? 49  LYS A O   1 
ATOM   248  C  CB  . LYS A 1 34  ? 8.255   -16.686 7.147   1   30.448  ? 49  LYS A CB  1 
ATOM   249  C  CG  . LYS A 1 34  ? 9.038   -16.984 8.367   1   42.177  ? 49  LYS A CG  1 
ATOM   250  C  CD  . LYS A 1 34  ? 10.338  -17.732 8.021   1   59.395  ? 49  LYS A CD  1 
ATOM   251  C  CE  . LYS A 1 34  ? 10.117  -19.194 7.668   1   64.676  ? 49  LYS A CE  1 
ATOM   252  N  NZ  . LYS A 1 34  ? 11.307  -20.024 7.441   1   68.175  ? 49  LYS A NZ  1 
ATOM   253  N  N   . CYS A 1 35  ? 6.536   -14.526 5.688   1   23.361  ? 50  CYS A N   1 
ATOM   254  C  CA  . CYS A 1 35  ? 6.221   -14.065 4.352   1   22.873  ? 50  CYS A CA  1 
ATOM   255  C  C   . CYS A 1 35  ? 7.053   -14.808 3.319   1   26.427  ? 50  CYS A C   1 
ATOM   256  O  O   . CYS A 1 35  ? 8.263   -14.942 3.470   1   25.222  ? 50  CYS A O   1 
ATOM   257  C  CB  . CYS A 1 35  ? 6.497   -12.580 4.238   1   23.624  ? 50  CYS A CB  1 
ATOM   258  S  SG  . CYS A 1 35  ? 6.143   -11.911 2.598   1   25.945  ? 50  CYS A SG  1 
ATOM   259  N  N   . SER A 1 36  ? 6.391   -15.302 2.277   1   25.764  ? 51  SER A N   1 
ATOM   260  C  CA  . SER A 1 36  ? 7.076   -16.003 1.200   1   27.242  ? 51  SER A CA  1 
ATOM   261  C  C   . SER A 1 36  ? 8.123   -15.123 0.516   1   28.009  ? 51  SER A C   1 
ATOM   262  O  O   . SER A 1 36  ? 9.154   -15.609 0.045   1   26.667  ? 51  SER A O   1 
ATOM   263  C  CB  . SER A 1 36  ? 6.050   -16.454 0.165   1   28.761  ? 51  SER A CB  1 
ATOM   264  O  OG  . SER A 1 36  ? 5.161   -17.396 0.737   1   26.195  ? 51  SER A OG  1 
ATOM   265  N  N   . SER A 1 37  ? 7.829   -13.834 0.385   1   26.834  ? 52  SER A N   1 
ATOM   266  C  CA  . SER A 1 37  ? 8.707   -12.925 -0.358  1   30.561  ? 52  SER A CA  1 
ATOM   267  C  C   . SER A 1 37  ? 9.848   -12.386 0.515   1   34.088  ? 52  SER A C   1 
ATOM   268  O  O   . SER A 1 37  ? 11.012  -12.433 0.106   1   35.142  ? 52  SER A O   1 
ATOM   269  C  CB  . SER A 1 37  ? 7.888   -11.787 -0.931  1   29.763  ? 52  SER A CB  1 
ATOM   270  O  OG  . SER A 1 37  ? 8.723   -10.863 -1.602  1   32.692  ? 52  SER A OG  1 
ATOM   271  N  N   . CYS A 1 38  ? 9.528   -11.818 1.690   1   27.408  ? 53  CYS A N   1 
ATOM   272  C  CA  . CYS A 1 38  ? 10.530  -11.090 2.465   1   27.659  ? 53  CYS A CA  1 
ATOM   273  C  C   . CYS A 1 38  ? 10.949  -11.793 3.752   1   29.592  ? 53  CYS A C   1 
ATOM   274  O  O   . CYS A 1 38  ? 11.841  -11.306 4.451   1   31.661  ? 53  CYS A O   1 
ATOM   275  C  CB  . CYS A 1 38  ? 10.056  -9.685  2.801   1   31.019  ? 53  CYS A CB  1 
ATOM   276  S  SG  . CYS A 1 38  ? 8.781   -9.684  4.105   1   30.193  ? 53  CYS A SG  1 
ATOM   277  N  N   . GLN A 1 39  ? 10.348  -12.949 4.064   1   26.67   ? 54  GLN A N   1 
ATOM   278  C  CA  A GLN A 1 39  ? 10.748  -13.749 5.217   0.5 26.338  ? 54  GLN A CA  1 
ATOM   279  C  CA  B GLN A 1 39  ? 10.681  -13.787 5.209   0.5 26.91   ? 54  GLN A CA  1 
ATOM   280  C  C   . GLN A 1 39  ? 10.336  -13.136 6.564   1   26.038  ? 54  GLN A C   1 
ATOM   281  O  O   . GLN A 1 39  ? 10.737  -13.640 7.601   1   26.679  ? 54  GLN A O   1 
ATOM   282  C  CB  A GLN A 1 39  ? 12.255  -14.031 5.266   0.5 27.994  ? 54  GLN A CB  1 
ATOM   283  C  CB  B GLN A 1 39  ? 12.098  -14.346 5.012   0.5 30.945  ? 54  GLN A CB  1 
ATOM   284  C  CG  A GLN A 1 39  ? 12.696  -15.097 4.268   0.5 29.209  ? 54  GLN A CG  1 
ATOM   285  C  CG  B GLN A 1 39  ? 12.186  -15.384 3.891   0.5 29.205  ? 54  GLN A CG  1 
ATOM   286  C  CD  A GLN A 1 39  ? 12.647  -14.579 2.852   0.5 30.435  ? 54  GLN A CD  1 
ATOM   287  C  CD  B GLN A 1 39  ? 11.435  -16.660 4.205   0.5 32.568  ? 54  GLN A CD  1 
ATOM   288  O  OE1 A GLN A 1 39  ? 13.364  -13.636 2.491   0.5 33.689  ? 54  GLN A OE1 1 
ATOM   289  O  OE1 B GLN A 1 39  ? 11.892  -17.457 5.027   0.5 41.753  ? 54  GLN A OE1 1 
ATOM   290  N  NE2 A GLN A 1 39  ? 11.786  -15.179 2.047   0.5 30.037  ? 54  GLN A NE2 1 
ATOM   291  N  NE2 B GLN A 1 39  ? 10.291  -16.896 3.565   0.5 30.676  ? 54  GLN A NE2 1 
ATOM   292  N  N   . ALA A 1 40  ? 9.571   -12.032 6.585   1   25.794  ? 55  ALA A N   1 
ATOM   293  C  CA  . ALA A 1 40  ? 9.209   -11.411 7.870   1   28.24   ? 55  ALA A CA  1 
ATOM   294  C  C   . ALA A 1 40  ? 8.389   -12.392 8.711   1   26.455  ? 55  ALA A C   1 
ATOM   295  O  O   . ALA A 1 40  ? 7.665   -13.247 8.168   1   24.573  ? 55  ALA A O   1 
ATOM   296  C  CB  . ALA A 1 40  ? 8.388   -10.164 7.647   1   23.918  ? 55  ALA A CB  1 
ATOM   297  N  N   . GLN A 1 41  ? 8.497   -12.282 10.038  1   26.954  ? 56  GLN A N   1 
ATOM   298  C  CA  . GLN A 1 41  ? 7.710   -13.144 10.921  1   26.652  ? 56  GLN A CA  1 
ATOM   299  C  C   . GLN A 1 41  ? 6.338   -12.502 11.114  1   22.388  ? 56  GLN A C   1 
ATOM   300  O  O   . GLN A 1 41  ? 6.191   -11.491 11.841  1   27.658  ? 56  GLN A O   1 
ATOM   301  C  CB  . GLN A 1 41  ? 8.417   -13.374 12.259  1   28.963  ? 56  GLN A CB  1 
ATOM   302  C  CG  . GLN A 1 41  ? 9.639   -14.271 12.090  1   31.961  ? 56  GLN A CG  1 
ATOM   303  C  CD  . GLN A 1 41  ? 10.261  -14.688 13.405  1   30.268  ? 56  GLN A CD  1 
ATOM   304  O  OE1 . GLN A 1 41  ? 9.725   -14.440 14.482  1   41.078  ? 56  GLN A OE1 1 
ATOM   305  N  NE2 . GLN A 1 41  ? 11.390  -15.353 13.338  1   33.069  ? 56  GLN A NE2 1 
ATOM   306  N  N   . LEU A 1 42  ? 5.329   -13.060 10.428  1   24.005  ? 57  LEU A N   1 
ATOM   307  C  CA  . LEU A 1 42  ? 4.059   -12.377 10.242  1   22.172  ? 57  LEU A CA  1 
ATOM   308  C  C   . LEU A 1 42  ? 3.368   -12.053 11.565  1   22.422  ? 57  LEU A C   1 
ATOM   309  O  O   . LEU A 1 42  ? 2.680   -11.015 11.671  1   23.258  ? 57  LEU A O   1 
ATOM   310  C  CB  . LEU A 1 42  ? 3.139   -13.229 9.350   1   20.885  ? 57  LEU A CB  1 
ATOM   311  C  CG  . LEU A 1 42  ? 3.715   -13.388 7.941   1   27.283  ? 57  LEU A CG  1 
ATOM   312  C  CD1 . LEU A 1 42  ? 2.833   -14.292 7.047   1   30.28   ? 57  LEU A CD1 1 
ATOM   313  C  CD2 . LEU A 1 42  ? 3.892   -11.996 7.295   1   26.731  ? 57  LEU A CD2 1 
ATOM   314  N  N   . GLY A 1 43  ? 3.486   -12.965 12.552  1   24.614  ? 58  GLY A N   1 
ATOM   315  C  CA  . GLY A 1 43  ? 2.775   -12.795 13.822  1   26.238  ? 58  GLY A CA  1 
ATOM   316  C  C   . GLY A 1 43  ? 3.339   -11.675 14.695  1   28.355  ? 58  GLY A C   1 
ATOM   317  O  O   . GLY A 1 43  ? 2.659   -11.237 15.619  1   27.771  ? 58  GLY A O   1 
ATOM   318  N  N   . ASP A 1 44  ? 4.558   -11.223 14.400  1   28.848  ? 59  ASP A N   1 
ATOM   319  C  CA  . ASP A 1 44  ? 5.142   -10.097 15.119  1   28.042  ? 59  ASP A CA  1 
ATOM   320  C  C   . ASP A 1 44  ? 4.994   -8.800  14.350  1   29.67   ? 59  ASP A C   1 
ATOM   321  O  O   . ASP A 1 44  ? 4.875   -7.747  14.964  1   31.174  ? 59  ASP A O   1 
ATOM   322  C  CB  . ASP A 1 44  ? 6.624   -10.297 15.429  1   30.205  ? 59  ASP A CB  1 
ATOM   323  C  CG  . ASP A 1 44  ? 6.882   -11.478 16.356  1   34.09   ? 59  ASP A CG  1 
ATOM   324  O  OD1 . ASP A 1 44  ? 6.057   -11.669 17.288  1   31.475  ? 59  ASP A OD1 1 
ATOM   325  O  OD2 . ASP A 1 44  ? 7.878   -12.224 16.131  1   35.223  ? 59  ASP A OD2 1 
ATOM   326  N  N   . ILE A 1 45  ? 5.118   -8.831  13.020  1   29.48   ? 60  ILE A N   1 
ATOM   327  C  CA  . ILE A 1 45  ? 5.108   -7.557  12.307  1   33.351  ? 60  ILE A CA  1 
ATOM   328  C  C   . ILE A 1 45  ? 3.691   -6.988  12.200  1   37.449  ? 60  ILE A C   1 
ATOM   329  O  O   . ILE A 1 45  ? 3.519   -5.774  12.119  1   39.55   ? 60  ILE A O   1 
ATOM   330  C  CB  . ILE A 1 45  ? 5.805   -7.652  10.937  1   31.977  ? 60  ILE A CB  1 
ATOM   331  C  CG1 . ILE A 1 45  ? 5.068   -8.582  9.985   1   31.962  ? 60  ILE A CG1 1 
ATOM   332  C  CG2 . ILE A 1 45  ? 7.238   -8.132  11.124  1   28.839  ? 60  ILE A CG2 1 
ATOM   333  C  CD1 . ILE A 1 45  ? 5.260   -8.217  8.536   1   30.328  ? 60  ILE A CD1 1 
ATOM   334  N  N   . GLY A 1 46  ? 2.664   -7.833  12.202  1   34.024  ? 61  GLY A N   1 
ATOM   335  C  CA  . GLY A 1 46  ? 1.324   -7.305  12.034  1   26.849  ? 61  GLY A CA  1 
ATOM   336  C  C   . GLY A 1 46  ? 0.319   -8.293  12.579  1   27.084  ? 61  GLY A C   1 
ATOM   337  O  O   . GLY A 1 46  ? 0.682   -9.234  13.274  1   28.574  ? 61  GLY A O   1 
ATOM   338  N  N   . THR A 1 47  ? -0.950  -8.079  12.240  1   26.748  ? 62  THR A N   1 
ATOM   339  C  CA  . THR A 1 47  ? -2.052  -8.880  12.765  1   32.503  ? 62  THR A CA  1 
ATOM   340  C  C   . THR A 1 47  ? -2.648  -9.842  11.738  1   32.554  ? 62  THR A C   1 
ATOM   341  O  O   . THR A 1 47  ? -3.594  -10.559 12.082  1   30.754  ? 62  THR A O   1 
ATOM   342  C  CB  . THR A 1 47  ? -3.177  -7.988  13.298  1   38.36   ? 62  THR A CB  1 
ATOM   343  O  OG1 . THR A 1 47  ? -3.607  -7.112  12.263  1   40.238  ? 62  THR A OG1 1 
ATOM   344  C  CG2 . THR A 1 47  ? -2.719  -7.236  14.526  1   49.835  ? 62  THR A CG2 1 
ATOM   345  N  N   . SER A 1 48  ? -2.149  -9.857  10.500  1   28.024  ? 63  SER A N   1 
ATOM   346  C  CA  . SER A 1 48  ? -2.779  -10.749 9.536   1   30.216  ? 63  SER A CA  1 
ATOM   347  C  C   . SER A 1 48  ? -1.749  -11.144 8.474   1   30.721  ? 63  SER A C   1 
ATOM   348  O  O   . SER A 1 48  ? -0.670  -10.555 8.364   1   29.799  ? 63  SER A O   1 
ATOM   349  C  CB  . SER A 1 48  ? -3.974  -10.078 8.876   1   29.135  ? 63  SER A CB  1 
ATOM   350  O  OG  . SER A 1 48  ? -3.521  -9.006  8.068   1   34.072  ? 63  SER A OG  1 
ATOM   351  N  N   . SER A 1 49  ? -2.132  -12.146 7.690   1   28.69   ? 64  SER A N   1 
ATOM   352  C  CA  . SER A 1 49  ? -1.390  -12.582 6.530   1   29.648  ? 64  SER A CA  1 
ATOM   353  C  C   . SER A 1 49  ? -2.323  -12.516 5.311   1   30.938  ? 64  SER A C   1 
ATOM   354  O  O   . SER A 1 49  ? -3.538  -12.330 5.448   1   31.545  ? 64  SER A O   1 
ATOM   355  C  CB  . SER A 1 49  ? -0.820  -13.975 6.748   1   29.332  ? 64  SER A CB  1 
ATOM   356  O  OG  . SER A 1 49  ? -1.891  -14.898 6.926   1   36.144  ? 64  SER A OG  1 
ATOM   357  N  N   . TYR A 1 50  ? -1.752  -12.659 4.110   1   28.569  ? 65  TYR A N   1 
ATOM   358  C  CA  . TYR A 1 50  ? -2.548  -12.721 2.890   1   26.315  ? 65  TYR A CA  1 
ATOM   359  C  C   . TYR A 1 50  ? -2.185  -13.984 2.125   1   32.827  ? 65  TYR A C   1 
ATOM   360  O  O   . TYR A 1 50  ? -1.001  -14.296 1.975   1   32.501  ? 65  TYR A O   1 
ATOM   361  C  CB  . TYR A 1 50  ? -2.261  -11.506 2.014   1   29.074  ? 65  TYR A CB  1 
ATOM   362  C  CG  . TYR A 1 50  ? -2.852  -10.257 2.612   1   31.526  ? 65  TYR A CG  1 
ATOM   363  C  CD1 . TYR A 1 50  ? -2.196  -9.599  3.633   1   30.319  ? 65  TYR A CD1 1 
ATOM   364  C  CD2 . TYR A 1 50  ? -4.075  -9.764  2.170   1   31.961  ? 65  TYR A CD2 1 
ATOM   365  C  CE1 . TYR A 1 50  ? -2.750  -8.468  4.199   1   36.013  ? 65  TYR A CE1 1 
ATOM   366  C  CE2 . TYR A 1 50  ? -4.636  -8.623  2.736   1   30.254  ? 65  TYR A CE2 1 
ATOM   367  C  CZ  . TYR A 1 50  ? -3.953  -7.967  3.732   1   35.415  ? 65  TYR A CZ  1 
ATOM   368  O  OH  . TYR A 1 50  ? -4.485  -6.845  4.302   1   35.746  ? 65  TYR A OH  1 
ATOM   369  N  N   . THR A 1 51  ? -3.198  -14.726 1.674   1   30.972  ? 66  THR A N   1 
ATOM   370  C  CA  . THR A 1 51  ? -2.971  -15.936 0.886   1   29.339  ? 66  THR A CA  1 
ATOM   371  C  C   . THR A 1 51  ? -3.385  -15.730 -0.571  1   31.566  ? 66  THR A C   1 
ATOM   372  O  O   . THR A 1 51  ? -4.496  -15.322 -0.851  1   31.134  ? 66  THR A O   1 
ATOM   373  C  CB  . THR A 1 51  ? -3.691  -17.119 1.537   1   34.226  ? 66  THR A CB  1 
ATOM   374  O  OG1 . THR A 1 51  ? -3.433  -18.306 0.802   1   47.273  ? 66  THR A OG1 1 
ATOM   375  C  CG2 . THR A 1 51  ? -5.182  -16.876 1.607   1   32.348  ? 66  THR A CG2 1 
ATOM   376  N  N   . LYS A 1 52  ? -2.470  -16.018 -1.501  1   34.098  ? 67  LYS A N   1 
ATOM   377  C  CA  . LYS A 1 52  ? -2.781  -15.917 -2.926  1   33.573  ? 67  LYS A CA  1 
ATOM   378  C  C   . LYS A 1 52  ? -1.704  -16.632 -3.724  1   34.229  ? 67  LYS A C   1 
ATOM   379  O  O   . LYS A 1 52  ? -0.507  -16.498 -3.425  1   31.877  ? 67  LYS A O   1 
ATOM   380  C  CB  . LYS A 1 52  ? -2.791  -14.441 -3.352  1   36.606  ? 67  LYS A CB  1 
ATOM   381  C  CG  . LYS A 1 52  ? -3.200  -14.234 -4.800  1   42.232  ? 67  LYS A CG  1 
ATOM   382  C  CD  . LYS A 1 52  ? -4.247  -13.155 -4.975  1   47.74   ? 67  LYS A CD  1 
ATOM   383  C  CE  . LYS A 1 52  ? -4.617  -12.937 -6.419  1   52.058  ? 67  LYS A CE  1 
ATOM   384  N  NZ  . LYS A 1 52  ? -5.836  -13.617 -6.858  1   47.998  ? 67  LYS A NZ  1 
ATOM   385  N  N   . SER A 1 53  ? -2.144  -17.384 -4.748  1   36.205  ? 68  SER A N   1 
ATOM   386  C  CA  . SER A 1 53  ? -1.269  -18.015 -5.747  1   35.903  ? 68  SER A CA  1 
ATOM   387  C  C   . SER A 1 53  ? -0.158  -18.869 -5.116  1   35.169  ? 68  SER A C   1 
ATOM   388  O  O   . SER A 1 53  ? 0.999   -18.866 -5.589  1   34.378  ? 68  SER A O   1 
ATOM   389  C  CB  . SER A 1 53  ? -0.664  -16.982 -6.680  1   35.725  ? 68  SER A CB  1 
ATOM   390  O  OG  . SER A 1 53  ? -1.642  -16.263 -7.405  1   47.097  ? 68  SER A OG  1 
ATOM   391  N  N   . GLY A 1 54  ? -0.500  -19.595 -4.045  1   33.843  ? 69  GLY A N   1 
ATOM   392  C  CA  . GLY A 1 54  ? 0.464   -20.487 -3.405  1   34.768  ? 69  GLY A CA  1 
ATOM   393  C  C   . GLY A 1 54  ? 1.359   -19.823 -2.356  1   37.484  ? 69  GLY A C   1 
ATOM   394  O  O   . GLY A 1 54  ? 2.172   -20.517 -1.722  1   33.569  ? 69  GLY A O   1 
ATOM   395  N  N   . MET A 1 55  ? 1.220   -18.507 -2.167  1   28.318  ? 70  MET A N   1 
ATOM   396  C  CA  . MET A 1 55  ? 2.077   -17.759 -1.269  1   30.142  ? 70  MET A CA  1 
ATOM   397  C  C   . MET A 1 55  ? 1.337   -17.354 0.003   1   27.406  ? 70  MET A C   1 
ATOM   398  O  O   . MET A 1 55  ? 0.117   -17.308 0.044   1   27.939  ? 70  MET A O   1 
ATOM   399  C  CB  . MET A 1 55  ? 2.572   -16.495 -1.988  1   30.268  ? 70  MET A CB  1 
ATOM   400  C  CG  . MET A 1 55  ? 3.369   -16.787 -3.237  1   30.104  ? 70  MET A CG  1 
ATOM   401  S  SD  . MET A 1 55  ? 3.849   -15.239 -4.021  1   34.626  ? 70  MET A SD  1 
ATOM   402  C  CE  . MET A 1 55  ? 2.385   -14.812 -4.949  1   30.056  ? 70  MET A CE  1 
ATOM   403  N  N   . ILE A 1 56  ? 2.113   -17.101 1.062   1   25.969  ? 71  ILE A N   1 
ATOM   404  C  CA  . ILE A 1 56  ? 1.625   -16.507 2.311   1   27.445  ? 71  ILE A CA  1 
ATOM   405  C  C   . ILE A 1 56  ? 2.436   -15.227 2.454   1   25.454  ? 71  ILE A C   1 
ATOM   406  O  O   . ILE A 1 56  ? 3.672   -15.292 2.492   1   27.439  ? 71  ILE A O   1 
ATOM   407  C  CB  . ILE A 1 56  ? 1.838   -17.425 3.523   1   27.725  ? 71  ILE A CB  1 
ATOM   408  C  CG1 . ILE A 1 56  ? 1.043   -18.719 3.332   1   32.791  ? 71  ILE A CG1 1 
ATOM   409  C  CG2 . ILE A 1 56  ? 1.381   -16.716 4.784   1   28.784  ? 71  ILE A CG2 1 
ATOM   410  C  CD1 . ILE A 1 56  ? 1.312   -19.740 4.405   1   36.859  ? 71  ILE A CD1 1 
ATOM   411  N  N   . LEU A 1 57  ? 1.753   -14.077 2.460   1   24.981  ? 72  LEU A N   1 
ATOM   412  C  CA  . LEU A 1 57  ? 2.434   -12.797 2.296   1   26.773  ? 72  LEU A CA  1 
ATOM   413  C  C   . LEU A 1 57  ? 2.142   -11.825 3.443   1   27.367  ? 72  LEU A C   1 
ATOM   414  O  O   . LEU A 1 57  ? 1.019   -11.768 3.966   1   24.41   ? 72  LEU A O   1 
ATOM   415  C  CB  . LEU A 1 57  ? 1.988   -12.150 0.987   1   25.446  ? 72  LEU A CB  1 
ATOM   416  C  CG  . LEU A 1 57  ? 2.351   -12.922 -0.281  1   28.452  ? 72  LEU A CG  1 
ATOM   417  C  CD1 . LEU A 1 57  ? 1.687   -12.302 -1.516  1   24.886  ? 72  LEU A CD1 1 
ATOM   418  C  CD2 . LEU A 1 57  ? 3.863   -12.968 -0.438  1   22.239  ? 72  LEU A CD2 1 
ATOM   419  N  N   . CYS A 1 58  ? 3.132   -10.981 3.758   1   24.235  ? 73  CYS A N   1 
ATOM   420  C  CA  . CYS A 1 58  ? 2.826   -9.821  4.594   1   27.901  ? 73  CYS A CA  1 
ATOM   421  C  C   . CYS A 1 58  ? 1.996   -8.827  3.790   1   30.927  ? 73  CYS A C   1 
ATOM   422  O  O   . CYS A 1 58  ? 1.856   -8.938  2.574   1   26.643  ? 73  CYS A O   1 
ATOM   423  C  CB  . CYS A 1 58  ? 4.102   -9.157  5.094   1   29.068  ? 73  CYS A CB  1 
ATOM   424  S  SG  . CYS A 1 58  ? 5.103   -8.309  3.812   1   27.733  ? 73  CYS A SG  1 
ATOM   425  N  N   . ARG A 1 59  ? 1.418   -7.833  4.477   1   28.164  ? 74  ARG A N   1 
ATOM   426  C  CA  A ARG A 1 59  ? 0.574   -6.861  3.794   0.5 30.938  ? 74  ARG A CA  1 
ATOM   427  C  CA  B ARG A 1 59  ? 0.580   -6.841  3.811   0.5 30.451  ? 74  ARG A CA  1 
ATOM   428  C  C   . ARG A 1 59  ? 1.361   -6.098  2.721   1   29.854  ? 74  ARG A C   1 
ATOM   429  O  O   . ARG A 1 59  ? 0.877   -5.904  1.601   1   31.683  ? 74  ARG A O   1 
ATOM   430  C  CB  A ARG A 1 59  ? -0.128  -5.905  4.771   0.5 32.696  ? 74  ARG A CB  1 
ATOM   431  C  CB  B ARG A 1 59  ? -0.039  -5.863  4.824   0.5 30.78   ? 74  ARG A CB  1 
ATOM   432  C  CG  A ARG A 1 59  ? -1.158  -5.050  4.035   0.5 34.839  ? 74  ARG A CG  1 
ATOM   433  C  CG  B ARG A 1 59  ? -0.884  -4.770  4.169   0.5 32.595  ? 74  ARG A CG  1 
ATOM   434  C  CD  A ARG A 1 59  ? -1.984  -4.263  5.051   0.5 42.776  ? 74  ARG A CD  1 
ATOM   435  C  CD  B ARG A 1 59  ? -1.692  -4.033  5.250   0.5 37.474  ? 74  ARG A CD  1 
ATOM   436  N  NE  A ARG A 1 59  ? -3.110  -3.503  4.493   0.5 37.234  ? 74  ARG A NE  1 
ATOM   437  N  NE  B ARG A 1 59  ? -2.824  -4.829  5.753   0.5 33.77   ? 74  ARG A NE  1 
ATOM   438  C  CZ  A ARG A 1 59  ? -3.000  -2.194  4.308   0.5 37.872  ? 74  ARG A CZ  1 
ATOM   439  C  CZ  B ARG A 1 59  ? -3.317  -4.700  6.977   0.5 33.64   ? 74  ARG A CZ  1 
ATOM   440  N  NH1 A ARG A 1 59  ? -1.831  -1.626  4.507   0.5 39.469  ? 74  ARG A NH1 1 
ATOM   441  N  NH1 B ARG A 1 59  ? -2.825  -3.771  7.776   0.5 33.099  ? 74  ARG A NH1 1 
ATOM   442  N  NH2 A ARG A 1 59  ? -4.026  -1.464  3.919   0.5 36.848  ? 74  ARG A NH2 1 
ATOM   443  N  NH2 B ARG A 1 59  ? -4.281  -5.491  7.407   0.5 28.521  ? 74  ARG A NH2 1 
ATOM   444  N  N   . ASN A 1 60  ? 2.565   -5.638  3.055   1   28.846  ? 75  ASN A N   1 
ATOM   445  C  CA  . ASN A 1 60  ? 3.302   -4.829  2.088   1   30.197  ? 75  ASN A CA  1 
ATOM   446  C  C   . ASN A 1 60  ? 3.624   -5.611  0.815   1   34.439  ? 75  ASN A C   1 
ATOM   447  O  O   . ASN A 1 60  ? 3.529   -5.077  -0.292  1   30.134  ? 75  ASN A O   1 
ATOM   448  C  CB  . ASN A 1 60  ? 4.576   -4.320  2.747   1   36.133  ? 75  ASN A CB  1 
ATOM   449  C  CG  . ASN A 1 60  ? 4.263   -3.241  3.767   1   44.849  ? 75  ASN A CG  1 
ATOM   450  O  OD1 . ASN A 1 60  ? 3.208   -2.586  3.713   1   44.909  ? 75  ASN A OD1 1 
ATOM   451  N  ND2 . ASN A 1 60  ? 5.149   -3.064  4.729   1   42.116  ? 75  ASN A ND2 1 
ATOM   452  N  N   . ASP A 1 61  ? 4.010   -6.884  0.951   1   30.52   ? 76  ASP A N   1 
ATOM   453  C  CA  . ASP A 1 61  ? 4.303   -7.634  -0.270  1   26.431  ? 76  ASP A CA  1 
ATOM   454  C  C   . ASP A 1 61  ? 3.037   -8.040  -1.006  1   26.145  ? 76  ASP A C   1 
ATOM   455  O  O   . ASP A 1 61  ? 3.078   -8.252  -2.213  1   26.794  ? 76  ASP A O   1 
ATOM   456  C  CB  . ASP A 1 61  ? 5.187   -8.821  0.036   1   25.719  ? 76  ASP A CB  1 
ATOM   457  C  CG  . ASP A 1 61  ? 6.624   -8.395  0.262   1   29.046  ? 76  ASP A CG  1 
ATOM   458  O  OD1 . ASP A 1 61  ? 7.160   -7.684  -0.602  1   31.199  ? 76  ASP A OD1 1 
ATOM   459  O  OD2 . ASP A 1 61  ? 7.199   -8.742  1.290   1   28.927  ? 76  ASP A OD2 1 
ATOM   460  N  N   . TYR A 1 62  ? 1.923   -8.237  -0.291  1   27.89   ? 77  TYR A N   1 
ATOM   461  C  CA  . TYR A 1 62  ? 0.669   -8.475  -0.978  1   26.664  ? 77  TYR A CA  1 
ATOM   462  C  C   . TYR A 1 62  ? 0.298   -7.260  -1.830  1   32.936  ? 77  TYR A C   1 
ATOM   463  O  O   . TYR A 1 62  ? -0.103  -7.398  -2.989  1   30.517  ? 77  TYR A O   1 
ATOM   464  C  CB  . TYR A 1 62  ? -0.461  -8.737  0.017   1   25.733  ? 77  TYR A CB  1 
ATOM   465  C  CG  . TYR A 1 62  ? -1.819  -8.971  -0.622  1   30.431  ? 77  TYR A CG  1 
ATOM   466  C  CD1 . TYR A 1 62  ? -2.123  -10.169 -1.255  1   31.644  ? 77  TYR A CD1 1 
ATOM   467  C  CD2 . TYR A 1 62  ? -2.823  -7.989  -0.564  1   34.285  ? 77  TYR A CD2 1 
ATOM   468  C  CE1 . TYR A 1 62  ? -3.378  -10.396 -1.820  1   34.691  ? 77  TYR A CE1 1 
ATOM   469  C  CE2 . TYR A 1 62  ? -4.074  -8.201  -1.121  1   32.373  ? 77  TYR A CE2 1 
ATOM   470  C  CZ  . TYR A 1 62  ? -4.351  -9.407  -1.738  1   34.542  ? 77  TYR A CZ  1 
ATOM   471  O  OH  . TYR A 1 62  ? -5.587  -9.646  -2.275  1   33.186  ? 77  TYR A OH  1 
ATOM   472  N  N   . ILE A 1 63  ? 0.434   -6.071  -1.258  1   33.339  ? 78  ILE A N   1 
ATOM   473  C  CA  . ILE A 1 63  ? 0.129   -4.851  -2.014  1   37.923  ? 78  ILE A CA  1 
ATOM   474  C  C   . ILE A 1 63  ? 1.085   -4.762  -3.192  1   34.924  ? 78  ILE A C   1 
ATOM   475  O  O   . ILE A 1 63  ? 0.634   -4.542  -4.305  1   34.069  ? 78  ILE A O   1 
ATOM   476  C  CB  . ILE A 1 63  ? 0.238   -3.602  -1.123  1   35.565  ? 78  ILE A CB  1 
ATOM   477  C  CG1 . ILE A 1 63  ? -0.877  -3.605  -0.074  1   38.71   ? 78  ILE A CG1 1 
ATOM   478  C  CG2 . ILE A 1 63  ? 0.200   -2.324  -1.960  1   40.254  ? 78  ILE A CG2 1 
ATOM   479  C  CD1 . ILE A 1 63  ? -0.681  -2.561  1.020   1   38.356  ? 78  ILE A CD1 1 
ATOM   480  N  N   . ARG A 1 64  ? 2.372   -4.979  -2.938  1   31.32   ? 79  ARG A N   1 
ATOM   481  C  CA  . ARG A 1 64  ? 3.368   -4.821  -3.991  1   29.521  ? 79  ARG A CA  1 
ATOM   482  C  C   . ARG A 1 64  ? 3.115   -5.791  -5.152  1   38.179  ? 79  ARG A C   1 
ATOM   483  O  O   . ARG A 1 64  ? 3.215   -5.406  -6.314  1   35.474  ? 79  ARG A O   1 
ATOM   484  C  CB  . ARG A 1 64  ? 4.765   -5.053  -3.419  1   31.079  ? 79  ARG A CB  1 
ATOM   485  C  CG  . ARG A 1 64  ? 5.878   -4.855  -4.437  1   32.812  ? 79  ARG A CG  1 
ATOM   486  C  CD  . ARG A 1 64  ? 7.262   -5.082  -3.833  1   34.09   ? 79  ARG A CD  1 
ATOM   487  N  NE  . ARG A 1 64  ? 7.455   -6.446  -3.321  1   33.292  ? 79  ARG A NE  1 
ATOM   488  C  CZ  . ARG A 1 64  ? 7.808   -7.504  -4.044  1   40.728  ? 79  ARG A CZ  1 
ATOM   489  N  NH1 . ARG A 1 64  ? 8.048   -7.404  -5.354  1   38.415  ? 79  ARG A NH1 1 
ATOM   490  N  NH2 . ARG A 1 64  ? 7.979   -8.676  -3.441  1   35.209  ? 79  ARG A NH2 1 
ATOM   491  N  N   . LEU A 1 65  ? 2.784   -7.053  -4.852  1   37.089  ? 80  LEU A N   1 
ATOM   492  C  CA  . LEU A 1 65  ? 2.634   -8.045  -5.907  1   35.803  ? 80  LEU A CA  1 
ATOM   493  C  C   . LEU A 1 65  ? 1.245   -8.035  -6.539  1   36.31   ? 80  LEU A C   1 
ATOM   494  O  O   . LEU A 1 65  ? 1.095   -8.500  -7.669  1   37.671  ? 80  LEU A O   1 
ATOM   495  C  CB  . LEU A 1 65  ? 2.961   -9.456  -5.395  1   35.738  ? 80  LEU A CB  1 
ATOM   496  C  CG  . LEU A 1 65  ? 4.420   -9.728  -5.027  1   39.037  ? 80  LEU A CG  1 
ATOM   497  C  CD1 . LEU A 1 65  ? 4.551   -11.056 -4.310  1   34.544  ? 80  LEU A CD1 1 
ATOM   498  C  CD2 . LEU A 1 65  ? 5.291   -9.710  -6.287  1   33.08   ? 80  LEU A CD2 1 
ATOM   499  N  N   . PHE A 1 66  ? 0.214   -7.594  -5.816  1   35.107  ? 81  PHE A N   1 
ATOM   500  C  CA  . PHE A 1 66  ? -1.151  -7.748  -6.313  1   38.373  ? 81  PHE A CA  1 
ATOM   501  C  C   . PHE A 1 66  ? -1.989  -6.468  -6.288  1   35.929  ? 81  PHE A C   1 
ATOM   502  O  O   . PHE A 1 66  ? -3.120  -6.500  -6.755  1   36.942  ? 81  PHE A O   1 
ATOM   503  C  CB  . PHE A 1 66  ? -1.894  -8.847  -5.561  1   34.484  ? 81  PHE A CB  1 
ATOM   504  C  CG  . PHE A 1 66  ? -1.270  -10.190 -5.743  1   34.519  ? 81  PHE A CG  1 
ATOM   505  C  CD1 . PHE A 1 66  ? -1.381  -10.837 -6.957  1   37.058  ? 81  PHE A CD1 1 
ATOM   506  C  CD2 . PHE A 1 66  ? -0.537  -10.771 -4.725  1   32.533  ? 81  PHE A CD2 1 
ATOM   507  C  CE1 . PHE A 1 66  ? -0.810  -12.073 -7.138  1   36.877  ? 81  PHE A CE1 1 
ATOM   508  C  CE2 . PHE A 1 66  ? 0.052   -12.006 -4.919  1   35.362  ? 81  PHE A CE2 1 
ATOM   509  C  CZ  . PHE A 1 66  ? -0.091  -12.666 -6.122  1   39.978  ? 81  PHE A CZ  1 
ATOM   510  N  N   . GLY A 1 67  ? -1.520  -5.404  -5.650  1   39.545  ? 82  GLY A N   1 
ATOM   511  C  CA  . GLY A 1 67  ? -2.263  -4.163  -5.669  1   50.594  ? 82  GLY A CA  1 
ATOM   512  C  C   . GLY A 1 67  ? -2.168  -3.497  -7.040  1   46.9    ? 82  GLY A C   1 
ATOM   513  O  O   . GLY A 1 67  ? -1.308  -3.817  -7.862  1   44.132  ? 82  GLY A O   1 
ATOM   514  N  N   . ASN A 1 68  ? -3.074  -2.550  -7.273  1   48.325  ? 83  ASN A N   1 
ATOM   515  C  CA  . ASN A 1 68  ? -3.161  -1.849  -8.547  1   46.832  ? 83  ASN A CA  1 
ATOM   516  C  C   . ASN A 1 68  ? -2.087  -0.767  -8.621  1   40.832  ? 83  ASN A C   1 
ATOM   517  O  O   . ASN A 1 68  ? -2.189  0.275   -7.971  1   46.584  ? 83  ASN A O   1 
ATOM   518  C  CB  . ASN A 1 68  ? -4.559  -1.273  -8.756  1   54.003  ? 83  ASN A CB  1 
ATOM   519  C  CG  . ASN A 1 68  ? -5.618  -2.345  -8.919  1   66.057  ? 83  ASN A CG  1 
ATOM   520  O  OD1 . ASN A 1 68  ? -5.352  -3.409  -9.499  1   67.995  ? 83  ASN A OD1 1 
ATOM   521  N  ND2 . ASN A 1 68  ? -6.819  -2.092  -8.410  1   68.603  ? 83  ASN A ND2 1 
ATOM   522  N  N   . SER A 1 69  ? -1.035  -1.038  -9.396  1   41.118  ? 84  SER A N   1 
ATOM   523  C  CA  . SER A 1 69  ? -0.074  -0.007  -9.737  1   42.071  ? 84  SER A CA  1 
ATOM   524  C  C   . SER A 1 69  ? -0.671  0.891   -10.817 1   48.665  ? 84  SER A C   1 
ATOM   525  O  O   . SER A 1 69  ? -1.663  0.550   -11.455 1   43.339  ? 84  SER A O   1 
ATOM   526  C  CB  . SER A 1 69  ? 1.228   -0.604  -10.234 1   44.313  ? 84  SER A CB  1 
ATOM   527  O  OG  . SER A 1 69  ? 0.997   -1.327  -11.432 1   51.358  ? 84  SER A OG  1 
ATOM   528  N  N   . GLY A 1 70  ? -0.042  2.057   -11.007 1   53.217  ? 85  GLY A N   1 
ATOM   529  C  CA  . GLY A 1 70  ? -0.481  3.012   -12.013 1   50.352  ? 85  GLY A CA  1 
ATOM   530  C  C   . GLY A 1 70  ? 0.687   3.584   -12.810 1   48.023  ? 85  GLY A C   1 
ATOM   531  O  O   . GLY A 1 70  ? 1.744   2.968   -12.910 1   47.781  ? 85  GLY A O   1 
ATOM   532  N  N   . ALA A 1 71  ? 0.496   4.772   -13.381 1   46.011  ? 86  ALA A N   1 
ATOM   533  C  CA  . ALA A 1 71  ? 1.546   5.410   -14.162 1   50.087  ? 86  ALA A CA  1 
ATOM   534  C  C   . ALA A 1 71  ? 1.380   6.923   -14.081 1   46.098  ? 86  ALA A C   1 
ATOM   535  O  O   . ALA A 1 71  ? 0.262   7.436   -14.047 1   46.29   ? 86  ALA A O   1 
ATOM   536  C  CB  . ALA A 1 71  ? 1.493   4.944   -15.609 1   50.832  ? 86  ALA A CB  1 
ATOM   537  N  N   . CYS A 1 72  ? 2.516   7.625   -14.057 1   40.149  ? 87  CYS A N   1 
ATOM   538  C  CA  . CYS A 1 72  ? 2.529   9.074   -13.920 1   45.513  ? 87  CYS A CA  1 
ATOM   539  C  C   . CYS A 1 72  ? 2.189   9.740   -15.257 1   45.954  ? 87  CYS A C   1 
ATOM   540  O  O   . CYS A 1 72  ? 2.811   9.436   -16.275 1   47.512  ? 87  CYS A O   1 
ATOM   541  C  CB  . CYS A 1 72  ? 3.893   9.521   -13.433 1   39.677  ? 87  CYS A CB  1 
ATOM   542  S  SG  . CYS A 1 72  ? 3.984   11.291  -13.167 1   48.427  ? 87  CYS A SG  1 
ATOM   543  N  N   . SER A 1 73  ? 1.184   10.622  -15.256 1   42.443  ? 88  SER A N   1 
ATOM   544  C  CA  . SER A 1 73  ? 0.787   11.317  -16.478 1   42.986  ? 88  SER A CA  1 
ATOM   545  C  C   . SER A 1 73  ? 1.847   12.302  -16.970 1   46.891  ? 88  SER A C   1 
ATOM   546  O  O   . SER A 1 73  ? 1.864   12.641  -18.149 1   47.421  ? 88  SER A O   1 
ATOM   547  C  CB  . SER A 1 73  ? -0.517  12.078  -16.283 1   41.413  ? 88  SER A CB  1 
ATOM   548  O  OG  . SER A 1 73  ? -1.635  11.225  -16.330 1   40.921  ? 88  SER A OG  1 
ATOM   549  N  N   . ALA A 1 74  ? 2.727   12.760  -16.079 1   47.103  ? 89  ALA A N   1 
ATOM   550  C  CA  . ALA A 1 74  ? 3.767   13.711  -16.444 1   46.501  ? 89  ALA A CA  1 
ATOM   551  C  C   . ALA A 1 74  ? 4.954   13.007  -17.098 1   51.366  ? 89  ALA A C   1 
ATOM   552  O  O   . ALA A 1 74  ? 5.399   13.399  -18.178 1   50.018  ? 89  ALA A O   1 
ATOM   553  C  CB  . ALA A 1 74  ? 4.213   14.503  -15.217 1   46.434  ? 89  ALA A CB  1 
ATOM   554  N  N   . CYS A 1 75  ? 5.536   12.015  -16.409 1   52.85   ? 90  CYS A N   1 
ATOM   555  C  CA  . CYS A 1 75  ? 6.759   11.384  -16.881 1   47.572  ? 90  CYS A CA  1 
ATOM   556  C  C   . CYS A 1 75  ? 6.534   10.024  -17.545 1   45.636  ? 90  CYS A C   1 
ATOM   557  O  O   . CYS A 1 75  ? 7.482   9.464   -18.112 1   47.053  ? 90  CYS A O   1 
ATOM   558  C  CB  . CYS A 1 75  ? 7.780   11.246  -15.756 1   54.743  ? 90  CYS A CB  1 
ATOM   559  S  SG  . CYS A 1 75  ? 7.313   9.990   -14.545 1   51.247  ? 90  CYS A SG  1 
ATOM   560  N  N   . GLY A 1 76  ? 5.325   9.467   -17.467 1   44.11   ? 91  GLY A N   1 
ATOM   561  C  CA  . GLY A 1 76  ? 5.040   8.212   -18.144 1   45.585  ? 91  GLY A CA  1 
ATOM   562  C  C   . GLY A 1 76  ? 5.478   6.937   -17.421 1   50.867  ? 91  GLY A C   1 
ATOM   563  O  O   . GLY A 1 76  ? 5.177   5.844   -17.913 1   45.63   ? 91  GLY A O   1 
ATOM   564  N  N   . GLN A 1 77  ? 6.178   7.048   -16.285 1   50.754  ? 92  GLN A N   1 
ATOM   565  C  CA  . GLN A 1 77  ? 6.708   5.873   -15.612 1   56.07   ? 92  GLN A CA  1 
ATOM   566  C  C   . GLN A 1 77  ? 5.700   5.274   -14.636 1   55.382  ? 92  GLN A C   1 
ATOM   567  O  O   . GLN A 1 77  ? 4.897   5.984   -14.031 1   52.038  ? 92  GLN A O   1 
ATOM   568  C  CB  . GLN A 1 77  ? 8.012   6.196   -14.879 1   54.208  ? 92  GLN A CB  1 
ATOM   569  C  CG  . GLN A 1 77  ? 9.076   6.858   -15.747 1   57.997  ? 92  GLN A CG  1 
ATOM   570  C  CD  . GLN A 1 77  ? 9.345   6.125   -17.051 1   66.646  ? 92  GLN A CD  1 
ATOM   571  O  OE1 . GLN A 1 77  ? 10.105  5.149   -17.104 1   71.488  ? 92  GLN A OE1 1 
ATOM   572  N  NE2 . GLN A 1 77  ? 8.735   6.605   -18.133 1   65.968  ? 92  GLN A NE2 1 
ATOM   573  N  N   . SER A 1 78  ? 5.743   3.947   -14.503 1   53.73   ? 93  SER A N   1 
ATOM   574  C  CA  . SER A 1 78  ? 4.899   3.210   -13.564 1   53.662  ? 93  SER A CA  1 
ATOM   575  C  C   . SER A 1 78  ? 5.012   3.768   -12.142 1   50.843  ? 93  SER A C   1 
ATOM   576  O  O   . SER A 1 78  ? 6.027   4.361   -11.757 1   49.435  ? 93  SER A O   1 
ATOM   577  C  CB  . SER A 1 78  ? 5.211   1.722   -13.613 1   48.436  ? 93  SER A CB  1 
ATOM   578  O  OG  . SER A 1 78  ? 6.579   1.498   -13.333 1   62.338  ? 93  SER A OG  1 
ATOM   579  N  N   . ILE A 1 79  ? 3.928   3.630   -11.373 1   48.266  ? 94  ILE A N   1 
ATOM   580  C  CA  . ILE A 1 79  ? 3.887   4.007   -9.971  1   50.029  ? 94  ILE A CA  1 
ATOM   581  C  C   . ILE A 1 79  ? 3.485   2.785   -9.148  1   55.776  ? 94  ILE A C   1 
ATOM   582  O  O   . ILE A 1 79  ? 2.445   2.186   -9.419  1   56.311  ? 94  ILE A O   1 
ATOM   583  C  CB  . ILE A 1 79  ? 2.911   5.165   -9.709  1   47.901  ? 94  ILE A CB  1 
ATOM   584  C  CG1 . ILE A 1 79  ? 3.253   6.400   -10.550 1   55.764  ? 94  ILE A CG1 1 
ATOM   585  C  CG2 . ILE A 1 79  ? 2.903   5.510   -8.225  1   46.803  ? 94  ILE A CG2 1 
ATOM   586  C  CD1 . ILE A 1 79  ? 2.186   7.491   -10.467 1   43.996  ? 94  ILE A CD1 1 
ATOM   587  N  N   . PRO A 1 80  ? 4.320   2.312   -8.202  1   60.264  ? 95  PRO A N   1 
ATOM   588  C  CA  . PRO A 1 80  ? 3.908   1.178   -7.362  1   53.835  ? 95  PRO A CA  1 
ATOM   589  C  C   . PRO A 1 80  ? 2.653   1.494   -6.550  1   49.197  ? 95  PRO A C   1 
ATOM   590  O  O   . PRO A 1 80  ? 2.441   2.632   -6.115  1   51.246  ? 95  PRO A O   1 
ATOM   591  C  CB  . PRO A 1 80  ? 5.110   0.947   -6.438  1   57.042  ? 95  PRO A CB  1 
ATOM   592  C  CG  . PRO A 1 80  ? 6.260   1.674   -7.089  1   60.648  ? 95  PRO A CG  1 
ATOM   593  C  CD  . PRO A 1 80  ? 5.691   2.783   -7.920  1   52.932  ? 95  PRO A CD  1 
ATOM   594  N  N   . ALA A 1 81  ? 1.843   0.462   -6.288  1   46.872  ? 96  ALA A N   1 
ATOM   595  C  CA  . ALA A 1 81  ? 0.670   0.569   -5.422  1   50.181  ? 96  ALA A CA  1 
ATOM   596  C  C   . ALA A 1 81  ? 0.966   1.207   -4.066  1   45.452  ? 96  ALA A C   1 
ATOM   597  O  O   . ALA A 1 81  ? 0.089   1.847   -3.477  1   44.44   ? 96  ALA A O   1 
ATOM   598  C  CB  . ALA A 1 81  ? 0.034   -0.805  -5.222  1   46.24   ? 96  ALA A CB  1 
ATOM   599  N  N   . SER A 1 82  ? 2.185   1.021   -3.548  1   45.794  ? 97  SER A N   1 
ATOM   600  C  CA  . SER A 1 82  ? 2.559   1.523   -2.227  1   48.866  ? 97  SER A CA  1 
ATOM   601  C  C   . SER A 1 82  ? 2.881   3.015   -2.213  1   60.884  ? 97  SER A C   1 
ATOM   602  O  O   . SER A 1 82  ? 2.998   3.587   -1.127  1   48.885  ? 97  SER A O   1 
ATOM   603  C  CB  . SER A 1 82  ? 3.753   0.784   -1.670  1   48.489  ? 97  SER A CB  1 
ATOM   604  O  OG  . SER A 1 82  ? 4.879   0.962   -2.528  1   54.076  ? 97  SER A OG  1 
ATOM   605  N  N   . GLU A 1 83  ? 3.021   3.652   -3.387  1   60.478  ? 98  GLU A N   1 
ATOM   606  C  CA  . GLU A 1 83  ? 3.525   5.013   -3.436  1   51.307  ? 98  GLU A CA  1 
ATOM   607  C  C   . GLU A 1 83  ? 2.393   6.026   -3.337  1   49.89   ? 98  GLU A C   1 
ATOM   608  O  O   . GLU A 1 83  ? 1.312   5.831   -3.893  1   55.727  ? 98  GLU A O   1 
ATOM   609  C  CB  . GLU A 1 83  ? 4.301   5.242   -4.727  1   50.77   ? 98  GLU A CB  1 
ATOM   610  C  CG  . GLU A 1 83  ? 4.959   6.608   -4.746  1   51.278  ? 98  GLU A CG  1 
ATOM   611  C  CD  . GLU A 1 83  ? 5.914   6.777   -5.906  1   58.134  ? 98  GLU A CD  1 
ATOM   612  O  OE1 . GLU A 1 83  ? 6.454   5.762   -6.415  1   51.854  ? 98  GLU A OE1 1 
ATOM   613  O  OE2 . GLU A 1 83  ? 6.113   7.938   -6.302  1   55.107  ? 98  GLU A OE2 1 
ATOM   614  N  N   . LEU A 1 84  ? 2.640   7.089   -2.577  1   49.481  ? 99  LEU A N   1 
ATOM   615  C  CA  . LEU A 1 84  ? 1.717   8.213   -2.535  1   53.759  ? 99  LEU A CA  1 
ATOM   616  C  C   . LEU A 1 84  ? 1.780   8.953   -3.868  1   55.333  ? 99  LEU A C   1 
ATOM   617  O  O   . LEU A 1 84  ? 2.852   9.110   -4.447  1   56.401  ? 99  LEU A O   1 
ATOM   618  C  CB  . LEU A 1 84  ? 2.055   9.165   -1.391  1   50.099  ? 99  LEU A CB  1 
ATOM   619  C  CG  . LEU A 1 84  ? 1.731   8.719   0.037   1   49.99   ? 99  LEU A CG  1 
ATOM   620  C  CD1 . LEU A 1 84  ? 2.311   9.752   0.999   1   47.365  ? 99  LEU A CD1 1 
ATOM   621  C  CD2 . LEU A 1 84  ? 0.233   8.650   0.266   1   48.191  ? 99  LEU A CD2 1 
ATOM   622  N  N   . VAL A 1 85  ? 0.623   9.389   -4.361  1   49.323  ? 100 VAL A N   1 
ATOM   623  C  CA  . VAL A 1 85  ? 0.552   10.100  -5.629  1   47.926  ? 100 VAL A CA  1 
ATOM   624  C  C   . VAL A 1 85  ? -0.290  11.358  -5.463  1   47.639  ? 100 VAL A C   1 
ATOM   625  O  O   . VAL A 1 85  ? -1.081  11.491  -4.524  1   51.439  ? 100 VAL A O   1 
ATOM   626  C  CB  . VAL A 1 85  ? -0.043  9.217   -6.739  1   44.236  ? 100 VAL A CB  1 
ATOM   627  C  CG1 . VAL A 1 85  ? 0.848   8.034   -6.998  1   43.193  ? 100 VAL A CG1 1 
ATOM   628  C  CG2 . VAL A 1 85  ? -1.449  8.760   -6.349  1   46.105  ? 100 VAL A CG2 1 
ATOM   629  N  N   . MET A 1 86  ? -0.090  12.299  -6.382  1   45.711  ? 101 MET A N   1 
ATOM   630  C  CA  . MET A 1 86  ? -0.980  13.442  -6.461  1   47.23   ? 101 MET A CA  1 
ATOM   631  C  C   . MET A 1 86  ? -1.980  13.145  -7.569  1   53.514  ? 101 MET A C   1 
ATOM   632  O  O   . MET A 1 86  ? -1.684  12.392  -8.502  1   47.924  ? 101 MET A O   1 
ATOM   633  C  CB  . MET A 1 86  ? -0.219  14.742  -6.760  1   51.284  ? 101 MET A CB  1 
ATOM   634  C  CG  . MET A 1 86  ? 0.899   15.029  -5.766  1   61.428  ? 101 MET A CG  1 
ATOM   635  S  SD  . MET A 1 86  ? 0.284   15.181  -4.071  1   65.078  ? 101 MET A SD  1 
ATOM   636  C  CE  . MET A 1 86  ? -0.450  16.796  -4.094  1   55.246  ? 101 MET A CE  1 
ATOM   637  N  N   . ARG A 1 87  ? -3.156  13.765  -7.474  1   58.752  ? 102 ARG A N   1 
ATOM   638  C  CA  . ARG A 1 87  ? -4.238  13.481  -8.399  1   52.405  ? 102 ARG A CA  1 
ATOM   639  C  C   . ARG A 1 87  ? -4.695  14.795  -9.001  1   56.124  ? 102 ARG A C   1 
ATOM   640  O  O   . ARG A 1 87  ? -4.779  15.797  -8.297  1   61.183  ? 102 ARG A O   1 
ATOM   641  C  CB  . ARG A 1 87  ? -5.410  12.897  -7.611  1   59.316  ? 102 ARG A CB  1 
ATOM   642  C  CG  . ARG A 1 87  ? -5.202  11.501  -7.025  1   65.457  ? 102 ARG A CG  1 
ATOM   643  C  CD  . ARG A 1 87  ? -6.136  10.429  -7.543  1   69.387  ? 102 ARG A CD  1 
ATOM   644  N  NE  . ARG A 1 87  ? -5.485  9.142   -7.278  1   81.026  ? 102 ARG A NE  1 
ATOM   645  C  CZ  . ARG A 1 87  ? -5.932  7.950   -7.604  1   82.578  ? 102 ARG A CZ  1 
ATOM   646  N  NH1 . ARG A 1 87  ? -7.012  7.838   -8.356  1   88.403  ? 102 ARG A NH1 1 
ATOM   647  N  NH2 . ARG A 1 87  ? -5.234  6.886   -7.240  1   80.264  ? 102 ARG A NH2 1 
ATOM   648  N  N   . ALA A 1 88  ? -5.035  14.792  -10.290 1   53.264  ? 103 ALA A N   1 
ATOM   649  C  CA  . ALA A 1 88  ? -5.675  15.957  -10.894 1   49.068  ? 103 ALA A CA  1 
ATOM   650  C  C   . ALA A 1 88  ? -6.380  15.528  -12.169 1   46.243  ? 103 ALA A C   1 
ATOM   651  O  O   . ALA A 1 88  ? -5.771  14.904  -13.030 1   45.166  ? 103 ALA A O   1 
ATOM   652  C  CB  . ALA A 1 88  ? -4.672  17.063  -11.190 1   43.461  ? 103 ALA A CB  1 
ATOM   653  N  N   . GLN A 1 89  ? -7.658  15.893  -12.288 1   45.561  ? 104 GLN A N   1 
ATOM   654  C  CA  . GLN A 1 89  ? -8.419  15.737  -13.520 1   46.243  ? 104 GLN A CA  1 
ATOM   655  C  C   . GLN A 1 89  ? -8.306  14.308  -14.040 1   49.006  ? 104 GLN A C   1 
ATOM   656  O  O   . GLN A 1 89  ? -8.168  14.069  -15.238 1   49.689  ? 104 GLN A O   1 
ATOM   657  C  CB  . GLN A 1 89  ? -7.950  16.753  -14.558 1   49.851  ? 104 GLN A CB  1 
ATOM   658  C  CG  . GLN A 1 89  ? -8.161  18.175  -14.072 1   59.352  ? 104 GLN A CG  1 
ATOM   659  C  CD  . GLN A 1 89  ? -9.591  18.608  -14.231 1   67.163  ? 104 GLN A CD  1 
ATOM   660  O  OE1 . GLN A 1 89  ? -10.138 18.581  -15.337 1   80.426  ? 104 GLN A OE1 1 
ATOM   661  N  NE2 . GLN A 1 89  ? -10.208 18.983  -13.123 1   69.177  ? 104 GLN A NE2 1 
ATOM   662  N  N   . GLY A 1 90  ? -8.361  13.347  -13.118 1   47.331  ? 105 GLY A N   1 
ATOM   663  C  CA  . GLY A 1 90  ? -8.361  11.944  -13.479 1   48.713  ? 105 GLY A CA  1 
ATOM   664  C  C   . GLY A 1 90  ? -6.988  11.340  -13.742 1   50.046  ? 105 GLY A C   1 
ATOM   665  O  O   . GLY A 1 90  ? -6.916  10.168  -14.080 1   52.965  ? 105 GLY A O   1 
ATOM   666  N  N   . ASN A 1 91  ? -5.913  12.115  -13.568 1   47.648  ? 106 ASN A N   1 
ATOM   667  C  CA  . ASN A 1 91  ? -4.551  11.643  -13.735 1   47.535  ? 106 ASN A CA  1 
ATOM   668  C  C   . ASN A 1 91  ? -3.882  11.466  -12.369 1   49.326  ? 106 ASN A C   1 
ATOM   669  O  O   . ASN A 1 91  ? -4.303  12.044  -11.361 1   47.635  ? 106 ASN A O   1 
ATOM   670  C  CB  . ASN A 1 91  ? -3.723  12.620  -14.561 1   49.063  ? 106 ASN A CB  1 
ATOM   671  C  CG  . ASN A 1 91  ? -4.297  12.850  -15.943 1   64.694  ? 106 ASN A CG  1 
ATOM   672  O  OD1 . ASN A 1 91  ? -4.950  11.966  -16.514 1   57.706  ? 106 ASN A OD1 1 
ATOM   673  N  ND2 . ASN A 1 91  ? -4.052  14.037  -16.497 1   55.991  ? 106 ASN A ND2 1 
ATOM   674  N  N   . VAL A 1 92  ? -2.826  10.656  -12.346 1   48.17   ? 107 VAL A N   1 
ATOM   675  C  CA  . VAL A 1 92  ? -2.000  10.539  -11.158 1   49.799  ? 107 VAL A CA  1 
ATOM   676  C  C   . VAL A 1 92  ? -0.575  10.953  -11.507 1   50.799  ? 107 VAL A C   1 
ATOM   677  O  O   . VAL A 1 92  ? -0.127  10.836  -12.648 1   47.213  ? 107 VAL A O   1 
ATOM   678  C  CB  . VAL A 1 92  ? -2.022  9.127   -10.555 1   50.954  ? 107 VAL A CB  1 
ATOM   679  C  CG1 . VAL A 1 92  ? -3.429  8.796   -10.076 1   47.898  ? 107 VAL A CG1 1 
ATOM   680  C  CG2 . VAL A 1 92  ? -1.500  8.114   -11.551 1   47.979  ? 107 VAL A CG2 1 
ATOM   681  N  N   . TYR A 1 93  ? 0.129   11.462  -10.501 1   44.926  ? 108 TYR A N   1 
ATOM   682  C  CA  . TYR A 1 93  ? 1.460   11.997  -10.707 1   47.467  ? 108 TYR A CA  1 
ATOM   683  C  C   . TYR A 1 93  ? 2.359   11.578  -9.555  1   47.864  ? 108 TYR A C   1 
ATOM   684  O  O   . TYR A 1 93  ? 1.910   11.527  -8.407  1   45.089  ? 108 TYR A O   1 
ATOM   685  C  CB  . TYR A 1 93  ? 1.422   13.523  -10.766 1   44.4    ? 108 TYR A CB  1 
ATOM   686  C  CG  . TYR A 1 93  ? 0.569   14.088  -11.876 1   45.204  ? 108 TYR A CG  1 
ATOM   687  C  CD1 . TYR A 1 93  ? -0.780  14.325  -11.672 1   45.379  ? 108 TYR A CD1 1 
ATOM   688  C  CD2 . TYR A 1 93  ? 1.115   14.367  -13.117 1   44.957  ? 108 TYR A CD2 1 
ATOM   689  C  CE1 . TYR A 1 93  ? -1.563  14.846  -12.679 1   51.594  ? 108 TYR A CE1 1 
ATOM   690  C  CE2 . TYR A 1 93  ? 0.339   14.898  -14.129 1   45.951  ? 108 TYR A CE2 1 
ATOM   691  C  CZ  . TYR A 1 93  ? -1.005  15.140  -13.910 1   50.533  ? 108 TYR A CZ  1 
ATOM   692  O  OH  . TYR A 1 93  ? -1.791  15.655  -14.914 1   55.158  ? 108 TYR A OH  1 
ATOM   693  N  N   . HIS A 1 94  ? 3.625   11.273  -9.869  1   43.291  ? 109 HIS A N   1 
ATOM   694  C  CA  . HIS A 1 94  ? 4.652   11.285  -8.833  1   45.618  ? 109 HIS A CA  1 
ATOM   695  C  C   . HIS A 1 94  ? 4.618   12.634  -8.125  1   56.13   ? 109 HIS A C   1 
ATOM   696  O  O   . HIS A 1 94  ? 4.372   13.675  -8.757  1   58.186  ? 109 HIS A O   1 
ATOM   697  C  CB  . HIS A 1 94  ? 6.045   11.066  -9.435  1   49.599  ? 109 HIS A CB  1 
ATOM   698  C  CG  . HIS A 1 94  ? 6.254   9.714   -10.043 1   52.327  ? 109 HIS A CG  1 
ATOM   699  N  ND1 . HIS A 1 94  ? 6.425   9.521   -11.397 1   56.746  ? 109 HIS A ND1 1 
ATOM   700  C  CD2 . HIS A 1 94  ? 6.372   8.490   -9.472  1   51.318  ? 109 HIS A CD2 1 
ATOM   701  C  CE1 . HIS A 1 94  ? 6.616   8.230   -11.633 1   53.213  ? 109 HIS A CE1 1 
ATOM   702  N  NE2 . HIS A 1 94  ? 6.582   7.584   -10.484 1   56.672  ? 109 HIS A NE2 1 
ATOM   703  N  N   . LEU A 1 95  ? 4.865   12.617  -6.807  1   46.871  ? 110 LEU A N   1 
ATOM   704  C  CA  . LEU A 1 95  ? 4.903   13.870  -6.065  1   52.305  ? 110 LEU A CA  1 
ATOM   705  C  C   . LEU A 1 95  ? 5.856   14.874  -6.715  1   46.825  ? 110 LEU A C   1 
ATOM   706  O  O   . LEU A 1 95  ? 5.538   16.048  -6.846  1   54.353  ? 110 LEU A O   1 
ATOM   707  C  CB  . LEU A 1 95  ? 5.262   13.636  -4.602  1   58.014  ? 110 LEU A CB  1 
ATOM   708  C  CG  . LEU A 1 95  ? 4.050   13.504  -3.677  1   58.863  ? 110 LEU A CG  1 
ATOM   709  C  CD1 . LEU A 1 95  ? 3.159   12.332  -4.079  1   57.172  ? 110 LEU A CD1 1 
ATOM   710  C  CD2 . LEU A 1 95  ? 4.410   13.436  -2.216  1   56.798  ? 110 LEU A CD2 1 
ATOM   711  N  N   . LYS A 1 96  ? 7.038   14.429  -7.124  1   44.782  ? 111 LYS A N   1 
ATOM   712  C  CA  . LYS A 1 96  ? 8.000   15.372  -7.672  1   56.309  ? 111 LYS A CA  1 
ATOM   713  C  C   . LYS A 1 96  ? 7.697   15.751  -9.116  1   55.07   ? 111 LYS A C   1 
ATOM   714  O  O   . LYS A 1 96  ? 8.300   16.682  -9.639  1   58.699  ? 111 LYS A O   1 
ATOM   715  C  CB  . LYS A 1 96  ? 9.470   14.983  -7.492  1   55.898  ? 111 LYS A CB  1 
ATOM   716  C  CG  . LYS A 1 96  ? 9.887   15.178  -6.030  1   77.243  ? 111 LYS A CG  1 
ATOM   717  C  CD  . LYS A 1 96  ? 11.351  14.951  -5.683  1   82.081  ? 111 LYS A CD  1 
ATOM   718  C  CE  . LYS A 1 96  ? 11.560  15.063  -4.192  1   72.336  ? 111 LYS A CE  1 
ATOM   719  N  NZ  . LYS A 1 96  ? 12.927  15.010  -3.659  1   68.548  ? 111 LYS A NZ  1 
ATOM   720  N  N   . CYS A 1 97  ? 6.756   15.060  -9.740  1   52.25   ? 112 CYS A N   1 
ATOM   721  C  CA  . CYS A 1 97  ? 6.320   15.428  -11.070 1   46.079  ? 112 CYS A CA  1 
ATOM   722  C  C   . CYS A 1 97  ? 5.151   16.416  -11.059 1   50.732  ? 112 CYS A C   1 
ATOM   723  O  O   . CYS A 1 97  ? 4.773   16.917  -12.118 1   46.746  ? 112 CYS A O   1 
ATOM   724  C  CB  . CYS A 1 97  ? 5.938   14.176  -11.836 1   43.669  ? 112 CYS A CB  1 
ATOM   725  S  SG  . CYS A 1 97  ? 7.398   13.179  -12.215 1   47.604  ? 112 CYS A SG  1 
ATOM   726  N  N   . PHE A 1 98  ? 4.581   16.705  -9.884  1   45.427  ? 113 PHE A N   1 
ATOM   727  C  CA  . PHE A 1 98  ? 3.402   17.552  -9.787  1   43.669  ? 113 PHE A CA  1 
ATOM   728  C  C   . PHE A 1 98  ? 3.858   19.004  -9.673  1   47.261  ? 113 PHE A C   1 
ATOM   729  O  O   . PHE A 1 98  ? 3.834   19.607  -8.601  1   48.675  ? 113 PHE A O   1 
ATOM   730  C  CB  . PHE A 1 98  ? 2.554   17.078  -8.605  1   41.07   ? 113 PHE A CB  1 
ATOM   731  C  CG  . PHE A 1 98  ? 1.107   17.528  -8.642  1   43.179  ? 113 PHE A CG  1 
ATOM   732  C  CD1 . PHE A 1 98  ? 0.251   17.059  -9.640  1   41.13   ? 113 PHE A CD1 1 
ATOM   733  C  CD2 . PHE A 1 98  ? 0.596   18.381  -7.670  1   44.359  ? 113 PHE A CD2 1 
ATOM   734  C  CE1 . PHE A 1 98  ? -1.078  17.448  -9.671  1   40.246  ? 113 PHE A CE1 1 
ATOM   735  C  CE2 . PHE A 1 98  ? -0.735  18.777  -7.696  1   44.233  ? 113 PHE A CE2 1 
ATOM   736  C  CZ  . PHE A 1 98  ? -1.578  18.303  -8.696  1   39.959  ? 113 PHE A CZ  1 
ATOM   737  N  N   . THR A 1 99  ? 4.304   19.549  -10.811 1   47.14   ? 114 THR A N   1 
ATOM   738  C  CA  . THR A 1 99  ? 4.944   20.882  -10.835 1   50.522  ? 114 THR A CA  1 
ATOM   739  C  C   . THR A 1 99  ? 4.268   21.859  -11.802 1   50.404  ? 114 THR A C   1 
ATOM   740  O  O   . THR A 1 99  ? 3.584   21.426  -12.716 1   46.054  ? 114 THR A O   1 
ATOM   741  C  CB  . THR A 1 99  ? 6.431   20.749  -11.176 1   53.434  ? 114 THR A CB  1 
ATOM   742  O  OG1 . THR A 1 99  ? 6.560   20.148  -12.475 1   49.806  ? 114 THR A OG1 1 
ATOM   743  C  CG2 . THR A 1 99  ? 7.112   19.755  -10.251 1   43.44   ? 114 THR A CG2 1 
ATOM   744  N  N   . CYS A 1 100 ? 4.477   23.159  -11.579 1   45.671  ? 115 CYS A N   1 
ATOM   745  C  CA  . CYS A 1 100 ? 3.986   24.202  -12.471 1   47.49   ? 115 CYS A CA  1 
ATOM   746  C  C   . CYS A 1 100 ? 4.737   24.168  -13.799 1   48.836  ? 115 CYS A C   1 
ATOM   747  O  O   . CYS A 1 100 ? 5.966   24.207  -13.823 1   51.031  ? 115 CYS A O   1 
ATOM   748  C  CB  . CYS A 1 100 ? 4.136   25.567  -11.820 1   55.636  ? 115 CYS A CB  1 
ATOM   749  S  SG  . CYS A 1 100 ? 3.655   26.984  -12.863 1   55.211  ? 115 CYS A SG  1 
ATOM   750  N  N   . SER A 1 101 ? 3.992   24.141  -14.908 1   50.673  ? 116 SER A N   1 
ATOM   751  C  CA  . SER A 1 101 ? 4.610   24.069  -16.228 1   48.974  ? 116 SER A CA  1 
ATOM   752  C  C   . SER A 1 101 ? 5.401   25.335  -16.572 1   56.237  ? 116 SER A C   1 
ATOM   753  O  O   . SER A 1 101 ? 6.278   25.285  -17.431 1   53.066  ? 116 SER A O   1 
ATOM   754  C  CB  . SER A 1 101 ? 3.574   23.778  -17.307 1   49.918  ? 116 SER A CB  1 
ATOM   755  O  OG  . SER A 1 101 ? 3.011   22.482  -17.153 1   55.167  ? 116 SER A OG  1 
ATOM   756  N  N   . THR A 1 102 ? 5.088   26.468  -15.926 1   57.623  ? 117 THR A N   1 
ATOM   757  C  CA  . THR A 1 102 ? 5.768   27.733  -16.186 1   58.597  ? 117 THR A CA  1 
ATOM   758  C  C   . THR A 1 102 ? 7.006   27.932  -15.289 1   60.928  ? 117 THR A C   1 
ATOM   759  O  O   . THR A 1 102 ? 8.117   28.106  -15.792 1   56.43   ? 117 THR A O   1 
ATOM   760  C  CB  . THR A 1 102 ? 4.788   28.903  -16.033 1   60.747  ? 117 THR A CB  1 
ATOM   761  O  OG1 . THR A 1 102 ? 3.700   28.724  -16.944 1   54.551  ? 117 THR A OG1 1 
ATOM   762  C  CG2 . THR A 1 102 ? 5.475   30.226  -16.318 1   56.414  ? 117 THR A CG2 1 
ATOM   763  N  N   . CYS A 1 103 ? 6.828   27.907  -13.960 1   55.8    ? 118 CYS A N   1 
ATOM   764  C  CA  . CYS A 1 103 ? 7.910   28.264  -13.044 1   60.867  ? 118 CYS A CA  1 
ATOM   765  C  C   . CYS A 1 103 ? 8.649   27.054  -12.470 1   61.019  ? 118 CYS A C   1 
ATOM   766  O  O   . CYS A 1 103 ? 9.698   27.209  -11.840 1   67.889  ? 118 CYS A O   1 
ATOM   767  C  CB  . CYS A 1 103 ? 7.397   29.134  -11.892 1   61.266  ? 118 CYS A CB  1 
ATOM   768  S  SG  . CYS A 1 103 ? 6.408   28.269  -10.635 1   60.362  ? 118 CYS A SG  1 
ATOM   769  N  N   . ARG A 1 104 ? 8.076   25.866  -12.630 1   63.496  ? 119 ARG A N   1 
ATOM   770  C  CA  . ARG A 1 104 ? 8.582   24.558  -12.229 1   58.301  ? 119 ARG A CA  1 
ATOM   771  C  C   . ARG A 1 104 ? 8.453   24.275  -10.730 1   49.503  ? 119 ARG A C   1 
ATOM   772  O  O   . ARG A 1 104 ? 8.893   23.207  -10.284 1   49.647  ? 119 ARG A O   1 
ATOM   773  C  CB  . ARG A 1 104 ? 10.009  24.253  -12.702 1   58.934  ? 119 ARG A CB  1 
ATOM   774  C  CG  . ARG A 1 104 ? 10.056  24.127  -14.218 1   80.434  ? 119 ARG A CG  1 
ATOM   775  C  CD  . ARG A 1 104 ? 11.474  24.038  -14.715 1   95.847  ? 119 ARG A CD  1 
ATOM   776  N  NE  . ARG A 1 104 ? 11.286  23.765  -16.142 1   125.095 ? 119 ARG A NE  1 
ATOM   777  C  CZ  . ARG A 1 104 ? 12.241  23.749  -17.052 1   133.883 ? 119 ARG A CZ  1 
ATOM   778  N  NH1 . ARG A 1 104 ? 13.493  24.024  -16.720 1   134.367 ? 119 ARG A NH1 1 
ATOM   779  N  NH2 . ARG A 1 104 ? 11.954  23.460  -18.312 1   127.761 ? 119 ARG A NH2 1 
ATOM   780  N  N   . ASN A 1 105 ? 7.826   25.172  -9.957  1   48.582  ? 120 ASN A N   1 
ATOM   781  C  CA  . ASN A 1 105 ? 7.584   24.912  -8.544  1   54.298  ? 120 ASN A CA  1 
ATOM   782  C  C   . ASN A 1 105 ? 6.760   23.636  -8.344  1   59.983  ? 120 ASN A C   1 
ATOM   783  O  O   . ASN A 1 105 ? 5.780   23.386  -9.054  1   53.229  ? 120 ASN A O   1 
ATOM   784  C  CB  . ASN A 1 105 ? 6.817   26.076  -7.925  1   56.095  ? 120 ASN A CB  1 
ATOM   785  C  CG  . ASN A 1 105 ? 7.702   27.169  -7.386  1   60.611  ? 120 ASN A CG  1 
ATOM   786  O  OD1 . ASN A 1 105 ? 8.862   27.317  -7.802  1   56.345  ? 120 ASN A OD1 1 
ATOM   787  N  ND2 . ASN A 1 105 ? 7.136   27.977  -6.498  1   51.799  ? 120 ASN A ND2 1 
ATOM   788  N  N   . ARG A 1 106 ? 7.170   22.830  -7.367  1   48.254  ? 121 ARG A N   1 
ATOM   789  C  CA  . ARG A 1 106 ? 6.371   21.691  -6.933  1   51.071  ? 121 ARG A CA  1 
ATOM   790  C  C   . ARG A 1 106 ? 5.128   22.174  -6.188  1   54.907  ? 121 ARG A C   1 
ATOM   791  O  O   . ARG A 1 106 ? 5.214   22.966  -5.250  1   56.969  ? 121 ARG A O   1 
ATOM   792  C  CB  . ARG A 1 106 ? 7.243   20.768  -6.069  1   50.529  ? 121 ARG A CB  1 
ATOM   793  C  CG  . ARG A 1 106 ? 6.644   19.417  -5.727  1   56.771  ? 121 ARG A CG  1 
ATOM   794  C  CD  . ARG A 1 106 ? 7.594   18.622  -4.840  1   67.117  ? 121 ARG A CD  1 
ATOM   795  N  NE  . ARG A 1 106 ? 8.954   18.677  -5.388  1   83.723  ? 121 ARG A NE  1 
ATOM   796  C  CZ  . ARG A 1 106 ? 10.090  18.656  -4.676  1   81.7    ? 121 ARG A CZ  1 
ATOM   797  N  NH1 . ARG A 1 106 ? 10.065  18.488  -3.361  1   79.795  ? 121 ARG A NH1 1 
ATOM   798  N  NH2 . ARG A 1 106 ? 11.256  18.806  -5.273  1   71.171  ? 121 ARG A NH2 1 
ATOM   799  N  N   . LEU A 1 107 ? 3.969   21.673  -6.612  1   51.79   ? 122 LEU A N   1 
ATOM   800  C  CA  . LEU A 1 107 ? 2.684   22.013  -6.013  1   50.438  ? 122 LEU A CA  1 
ATOM   801  C  C   . LEU A 1 107 ? 2.381   21.116  -4.813  1   51.223  ? 122 LEU A C   1 
ATOM   802  O  O   . LEU A 1 107 ? 2.645   19.913  -4.845  1   46.784  ? 122 LEU A O   1 
ATOM   803  C  CB  . LEU A 1 107 ? 1.578   21.858  -7.061  1   47.576  ? 122 LEU A CB  1 
ATOM   804  C  CG  . LEU A 1 107 ? 1.699   22.669  -8.355  1   49.32   ? 122 LEU A CG  1 
ATOM   805  C  CD1 . LEU A 1 107 ? 0.692   22.107  -9.336  1   52.044  ? 122 LEU A CD1 1 
ATOM   806  C  CD2 . LEU A 1 107 ? 1.510   24.176  -8.129  1   45.887  ? 122 LEU A CD2 1 
ATOM   807  N  N   . VAL A 1 108 ? 1.838   21.712  -3.749  1   47.703  ? 123 VAL A N   1 
ATOM   808  C  CA  . VAL A 1 108 ? 1.620   20.981  -2.506  1   52.655  ? 123 VAL A CA  1 
ATOM   809  C  C   . VAL A 1 108 ? 0.184   21.180  -2.036  1   50.199  ? 123 VAL A C   1 
ATOM   810  O  O   . VAL A 1 108 ? -0.500  22.130  -2.457  1   49.257  ? 123 VAL A O   1 
ATOM   811  C  CB  . VAL A 1 108 ? 2.630   21.412  -1.414  1   48.546  ? 123 VAL A CB  1 
ATOM   812  C  CG1 . VAL A 1 108 ? 4.063   21.211  -1.910  1   40.673  ? 123 VAL A CG1 1 
ATOM   813  C  CG2 . VAL A 1 108 ? 2.370   22.858  -0.993  1   47.45   ? 123 VAL A CG2 1 
ATOM   814  N  N   . PRO A 1 109 ? -0.301  20.319  -1.115  1   48.343  ? 124 PRO A N   1 
ATOM   815  C  CA  . PRO A 1 109 ? -1.688  20.408  -0.658  1   43.734  ? 124 PRO A CA  1 
ATOM   816  C  C   . PRO A 1 109 ? -2.057  21.801  -0.182  1   46.088  ? 124 PRO A C   1 
ATOM   817  O  O   . PRO A 1 109 ? -1.288  22.455  0.513   1   49.673  ? 124 PRO A O   1 
ATOM   818  C  CB  . PRO A 1 109 ? -1.765  19.384  0.474   1   46.939  ? 124 PRO A CB  1 
ATOM   819  C  CG  . PRO A 1 109 ? -0.719  18.387  0.090   1   49.254  ? 124 PRO A CG  1 
ATOM   820  C  CD  . PRO A 1 109 ? 0.404   19.176  -0.511  1   51.788  ? 124 PRO A CD  1 
ATOM   821  N  N   . GLY A 1 110 ? -3.225  22.268  -0.614  1   45.695  ? 125 GLY A N   1 
ATOM   822  C  CA  . GLY A 1 110 ? -3.711  23.580  -0.245  1   51.452  ? 125 GLY A CA  1 
ATOM   823  C  C   . GLY A 1 110 ? -3.387  24.657  -1.274  1   46.136  ? 125 GLY A C   1 
ATOM   824  O  O   . GLY A 1 110 ? -4.020  25.711  -1.270  1   46.464  ? 125 GLY A O   1 
ATOM   825  N  N   . ASP A 1 111 ? -2.424  24.392  -2.153  1   43.204  ? 126 ASP A N   1 
ATOM   826  C  CA  . ASP A 1 111 ? -2.085  25.327  -3.205  1   48.203  ? 126 ASP A CA  1 
ATOM   827  C  C   . ASP A 1 111 ? -3.247  25.475  -4.187  1   50.789  ? 126 ASP A C   1 
ATOM   828  O  O   . ASP A 1 111 ? -3.984  24.521  -4.444  1   50.547  ? 126 ASP A O   1 
ATOM   829  C  CB  . ASP A 1 111 ? -0.842  24.855  -3.941  1   49.729  ? 126 ASP A CB  1 
ATOM   830  C  CG  . ASP A 1 111 ? 0.439   25.085  -3.169  1   48.884  ? 126 ASP A CG  1 
ATOM   831  O  OD1 . ASP A 1 111 ? 0.390   25.795  -2.156  1   54.436  ? 126 ASP A OD1 1 
ATOM   832  O  OD2 . ASP A 1 111 ? 1.481   24.560  -3.597  1   46.344  ? 126 ASP A OD2 1 
ATOM   833  N  N   . ARG A 1 112 ? -3.419  26.691  -4.715  1   46.77   ? 127 ARG A N   1 
ATOM   834  C  CA  . ARG A 1 112 ? -4.311  26.926  -5.844  1   50.366  ? 127 ARG A CA  1 
ATOM   835  C  C   . ARG A 1 112 ? -3.563  26.670  -7.153  1   49.036  ? 127 ARG A C   1 
ATOM   836  O  O   . ARG A 1 112 ? -2.385  27.000  -7.279  1   48.602  ? 127 ARG A O   1 
ATOM   837  C  CB  . ARG A 1 112 ? -4.852  28.357  -5.785  1   57.446  ? 127 ARG A CB  1 
ATOM   838  C  CG  . ARG A 1 112 ? -5.928  28.590  -4.725  1   65.468  ? 127 ARG A CG  1 
ATOM   839  C  CD  . ARG A 1 112 ? -6.208  30.089  -4.582  1   79.48   ? 127 ARG A CD  1 
ATOM   840  N  NE  . ARG A 1 112 ? -7.616  30.468  -4.423  1   79.064  ? 127 ARG A NE  1 
ATOM   841  C  CZ  . ARG A 1 112 ? -8.264  30.539  -3.275  1   83.001  ? 127 ARG A CZ  1 
ATOM   842  N  NH1 . ARG A 1 112 ? -7.700  30.175  -2.135  1   86.108  ? 127 ARG A NH1 1 
ATOM   843  N  NH2 . ARG A 1 112 ? -9.492  31.033  -3.251  1   83.691  ? 127 ARG A NH2 1 
ATOM   844  N  N   . PHE A 1 113 ? -4.250  26.075  -8.132  1   51.262  ? 128 PHE A N   1 
ATOM   845  C  CA  . PHE A 1 113 ? -3.595  25.784  -9.402  1   47.815  ? 128 PHE A CA  1 
ATOM   846  C  C   . PHE A 1 113 ? -4.622  25.730  -10.527 1   45.044  ? 128 PHE A C   1 
ATOM   847  O  O   . PHE A 1 113 ? -5.829  25.698  -10.282 1   43.022  ? 128 PHE A O   1 
ATOM   848  C  CB  . PHE A 1 113 ? -2.785  24.491  -9.316  1   45.358  ? 128 PHE A CB  1 
ATOM   849  C  CG  . PHE A 1 113 ? -3.628  23.244  -9.381  1   51.071  ? 128 PHE A CG  1 
ATOM   850  C  CD1 . PHE A 1 113 ? -4.358  22.827  -8.275  1   49.313  ? 128 PHE A CD1 1 
ATOM   851  C  CD2 . PHE A 1 113 ? -3.641  22.465  -10.530 1   54.58   ? 128 PHE A CD2 1 
ATOM   852  C  CE1 . PHE A 1 113 ? -5.122  21.680  -8.329  1   50.526  ? 128 PHE A CE1 1 
ATOM   853  C  CE2 . PHE A 1 113 ? -4.396  21.306  -10.577 1   56.939  ? 128 PHE A CE2 1 
ATOM   854  C  CZ  . PHE A 1 113 ? -5.139  20.913  -9.472  1   52.581  ? 128 PHE A CZ  1 
ATOM   855  N  N   . HIS A 1 114 ? -4.116  25.783  -11.768 1   42.495  ? 129 HIS A N   1 
ATOM   856  C  CA  . HIS A 1 114 ? -4.903  25.661  -12.986 1   44.026  ? 129 HIS A CA  1 
ATOM   857  C  C   . HIS A 1 114 ? -4.423  24.451  -13.776 1   43.404  ? 129 HIS A C   1 
ATOM   858  O  O   . HIS A 1 114 ? -3.248  24.085  -13.722 1   41.668  ? 129 HIS A O   1 
ATOM   859  C  CB  . HIS A 1 114 ? -4.797  26.914  -13.879 1   42.62   ? 129 HIS A CB  1 
ATOM   860  C  CG  . HIS A 1 114 ? -5.210  28.180  -13.206 1   42.816  ? 129 HIS A CG  1 
ATOM   861  N  ND1 . HIS A 1 114 ? -4.347  28.922  -12.433 1   52.275  ? 129 HIS A ND1 1 
ATOM   862  C  CD2 . HIS A 1 114 ? -6.378  28.853  -13.199 1   42.051  ? 129 HIS A CD2 1 
ATOM   863  C  CE1 . HIS A 1 114 ? -4.974  29.998  -11.972 1   45.545  ? 129 HIS A CE1 1 
ATOM   864  N  NE2 . HIS A 1 114 ? -6.211  29.966  -12.416 1   47.692  ? 129 HIS A NE2 1 
ATOM   865  N  N   . TYR A 1 115 ? -5.343  23.880  -14.570 1   45.859  ? 130 TYR A N   1 
ATOM   866  C  CA  . TYR A 1 115 ? -5.029  22.740  -15.432 1   51.534  ? 130 TYR A CA  1 
ATOM   867  C  C   . TYR A 1 115 ? -5.641  22.966  -16.814 1   49.763  ? 130 TYR A C   1 
ATOM   868  O  O   . TYR A 1 115 ? -6.855  23.110  -16.926 1   45.577  ? 130 TYR A O   1 
ATOM   869  C  CB  . TYR A 1 115 ? -5.532  21.448  -14.775 1   45.365  ? 130 TYR A CB  1 
ATOM   870  C  CG  . TYR A 1 115 ? -5.317  20.176  -15.565 1   47.826  ? 130 TYR A CG  1 
ATOM   871  C  CD1 . TYR A 1 115 ? -6.230  19.789  -16.543 1   46.1    ? 130 TYR A CD1 1 
ATOM   872  C  CD2 . TYR A 1 115 ? -4.217  19.368  -15.331 1   46.939  ? 130 TYR A CD2 1 
ATOM   873  C  CE1 . TYR A 1 115 ? -6.050  18.623  -17.260 1   48.928  ? 130 TYR A CE1 1 
ATOM   874  C  CE2 . TYR A 1 115 ? -4.031  18.192  -16.046 1   49.135  ? 130 TYR A CE2 1 
ATOM   875  C  CZ  . TYR A 1 115 ? -4.949  17.817  -17.013 1   49.259  ? 130 TYR A CZ  1 
ATOM   876  O  OH  . TYR A 1 115 ? -4.782  16.665  -17.739 1   52.17   ? 130 TYR A OH  1 
ATOM   877  N  N   . ILE A 1 116 ? -4.792  23.013  -17.852 1   49.152  ? 131 ILE A N   1 
ATOM   878  C  CA  . ILE A 1 116 ? -5.221  23.092  -19.246 1   57.917  ? 131 ILE A CA  1 
ATOM   879  C  C   . ILE A 1 116 ? -4.522  22.022  -20.077 1   57.555  ? 131 ILE A C   1 
ATOM   880  O  O   . ILE A 1 116 ? -3.308  22.096  -20.281 1   58.437  ? 131 ILE A O   1 
ATOM   881  C  CB  . ILE A 1 116 ? -4.956  24.470  -19.881 1   55.909  ? 131 ILE A CB  1 
ATOM   882  C  CG1 . ILE A 1 116 ? -5.569  25.594  -19.086 1   57.342  ? 131 ILE A CG1 1 
ATOM   883  C  CG2 . ILE A 1 116 ? -5.479  24.481  -21.313 1   57.203  ? 131 ILE A CG2 1 
ATOM   884  C  CD1 . ILE A 1 116 ? -4.650  26.157  -18.040 1   65.054  ? 131 ILE A CD1 1 
ATOM   885  N  N   . ASN A 1 117 ? -5.298  21.047  -20.573 1   67.853  ? 132 ASN A N   1 
ATOM   886  C  CA  . ASN A 1 117 ? -4.809  20.011  -21.479 1   72.193  ? 132 ASN A CA  1 
ATOM   887  C  C   . ASN A 1 117 ? -3.547  19.324  -20.963 1   65.923  ? 132 ASN A C   1 
ATOM   888  O  O   . ASN A 1 117 ? -2.542  19.219  -21.666 1   69.716  ? 132 ASN A O   1 
ATOM   889  C  CB  . ASN A 1 117 ? -4.532  20.572  -22.872 1   77.955  ? 132 ASN A CB  1 
ATOM   890  C  CG  . ASN A 1 117 ? -5.787  20.921  -23.630 1   82.948  ? 132 ASN A CG  1 
ATOM   891  O  OD1 . ASN A 1 117 ? -6.763  20.161  -23.605 1   78.393  ? 132 ASN A OD1 1 
ATOM   892  N  ND2 . ASN A 1 117 ? -5.771  22.049  -24.331 1   80.545  ? 132 ASN A ND2 1 
ATOM   893  N  N   . GLY A 1 118 ? -3.578  18.924  -19.693 1   65.603  ? 133 GLY A N   1 
ATOM   894  C  CA  . GLY A 1 118 ? -2.453  18.213  -19.141 1   60.849  ? 133 GLY A CA  1 
ATOM   895  C  C   . GLY A 1 118 ? -1.407  19.089  -18.473 1   59.573  ? 133 GLY A C   1 
ATOM   896  O  O   . GLY A 1 118 ? -0.635  18.581  -17.657 1   69.273  ? 133 GLY A O   1 
ATOM   897  N  N   . SER A 1 119 ? -1.327  20.371  -18.839 1   48.549  ? 134 SER A N   1 
ATOM   898  C  CA  . SER A 1 119 ? -0.350  21.262  -18.226 1   49.519  ? 134 SER A CA  1 
ATOM   899  C  C   . SER A 1 119 ? -0.856  21.873  -16.915 1   48.277  ? 134 SER A C   1 
ATOM   900  O  O   . SER A 1 119 ? -1.959  22.431  -16.865 1   41.113  ? 134 SER A O   1 
ATOM   901  C  CB  . SER A 1 119 ? 0.031   22.337  -19.218 1   46.666  ? 134 SER A CB  1 
ATOM   902  O  OG  . SER A 1 119 ? 0.788   21.741  -20.251 1   50.255  ? 134 SER A OG  1 
ATOM   903  N  N   . LEU A 1 120 ? -0.038  21.747  -15.850 1   47.196  ? 135 LEU A N   1 
ATOM   904  C  CA  . LEU A 1 120 ? -0.330  22.324  -14.538 1   45.446  ? 135 LEU A CA  1 
ATOM   905  C  C   . LEU A 1 120 ? 0.314   23.706  -14.402 1   43.239  ? 135 LEU A C   1 
ATOM   906  O  O   . LEU A 1 120 ? 1.447   23.908  -14.832 1   49.688  ? 135 LEU A O   1 
ATOM   907  C  CB  . LEU A 1 120 ? 0.173   21.404  -13.419 1   48.896  ? 135 LEU A CB  1 
ATOM   908  C  CG  . LEU A 1 120 ? -0.402  19.982  -13.322 1   47.716  ? 135 LEU A CG  1 
ATOM   909  C  CD1 . LEU A 1 120 ? 0.550   19.052  -12.583 1   46.273  ? 135 LEU A CD1 1 
ATOM   910  C  CD2 . LEU A 1 120 ? -1.752  20.017  -12.621 1   44.16   ? 135 LEU A CD2 1 
ATOM   911  N  N   . PHE A 1 121 ? -0.377  24.636  -13.737 1   41.482  ? 136 PHE A N   1 
ATOM   912  C  CA  . PHE A 1 121 ? 0.146   25.975  -13.503 1   45.585  ? 136 PHE A CA  1 
ATOM   913  C  C   . PHE A 1 121 ? -0.180  26.415  -12.080 1   48.41   ? 136 PHE A C   1 
ATOM   914  O  O   . PHE A 1 121 ? -1.303  26.217  -11.617 1   42.863  ? 136 PHE A O   1 
ATOM   915  C  CB  . PHE A 1 121 ? -0.463  26.995  -14.469 1   48.024  ? 136 PHE A CB  1 
ATOM   916  C  CG  . PHE A 1 121 ? -0.192  26.700  -15.924 1   48.111  ? 136 PHE A CG  1 
ATOM   917  C  CD1 . PHE A 1 121 ? 0.983   27.101  -16.526 1   52.085  ? 136 PHE A CD1 1 
ATOM   918  C  CD2 . PHE A 1 121 ? -1.141  26.037  -16.681 1   49.579  ? 136 PHE A CD2 1 
ATOM   919  C  CE1 . PHE A 1 121 ? 1.208   26.835  -17.869 1   52.478  ? 136 PHE A CE1 1 
ATOM   920  C  CE2 . PHE A 1 121 ? -0.918  25.772  -18.023 1   54.818  ? 136 PHE A CE2 1 
ATOM   921  C  CZ  . PHE A 1 121 ? 0.263   26.167  -18.625 1   46.915  ? 136 PHE A CZ  1 
ATOM   922  N  N   . CYS A 1 122 ? 0.797   26.996  -11.374 1   45.606  ? 137 CYS A N   1 
ATOM   923  C  CA  . CYS A 1 122 ? 0.534   27.500  -10.033 1   42.309  ? 137 CYS A CA  1 
ATOM   924  C  C   . CYS A 1 122 ? -0.301  28.782  -10.097 1   51.536  ? 137 CYS A C   1 
ATOM   925  O  O   . CYS A 1 122 ? -0.506  29.374  -11.162 1   47.493  ? 137 CYS A O   1 
ATOM   926  C  CB  . CYS A 1 122 ? 1.826   27.795  -9.280  1   49.912  ? 137 CYS A CB  1 
ATOM   927  S  SG  . CYS A 1 122 ? 2.646   29.341  -9.763  1   54.591  ? 137 CYS A SG  1 
ATOM   928  N  N   . GLU A 1 123 ? -0.770  29.210  -8.926  1   45.783  ? 138 GLU A N   1 
ATOM   929  C  CA  . GLU A 1 123 ? -1.647  30.371  -8.807  1   51.558  ? 138 GLU A CA  1 
ATOM   930  C  C   . GLU A 1 123 ? -1.054  31.630  -9.450  1   52.179  ? 138 GLU A C   1 
ATOM   931  O  O   . GLU A 1 123 ? -1.781  32.445  -9.998  1   54.669  ? 138 GLU A O   1 
ATOM   932  C  CB  . GLU A 1 123 ? -1.955  30.620  -7.332  1   50.05   ? 138 GLU A CB  1 
ATOM   933  C  CG  . GLU A 1 123 ? -3.056  31.644  -7.119  1   59.234  ? 138 GLU A CG  1 
ATOM   934  C  CD  . GLU A 1 123 ? -3.337  31.830  -5.633  1   63.964  ? 138 GLU A CD  1 
ATOM   935  O  OE1 . GLU A 1 123 ? -2.749  31.119  -4.787  1   65.486  ? 138 GLU A OE1 1 
ATOM   936  O  OE2 . GLU A 1 123 ? -4.174  32.686  -5.296  1   71.417  ? 138 GLU A OE2 1 
ATOM   937  N  N   . HIS A 1 124 ? 0.265   31.795  -9.391  1   54.561  ? 139 HIS A N   1 
ATOM   938  C  CA  . HIS A 1 124 ? 0.926   33.011  -9.842  1   59.524  ? 139 HIS A CA  1 
ATOM   939  C  C   . HIS A 1 124 ? 1.411   32.922  -11.280 1   61.449  ? 139 HIS A C   1 
ATOM   940  O  O   . HIS A 1 124 ? 2.038   33.860  -11.764 1   60.264  ? 139 HIS A O   1 
ATOM   941  C  CB  . HIS A 1 124 ? 2.123   33.320  -8.937  1   67.947  ? 139 HIS A CB  1 
ATOM   942  C  CG  . HIS A 1 124 ? 1.765   33.322  -7.488  1   84.088  ? 139 HIS A CG  1 
ATOM   943  N  ND1 . HIS A 1 124 ? 0.923   34.278  -6.947  1   85.86   ? 139 HIS A ND1 1 
ATOM   944  C  CD2 . HIS A 1 124 ? 2.026   32.459  -6.483  1   87.136  ? 139 HIS A CD2 1 
ATOM   945  C  CE1 . HIS A 1 124 ? 0.707   34.010  -5.673  1   77.379  ? 139 HIS A CE1 1 
ATOM   946  N  NE2 . HIS A 1 124 ? 1.363   32.915  -5.373  1   88.927  ? 139 HIS A NE2 1 
ATOM   947  N  N   . ASP A 1 125 ? 1.117   31.813  -11.957 1   57.14   ? 140 ASP A N   1 
ATOM   948  C  CA  . ASP A 1 125 ? 1.382   31.623  -13.374 1   47.596  ? 140 ASP A CA  1 
ATOM   949  C  C   . ASP A 1 125 ? 0.106   31.254  -14.102 1   49.481  ? 140 ASP A C   1 
ATOM   950  O  O   . ASP A 1 125 ? 0.108   30.405  -14.998 1   55.591  ? 140 ASP A O   1 
ATOM   951  C  CB  . ASP A 1 125 ? 2.454   30.567  -13.602 1   55.257  ? 140 ASP A CB  1 
ATOM   952  C  CG  . ASP A 1 125 ? 3.837   31.063  -13.251 1   55.523  ? 140 ASP A CG  1 
ATOM   953  O  OD1 . ASP A 1 125 ? 4.185   32.187  -13.655 1   63.999  ? 140 ASP A OD1 1 
ATOM   954  O  OD2 . ASP A 1 125 ? 4.554   30.331  -12.581 1   56.651  ? 140 ASP A OD2 1 
ATOM   955  N  N   . ARG A 1 126 ? -1.007  31.892  -13.715 1   50.388  ? 141 ARG A N   1 
ATOM   956  C  CA  . ARG A 1 126 ? -2.249  31.728  -14.448 1   52.576  ? 141 ARG A CA  1 
ATOM   957  C  C   . ARG A 1 126 ? -1.983  31.983  -15.933 1   63.856  ? 141 ARG A C   1 
ATOM   958  O  O   . ARG A 1 126 ? -1.548  33.074  -16.312 1   53.821  ? 141 ARG A O   1 
ATOM   959  C  CB  . ARG A 1 126 ? -3.274  32.715  -13.892 1   55.679  ? 141 ARG A CB  1 
ATOM   960  C  CG  . ARG A 1 126 ? -4.640  32.638  -14.544 1   69.226  ? 141 ARG A CG  1 
ATOM   961  C  CD  . ARG A 1 126 ? -5.505  33.779  -14.040 1   65.041  ? 141 ARG A CD  1 
ATOM   962  N  NE  . ARG A 1 126 ? -6.886  33.608  -14.476 1   67.104  ? 141 ARG A NE  1 
ATOM   963  C  CZ  . ARG A 1 126 ? -7.356  33.967  -15.660 1   71.606  ? 141 ARG A CZ  1 
ATOM   964  N  NH1 . ARG A 1 126 ? -6.569  34.530  -16.554 1   67.852  ? 141 ARG A NH1 1 
ATOM   965  N  NH2 . ARG A 1 126 ? -8.625  33.751  -15.950 1   65.617  ? 141 ARG A NH2 1 
ATOM   966  N  N   . PRO A 1 127 ? -2.234  30.996  -16.808 1   66.291  ? 142 PRO A N   1 
ATOM   967  C  CA  . PRO A 1 127 ? -1.903  31.149  -18.234 1   64.679  ? 142 PRO A CA  1 
ATOM   968  C  C   . PRO A 1 127 ? -2.958  31.932  -19.009 1   66.433  ? 142 PRO A C   1 
ATOM   969  O  O   . PRO A 1 127 ? -3.762  31.385  -19.778 1   60.468  ? 142 PRO A O   1 
ATOM   970  C  CB  . PRO A 1 127 ? -1.807  29.703  -18.711 1   71.073  ? 142 PRO A CB  1 
ATOM   971  C  CG  . PRO A 1 127 ? -2.856  29.019  -17.871 1   68.853  ? 142 PRO A CG  1 
ATOM   972  C  CD  . PRO A 1 127 ? -2.836  29.683  -16.508 1   69.711  ? 142 PRO A CD  1 
ATOM   973  N  N   . THR A 1 128 ? -2.910  33.252  -18.827 1   70.035  ? 143 THR A N   1 
ATOM   974  C  CA  . THR A 1 128 ? -3.931  34.121  -19.391 1   67.207  ? 143 THR A CA  1 
ATOM   975  C  C   . THR A 1 128 ? -3.992  33.966  -20.904 1   53.854  ? 143 THR A C   1 
ATOM   976  O  O   . THR A 1 128 ? -5.075  33.901  -21.486 1   63.248  ? 143 THR A O   1 
ATOM   977  C  CB  . THR A 1 128 ? -3.663  35.576  -19.012 1   69.429  ? 143 THR A CB  1 
ATOM   978  O  OG1 . THR A 1 128 ? -3.706  35.715  -17.591 1   76.336  ? 143 THR A OG1 1 
ATOM   979  C  CG2 . THR A 1 128 ? -4.700  36.489  -19.644 1   69.346  ? 143 THR A CG2 1 
ATOM   980  N  N   . ALA A 1 129 ? -2.817  33.903  -21.545 1   59.826  ? 144 ALA A N   1 
ATOM   981  C  CA  . ALA A 1 129 ? -2.762  33.730  -22.992 1   60.002  ? 144 ALA A CA  1 
ATOM   982  C  C   . ALA A 1 129 ? -3.470  32.446  -23.425 1   65.48   ? 144 ALA A C   1 
ATOM   983  O  O   . ALA A 1 129 ? -4.231  32.450  -24.398 1   68.26   ? 144 ALA A O   1 
ATOM   984  C  CB  . ALA A 1 129 ? -1.320  33.764  -23.470 1   63.079  ? 144 ALA A CB  1 
ATOM   985  N  N   . LEU A 1 130 ? -3.226  31.339  -22.710 1   62.233  ? 145 LEU A N   1 
ATOM   986  C  CA  . LEU A 1 130 ? -3.935  30.096  -23.001 1   56.534  ? 145 LEU A CA  1 
ATOM   987  C  C   . LEU A 1 130 ? -5.433  30.203  -22.729 1   50.248  ? 145 LEU A C   1 
ATOM   988  O  O   . LEU A 1 130 ? -6.242  29.739  -23.530 1   65.293  ? 145 LEU A O   1 
ATOM   989  C  CB  . LEU A 1 130 ? -3.359  28.919  -22.217 1   52.248  ? 145 LEU A CB  1 
ATOM   990  C  CG  . LEU A 1 130 ? -2.133  28.184  -22.760 1   58.711  ? 145 LEU A CG  1 
ATOM   991  C  CD1 . LEU A 1 130 ? -1.720  27.119  -21.726 1   54.823  ? 145 LEU A CD1 1 
ATOM   992  C  CD2 . LEU A 1 130 ? -2.463  27.517  -24.056 1   46.334  ? 145 LEU A CD2 1 
ATOM   993  N  N   . ILE A 1 131 ? -5.818  30.846  -21.628 1   56.595  ? 146 ILE A N   1 
ATOM   994  C  CA  . ILE A 1 131 ? -7.225  30.956  -21.257 1   75.744  ? 146 ILE A CA  1 
ATOM   995  C  C   . ILE A 1 131 ? -8.035  31.864  -22.189 1   81.65   ? 146 ILE A C   1 
ATOM   996  O  O   . ILE A 1 131 ? -9.263  31.769  -22.223 1   94.135  ? 146 ILE A O   1 
ATOM   997  C  CB  . ILE A 1 131 ? -7.281  31.425  -19.791 1   73.089  ? 146 ILE A CB  1 
ATOM   998  C  CG1 . ILE A 1 131 ? -6.710  30.356  -18.864 1   70.405  ? 146 ILE A CG1 1 
ATOM   999  C  CG2 . ILE A 1 131 ? -8.691  31.802  -19.344 1   87.022  ? 146 ILE A CG2 1 
ATOM   1000 C  CD1 . ILE A 1 131 ? -6.196  30.893  -17.542 1   73.339  ? 146 ILE A CD1 1 
ATOM   1001 N  N   . ASN A 1 132 ? -7.372  32.657  -23.025 1   87.535  ? 147 ASN A N   1 
ATOM   1002 C  CA  . ASN A 1 132 ? -8.098  33.443  -24.009 1   90.968  ? 147 ASN A CA  1 
ATOM   1003 C  C   . ASN A 1 132 ? -7.688  33.092  -25.443 1   91.596  ? 147 ASN A C   1 
ATOM   1004 O  O   . ASN A 1 132 ? -8.218  32.119  -26.011 1   94.964  ? 147 ASN A O   1 
ATOM   1005 C  CB  . ASN A 1 132 ? -7.877  34.920  -23.728 1   91.239  ? 147 ASN A CB  1 
ATOM   1006 C  CG  . ASN A 1 132 ? -8.139  35.257  -22.276 1   87.505  ? 147 ASN A CG  1 
ATOM   1007 O  OD1 . ASN A 1 132 ? -7.325  35.909  -21.615 1   87.109  ? 147 ASN A OD1 1 
ATOM   1008 N  ND2 . ASN A 1 132 ? -9.266  34.788  -21.760 1   77.29   ? 147 ASN A ND2 1 
ATOM   1009 N  N   . SER A 1 146 ? -11.996 26.557  -19.957 1   90.24   ? 297 SER A N   1 
ATOM   1010 C  CA  . SER A 1 146 ? -12.111 25.697  -18.746 1   95.046  ? 297 SER A CA  1 
ATOM   1011 C  C   . SER A 1 146 ? -10.892 25.840  -17.825 1   95.178  ? 297 SER A C   1 
ATOM   1012 O  O   . SER A 1 146 ? -10.951 25.483  -16.645 1   80.859  ? 297 SER A O   1 
ATOM   1013 C  CB  . SER A 1 146 ? -12.382 24.260  -19.117 1   90.099  ? 297 SER A CB  1 
ATOM   1014 O  OG  . SER A 1 146 ? -11.564 23.859  -20.205 1   107.509 ? 297 SER A OG  1 
ATOM   1015 N  N   . GLY A 1 147 ? -9.791  26.376  -18.358 1   86.625  ? 298 GLY A N   1 
ATOM   1016 C  CA  . GLY A 1 147 ? -8.603  26.617  -17.548 1   80.301  ? 298 GLY A CA  1 
ATOM   1017 C  C   . GLY A 1 147 ? -8.726  27.796  -16.596 1   77.842  ? 298 GLY A C   1 
ATOM   1018 O  O   . GLY A 1 147 ? -7.930  27.936  -15.663 1   79.249  ? 298 GLY A O   1 
ATOM   1019 N  N   . GLY A 1 148 ? -9.710  28.659  -16.850 1   77.847  ? 299 GLY A N   1 
ATOM   1020 C  CA  . GLY A 1 148 ? -10.039 29.725  -15.918 1   68.997  ? 299 GLY A CA  1 
ATOM   1021 C  C   . GLY A 1 148 ? -10.280 29.243  -14.492 1   64.925  ? 299 GLY A C   1 
ATOM   1022 O  O   . GLY A 1 148 ? -9.987  29.966  -13.546 1   67.016  ? 299 GLY A O   1 
ATOM   1023 N  N   . ASP A 1 149 ? -10.816 28.029  -14.326 1   56.034  ? 300 ASP A N   1 
ATOM   1024 C  CA  . ASP A 1 149 ? -11.160 27.508  -13.017 1   50.472  ? 300 ASP A CA  1 
ATOM   1025 C  C   . ASP A 1 149 ? -9.943  27.285  -12.122 1   44.111  ? 300 ASP A C   1 
ATOM   1026 O  O   . ASP A 1 149 ? -9.012  26.576  -12.491 1   47.298  ? 300 ASP A O   1 
ATOM   1027 C  CB  . ASP A 1 149 ? -11.870 26.183  -13.199 1   55.569  ? 300 ASP A CB  1 
ATOM   1028 C  CG  . ASP A 1 149 ? -13.199 26.322  -13.908 1   62.952  ? 300 ASP A CG  1 
ATOM   1029 O  OD1 . ASP A 1 149 ? -13.746 27.425  -13.919 1   61.939  ? 300 ASP A OD1 1 
ATOM   1030 O  OD2 . ASP A 1 149 ? -13.648 25.323  -14.496 1   61.337  ? 300 ASP A OD2 1 
ATOM   1031 N  N   . VAL A 1 150 ? -9.990  27.848  -10.908 1   44.879  ? 301 VAL A N   1 
ATOM   1032 C  CA  . VAL A 1 150 ? -8.970  27.618  -9.895  1   52.094  ? 301 VAL A CA  1 
ATOM   1033 C  C   . VAL A 1 150 ? -9.309  26.340  -9.131  1   48.166  ? 301 VAL A C   1 
ATOM   1034 O  O   . VAL A 1 150 ? -10.453 26.129  -8.729  1   46.184  ? 301 VAL A O   1 
ATOM   1035 C  CB  . VAL A 1 150 ? -8.846  28.805  -8.930  1   54.472  ? 301 VAL A CB  1 
ATOM   1036 C  CG1 . VAL A 1 150 ? -7.907  28.474  -7.786  1   60.458  ? 301 VAL A CG1 1 
ATOM   1037 C  CG2 . VAL A 1 150 ? -8.351  30.029  -9.661  1   64.251  ? 301 VAL A CG2 1 
ATOM   1038 N  N   . MET A 1 151 ? -8.302  25.496  -8.929  1   47.183  ? 302 MET A N   1 
ATOM   1039 C  CA  . MET A 1 151 ? -8.471  24.267  -8.190  1   51.089  ? 302 MET A CA  1 
ATOM   1040 C  C   . MET A 1 151 ? -7.504  24.233  -7.019  1   50.984  ? 302 MET A C   1 
ATOM   1041 O  O   . MET A 1 151 ? -6.512  24.961  -7.001  1   43.101  ? 302 MET A O   1 
ATOM   1042 C  CB  . MET A 1 151 ? -8.264  23.059  -9.107  1   54.242  ? 302 MET A CB  1 
ATOM   1043 C  CG  . MET A 1 151 ? -9.303  23.029  -10.203 1   61.493  ? 302 MET A CG  1 
ATOM   1044 S  SD  . MET A 1 151 ? -8.855  21.749  -11.389 1   69.986  ? 302 MET A SD  1 
ATOM   1045 C  CE  . MET A 1 151 ? -7.354  22.483  -12.032 1   61.196  ? 302 MET A CE  1 
ATOM   1046 N  N   . VAL A 1 152 ? -7.830  23.382  -6.039  1   53.182  ? 303 VAL A N   1 
ATOM   1047 C  CA  . VAL A 1 152 ? -7.078  23.263  -4.797  1   48.477  ? 303 VAL A CA  1 
ATOM   1048 C  C   . VAL A 1 152 ? -6.405  21.901  -4.762  1   47.365  ? 303 VAL A C   1 
ATOM   1049 O  O   . VAL A 1 152 ? -7.062  20.877  -4.941  1   48.995  ? 303 VAL A O   1 
ATOM   1050 C  CB  . VAL A 1 152 ? -7.961  23.431  -3.552  1   50.015  ? 303 VAL A CB  1 
ATOM   1051 C  CG1 . VAL A 1 152 ? -7.123  23.264  -2.295  1   43.034  ? 303 VAL A CG1 1 
ATOM   1052 C  CG2 . VAL A 1 152 ? -8.688  24.771  -3.565  1   48.125  ? 303 VAL A CG2 1 
ATOM   1053 N  N   . VAL A 1 153 ? -5.090  21.902  -4.538  1   43.447  ? 304 VAL A N   1 
ATOM   1054 C  CA  . VAL A 1 153 ? -4.364  20.648  -4.485  1   40.398  ? 304 VAL A CA  1 
ATOM   1055 C  C   . VAL A 1 153 ? -4.856  19.838  -3.292  1   46.934  ? 304 VAL A C   1 
ATOM   1056 O  O   . VAL A 1 153 ? -4.888  20.334  -2.163  1   48.629  ? 304 VAL A O   1 
ATOM   1057 C  CB  . VAL A 1 153 ? -2.860  20.941  -4.373  1   44.95   ? 304 VAL A CB  1 
ATOM   1058 C  CG1 . VAL A 1 153 ? -2.098  19.653  -4.256  1   44.232  ? 304 VAL A CG1 1 
ATOM   1059 C  CG2 . VAL A 1 153 ? -2.371  21.778  -5.549  1   44.438  ? 304 VAL A CG2 1 
ATOM   1060 N  N   . GLY A 1 154 ? -5.259  18.591  -3.541  1   47.421  ? 305 GLY A N   1 
ATOM   1061 C  CA  . GLY A 1 154 ? -5.675  17.683  -2.481  1   42.953  ? 305 GLY A CA  1 
ATOM   1062 C  C   . GLY A 1 154 ? -4.501  16.994  -1.786  1   50.778  ? 305 GLY A C   1 
ATOM   1063 O  O   . GLY A 1 154 ? -3.367  17.007  -2.253  1   49.261  ? 305 GLY A O   1 
ATOM   1064 N  N   . GLU A 1 155 ? -4.792  16.342  -0.667  1   54.252  ? 306 GLU A N   1 
ATOM   1065 C  CA  . GLU A 1 155 ? -3.787  15.532  -0.009  1   56.866  ? 306 GLU A CA  1 
ATOM   1066 C  C   . GLU A 1 155 ? -3.383  14.348  -0.881  1   51.336  ? 306 GLU A C   1 
ATOM   1067 O  O   . GLU A 1 155 ? -4.196  13.809  -1.636  1   59.976  ? 306 GLU A O   1 
ATOM   1068 C  CB  . GLU A 1 155 ? -4.278  15.019  1.345   1   54.763  ? 306 GLU A CB  1 
ATOM   1069 C  CG  . GLU A 1 155 ? -4.417  16.119  2.394   1   59.625  ? 306 GLU A CG  1 
ATOM   1070 C  CD  . GLU A 1 155 ? -3.052  16.599  2.863   1   61.061  ? 306 GLU A CD  1 
ATOM   1071 O  OE1 . GLU A 1 155 ? -2.080  15.822  2.837   1   67.217  ? 306 GLU A OE1 1 
ATOM   1072 O  OE2 . GLU A 1 155 ? -2.929  17.764  3.247   1   61.121  ? 306 GLU A OE2 1 
ATOM   1073 N  N   . PRO A 1 156 ? -2.125  13.903  -0.784  1   54.646  ? 307 PRO A N   1 
ATOM   1074 C  CA  . PRO A 1 156 ? -1.697  12.707  -1.506  1   52.494  ? 307 PRO A CA  1 
ATOM   1075 C  C   . PRO A 1 156 ? -2.436  11.463  -1.036  1   60.398  ? 307 PRO A C   1 
ATOM   1076 O  O   . PRO A 1 156 ? -2.864  11.366  0.104   1   65.224  ? 307 PRO A O   1 
ATOM   1077 C  CB  . PRO A 1 156 ? -0.196  12.620  -1.224  1   50.288  ? 307 PRO A CB  1 
ATOM   1078 C  CG  . PRO A 1 156 ? 0.043   13.478  -0.041  1   54.068  ? 307 PRO A CG  1 
ATOM   1079 C  CD  . PRO A 1 156 ? -1.044  14.513  -0.001  1   57.551  ? 307 PRO A CD  1 
ATOM   1080 N  N   . THR A 1 157 ? -2.621  10.521  -1.955  1   63.787  ? 308 THR A N   1 
ATOM   1081 C  CA  . THR A 1 157 ? -3.265  9.258   -1.643  1   56.405  ? 308 THR A CA  1 
ATOM   1082 C  C   . THR A 1 157 ? -2.412  8.132   -2.195  1   58.608  ? 308 THR A C   1 
ATOM   1083 O  O   . THR A 1 157 ? -1.568  8.341   -3.073  1   59.805  ? 308 THR A O   1 
ATOM   1084 C  CB  . THR A 1 157 ? -4.662  9.157   -2.250  1   60.535  ? 308 THR A CB  1 
ATOM   1085 O  OG1 . THR A 1 157 ? -4.563  9.082   -3.678  1   69.588  ? 308 THR A OG1 1 
ATOM   1086 C  CG2 . THR A 1 157 ? -5.518  10.329  -1.813  1   62.466  ? 308 THR A CG2 1 
ATOM   1087 N  N   . LEU A 1 158 ? -2.647  6.937   -1.661  1   55.032  ? 309 LEU A N   1 
ATOM   1088 C  CA  . LEU A 1 158 ? -1.891  5.781   -2.102  1   49.117  ? 309 LEU A CA  1 
ATOM   1089 C  C   . LEU A 1 158 ? -2.338  5.368   -3.492  1   48.928  ? 309 LEU A C   1 
ATOM   1090 O  O   . LEU A 1 158 ? -3.530  5.305   -3.773  1   53.056  ? 309 LEU A O   1 
ATOM   1091 C  CB  . LEU A 1 158 ? -2.077  4.631   -1.117  1   57.488  ? 309 LEU A CB  1 
ATOM   1092 C  CG  . LEU A 1 158 ? -1.441  4.861   0.251   1   52.974  ? 309 LEU A CG  1 
ATOM   1093 C  CD1 . LEU A 1 158 ? -2.022  3.817   1.206   1   60.16   ? 309 LEU A CD1 1 
ATOM   1094 C  CD2 . LEU A 1 158 ? 0.086   4.765   0.178   1   55.238  ? 309 LEU A CD2 1 
ATOM   1095 N  N   . MET A 1 159 ? -1.360  5.076   -4.349  1   49.909  ? 310 MET A N   1 
ATOM   1096 C  CA  . MET A 1 159 ? -1.638  4.635   -5.711  1   47.291  ? 310 MET A CA  1 
ATOM   1097 C  C   . MET A 1 159 ? -2.631  3.470   -5.723  1   51.131  ? 310 MET A C   1 
ATOM   1098 O  O   . MET A 1 159 ? -3.607  3.467   -6.469  1   51.296  ? 310 MET A O   1 
ATOM   1099 C  CB  . MET A 1 159 ? -0.326  4.245   -6.401  1   46.39   ? 310 MET A CB  1 
ATOM   1100 C  CG  . MET A 1 159 ? -0.474  3.707   -7.814  1   54.494  ? 310 MET A CG  1 
ATOM   1101 S  SD  . MET A 1 159 ? -0.980  4.986   -8.999  1   51.383  ? 310 MET A SD  1 
ATOM   1102 C  CE  . MET A 1 159 ? -2.645  4.435   -9.407  1   43.881  ? 310 MET A CE  1 
ATOM   1103 N  N   . GLY A 1 160 ? -2.392  2.473   -4.876  1   53.461  ? 311 GLY A N   1 
ATOM   1104 C  CA  . GLY A 1 160 ? -3.225  1.287   -4.857  1   50.283  ? 311 GLY A CA  1 
ATOM   1105 C  C   . GLY A 1 160 ? -4.629  1.544   -4.318  1   56.681  ? 311 GLY A C   1 
ATOM   1106 O  O   . GLY A 1 160 ? -5.548  0.793   -4.633  1   50.978  ? 311 GLY A O   1 
ATOM   1107 N  N   . GLY A 1 161 ? -4.792  2.591   -3.513  1   60.634  ? 312 GLY A N   1 
ATOM   1108 C  CA  . GLY A 1 161 ? -6.118  2.897   -3.021  1   61.048  ? 312 GLY A CA  1 
ATOM   1109 C  C   . GLY A 1 161 ? -6.617  1.856   -2.024  1   64.638  ? 312 GLY A C   1 
ATOM   1110 O  O   . GLY A 1 161 ? -5.848  1.150   -1.374  1   55.273  ? 312 GLY A O   1 
ATOM   1111 N  N   . GLU A 1 162 ? -7.933  1.801   -1.887  1   67.944  ? 313 GLU A N   1 
ATOM   1112 C  CA  . GLU A 1 162 ? -8.567  0.806   -1.037  1   64.274  ? 313 GLU A CA  1 
ATOM   1113 C  C   . GLU A 1 162 ? -8.618  -0.530  -1.773  1   54.466  ? 313 GLU A C   1 
ATOM   1114 O  O   . GLU A 1 162 ? -8.768  -0.573  -2.991  1   58.257  ? 313 GLU A O   1 
ATOM   1115 C  CB  . GLU A 1 162 ? -9.977  1.240   -0.632  1   71.443  ? 313 GLU A CB  1 
ATOM   1116 C  CG  . GLU A 1 162 ? -10.054 2.393   0.369   1   84.289  ? 313 GLU A CG  1 
ATOM   1117 C  CD  . GLU A 1 162 ? -9.693  2.016   1.795   1   109.66  ? 313 GLU A CD  1 
ATOM   1118 O  OE1 . GLU A 1 162 ? -10.435 1.212   2.407   1   129.284 ? 313 GLU A OE1 1 
ATOM   1119 O  OE2 . GLU A 1 162 ? -8.679  2.542   2.305   1   110.232 ? 313 GLU A OE2 1 
ATOM   1120 N  N   . PHE A 1 163 ? -8.471  -1.622  -1.017  1   53.452  ? 314 PHE A N   1 
ATOM   1121 C  CA  . PHE A 1 163 ? -8.603  -2.953  -1.598  1   49.957  ? 314 PHE A CA  1 
ATOM   1122 C  C   . PHE A 1 163 ? -9.384  -3.834  -0.640  1   45.726  ? 314 PHE A C   1 
ATOM   1123 O  O   . PHE A 1 163 ? -9.417  -3.599  0.562   1   52.974  ? 314 PHE A O   1 
ATOM   1124 C  CB  . PHE A 1 163 ? -7.244  -3.579  -1.948  1   42.495  ? 314 PHE A CB  1 
ATOM   1125 C  CG  . PHE A 1 163 ? -6.333  -3.756  -0.758  1   45.63   ? 314 PHE A CG  1 
ATOM   1126 C  CD1 . PHE A 1 163 ? -5.477  -2.739  -0.351  1   48.696  ? 314 PHE A CD1 1 
ATOM   1127 C  CD2 . PHE A 1 163 ? -6.284  -4.971  -0.092  1   45.514  ? 314 PHE A CD2 1 
ATOM   1128 C  CE1 . PHE A 1 163 ? -4.650  -2.915  0.735   1   50.554  ? 314 PHE A CE1 1 
ATOM   1129 C  CE2 . PHE A 1 163 ? -5.428  -5.147  0.977   1   44.983  ? 314 PHE A CE2 1 
ATOM   1130 C  CZ  . PHE A 1 163 ? -4.634  -4.119  1.408   1   41.208  ? 314 PHE A CZ  1 
ATOM   1131 N  N   . GLY A 1 164 ? -10.050 -4.833  -1.201  1   50.422  ? 315 GLY A N   1 
ATOM   1132 C  CA  . GLY A 1 164 ? -10.848 -5.738  -0.403  1   51.356  ? 315 GLY A CA  1 
ATOM   1133 C  C   . GLY A 1 164 ? -9.989  -6.675  0.442   1   51.726  ? 315 GLY A C   1 
ATOM   1134 O  O   . GLY A 1 164 ? -8.787  -6.820  0.263   1   54.755  ? 315 GLY A O   1 
ATOM   1135 N  N   . ASP A 1 165 ? -10.634 -7.266  1.432   1   46.111  ? 316 ASP A N   1 
ATOM   1136 C  CA  . ASP A 1 165 ? -9.979  -8.154  2.378   1   40.576  ? 316 ASP A CA  1 
ATOM   1137 C  C   . ASP A 1 165 ? -10.202 -9.638  2.053   1   38.01   ? 316 ASP A C   1 
ATOM   1138 O  O   . ASP A 1 165 ? -10.027 -10.479 2.927   1   40.16   ? 316 ASP A O   1 
ATOM   1139 C  CB  . ASP A 1 165 ? -10.408 -7.800  3.797   1   44.567  ? 316 ASP A CB  1 
ATOM   1140 C  CG  . ASP A 1 165 ? -11.878 -8.079  4.058   1   47.546  ? 316 ASP A CG  1 
ATOM   1141 O  OD1 . ASP A 1 165 ? -12.572 -8.548  3.135   1   46.981  ? 316 ASP A OD1 1 
ATOM   1142 O  OD2 . ASP A 1 165 ? -12.328 -7.825  5.190   1   45.226  ? 316 ASP A OD2 1 
ATOM   1143 N  N   . GLU A 1 166 ? -10.529 -9.989  0.810   1   34.675  ? 317 GLU A N   1 
ATOM   1144 C  CA  . GLU A 1 166 ? -10.875 -11.389 0.551   1   40.627  ? 317 GLU A CA  1 
ATOM   1145 C  C   . GLU A 1 166 ? -9.685  -12.349 0.632   1   39.718  ? 317 GLU A C   1 
ATOM   1146 O  O   . GLU A 1 166 ? -9.890  -13.553 0.812   1   39.881  ? 317 GLU A O   1 
ATOM   1147 C  CB  . GLU A 1 166 ? -11.577 -11.572 -0.797  1   39.111  ? 317 GLU A CB  1 
ATOM   1148 C  CG  . GLU A 1 166 ? -10.689 -11.363 -2.011  1   50.543  ? 317 GLU A CG  1 
ATOM   1149 C  CD  . GLU A 1 166 ? -10.569 -9.902  -2.446  1   60.196  ? 317 GLU A CD  1 
ATOM   1150 O  OE1 . GLU A 1 166 ? -11.125 -9.023  -1.740  1   67.991  ? 317 GLU A OE1 1 
ATOM   1151 O  OE2 . GLU A 1 166 ? -9.937  -9.644  -3.485  1   64.737  ? 317 GLU A OE2 1 
ATOM   1152 N  N   . ASP A 1 167 ? -8.441  -11.851 0.505   1   37.138  ? 318 ASP A N   1 
ATOM   1153 C  CA  . ASP A 1 167 ? -7.275  -12.714 0.689   1   33.238  ? 318 ASP A CA  1 
ATOM   1154 C  C   . ASP A 1 167 ? -6.660  -12.581 2.082   1   33.471  ? 318 ASP A C   1 
ATOM   1155 O  O   . ASP A 1 167 ? -5.660  -13.239 2.359   1   31.213  ? 318 ASP A O   1 
ATOM   1156 C  CB  . ASP A 1 167 ? -6.223  -12.425 -0.387  1   34.203  ? 318 ASP A CB  1 
ATOM   1157 C  CG  . ASP A 1 167 ? -6.725  -12.694 -1.813  1   37.858  ? 318 ASP A CG  1 
ATOM   1158 O  OD1 . ASP A 1 167 ? -7.442  -13.681 -2.018  1   31.925  ? 318 ASP A OD1 1 
ATOM   1159 O  OD2 . ASP A 1 167 ? -6.396  -11.898 -2.722  1   34.84   ? 318 ASP A OD2 1 
ATOM   1160 N  N   . GLU A 1 168 ? -7.229  -11.721 2.952   1   30.027  ? 319 GLU A N   1 
ATOM   1161 C  CA  . GLU A 1 168 ? -6.694  -11.497 4.297   1   32.672  ? 319 GLU A CA  1 
ATOM   1162 C  C   . GLU A 1 168 ? -7.107  -12.638 5.238   1   33.13   ? 319 GLU A C   1 
ATOM   1163 O  O   . GLU A 1 168 ? -8.233  -13.141 5.170   1   28.125  ? 319 GLU A O   1 
ATOM   1164 C  CB  . GLU A 1 168 ? -7.159  -10.166 4.878   1   30.322  ? 319 GLU A CB  1 
ATOM   1165 C  CG  . GLU A 1 168 ? -6.373  -9.769  6.127   1   30.934  ? 319 GLU A CG  1 
ATOM   1166 C  CD  . GLU A 1 168 ? -6.773  -8.426  6.744   1   31.415  ? 319 GLU A CD  1 
ATOM   1167 O  OE1 . GLU A 1 168 ? -7.903  -7.959  6.544   1   35.948  ? 319 GLU A OE1 1 
ATOM   1168 O  OE2 . GLU A 1 168 ? -5.932  -7.839  7.439   1   37.29   ? 319 GLU A OE2 1 
ATOM   1169 N  N   . ARG A 1 169 ? -6.157  -13.081 6.069   1   27.037  ? 320 ARG A N   1 
ATOM   1170 C  CA  . ARG A 1 169 ? -6.360  -14.150 7.042   1   29.013  ? 320 ARG A CA  1 
ATOM   1171 C  C   . ARG A 1 169 ? -5.799  -13.668 8.379   1   27.628  ? 320 ARG A C   1 
ATOM   1172 O  O   . ARG A 1 169 ? -4.593  -13.475 8.489   1   28.565  ? 320 ARG A O   1 
ATOM   1173 C  CB  . ARG A 1 169 ? -5.644  -15.427 6.593   1   24.909  ? 320 ARG A CB  1 
ATOM   1174 C  CG  . ARG A 1 169 ? -6.103  -15.963 5.234   1   30.224  ? 320 ARG A CG  1 
ATOM   1175 C  CD  . ARG A 1 169 ? -7.521  -16.513 5.280   1   33.765  ? 320 ARG A CD  1 
ATOM   1176 N  NE  . ARG A 1 169 ? -7.940  -17.065 3.988   1   38.546  ? 320 ARG A NE  1 
ATOM   1177 C  CZ  . ARG A 1 169 ? -8.527  -16.354 3.023   1   36.386  ? 320 ARG A CZ  1 
ATOM   1178 N  NH1 . ARG A 1 169 ? -8.785  -15.067 3.172   1   36.953  ? 320 ARG A NH1 1 
ATOM   1179 N  NH2 . ARG A 1 169 ? -8.863  -16.941 1.894   1   34.207  ? 320 ARG A NH2 1 
ATOM   1180 N  N   . LEU A 1 170 ? -6.658  -13.397 9.379   1   24.428  ? 321 LEU A N   1 
ATOM   1181 C  CA  . LEU A 1 170 ? -6.147  -12.869 10.645  1   24.843  ? 321 LEU A CA  1 
ATOM   1182 C  C   . LEU A 1 170 ? -5.273  -13.904 11.353  1   26.39   ? 321 LEU A C   1 
ATOM   1183 O  O   . LEU A 1 170 ? -5.508  -15.102 11.274  1   28.034  ? 321 LEU A O   1 
ATOM   1184 C  CB  . LEU A 1 170 ? -7.257  -12.465 11.629  1   28.958  ? 321 LEU A CB  1 
ATOM   1185 C  CG  . LEU A 1 170 ? -8.144  -11.295 11.182  1   38.455  ? 321 LEU A CG  1 
ATOM   1186 C  CD1 . LEU A 1 170 ? -8.953  -10.757 12.360  1   34.146  ? 321 LEU A CD1 1 
ATOM   1187 C  CD2 . LEU A 1 170 ? -7.340  -10.157 10.549  1   38.896  ? 321 LEU A CD2 1 
ATOM   1188 N  N   . ILE A 1 171 ? -4.281  -13.403 12.092  1   24.548  ? 322 ILE A N   1 
ATOM   1189 C  CA  . ILE A 1 171 ? -3.439  -14.241 12.921  1   24.345  ? 322 ILE A CA  1 
ATOM   1190 C  C   . ILE A 1 171 ? -3.877  -14.051 14.371  1   25.58   ? 322 ILE A C   1 
ATOM   1191 O  O   . ILE A 1 171 ? -4.107  -12.920 14.818  1   26.454  ? 322 ILE A O   1 
ATOM   1192 C  CB  . ILE A 1 171 ? -1.959  -13.848 12.741  1   26.228  ? 322 ILE A CB  1 
ATOM   1193 C  CG1 . ILE A 1 171 ? -1.520  -14.064 11.281  1   23.529  ? 322 ILE A CG1 1 
ATOM   1194 C  CG2 . ILE A 1 171 ? -1.100  -14.610 13.750  1   21.246  ? 322 ILE A CG2 1 
ATOM   1195 C  CD1 . ILE A 1 171 ? -0.221  -13.320 10.919  1   25.861  ? 322 ILE A CD1 1 
ATOM   1196 N  N   . THR A 1 172 ? -4.013  -15.163 15.113  1   27.781  ? 323 THR A N   1 
ATOM   1197 C  CA  . THR A 1 172 ? -4.342  -15.129 16.539  1   27.832  ? 323 THR A CA  1 
ATOM   1198 C  C   . THR A 1 172 ? -3.150  -15.650 17.342  1   29.486  ? 323 THR A C   1 
ATOM   1199 O  O   . THR A 1 172 ? -2.658  -16.753 17.080  1   26.108  ? 323 THR A O   1 
ATOM   1200 C  CB  . THR A 1 172 ? -5.588  -15.983 16.839  1   28.84   ? 323 THR A CB  1 
ATOM   1201 O  OG1 . THR A 1 172 ? -6.697  -15.477 16.085  1   32.547  ? 323 THR A OG1 1 
ATOM   1202 C  CG2 . THR A 1 172 ? -5.916  -16.015 18.325  1   25.223  ? 323 THR A CG2 1 
ATOM   1203 N  N   . ARG A 1 173 ? -2.719  -14.859 18.341  1   27.236  ? 324 ARG A N   1 
ATOM   1204 C  CA  . ARG A 1 173 ? -1.644  -15.283 19.247  1   27.698  ? 324 ARG A CA  1 
ATOM   1205 C  C   . ARG A 1 173 ? -2.222  -16.061 20.439  1   29.233  ? 324 ARG A C   1 
ATOM   1206 O  O   . ARG A 1 173 ? -3.147  -15.601 21.124  1   32.443  ? 324 ARG A O   1 
ATOM   1207 C  CB  . ARG A 1 173 ? -0.856  -14.046 19.708  1   34.014  ? 324 ARG A CB  1 
ATOM   1208 C  CG  . ARG A 1 173 ? -0.126  -13.416 18.517  1   49.844  ? 324 ARG A CG  1 
ATOM   1209 C  CD  . ARG A 1 173 ? 0.280   -11.937 18.629  1   53.797  ? 324 ARG A CD  1 
ATOM   1210 N  NE  . ARG A 1 173 ? 1.128   -11.615 19.775  1   50.952  ? 324 ARG A NE  1 
ATOM   1211 C  CZ  . ARG A 1 173 ? 2.454   -11.662 19.781  1   58.721  ? 324 ARG A CZ  1 
ATOM   1212 N  NH1 . ARG A 1 173 ? 3.109   -12.047 18.708  1   54.866  ? 324 ARG A NH1 1 
ATOM   1213 N  NH2 . ARG A 1 173 ? 3.119   -11.251 20.848  1   53.749  ? 324 ARG A NH2 1 
ATOM   1214 N  N   . LEU A 1 174 ? -1.700  -17.251 20.666  1   25.511  ? 325 LEU A N   1 
ATOM   1215 C  CA  . LEU A 1 174 ? -2.225  -18.156 21.678  1   33.355  ? 325 LEU A CA  1 
ATOM   1216 C  C   . LEU A 1 174 ? -1.157  -18.501 22.707  1   34.176  ? 325 LEU A C   1 
ATOM   1217 O  O   . LEU A 1 174 ? 0.024   -18.565 22.390  1   30.575  ? 325 LEU A O   1 
ATOM   1218 C  CB  . LEU A 1 174 ? -2.693  -19.459 21.032  1   29.433  ? 325 LEU A CB  1 
ATOM   1219 C  CG  . LEU A 1 174 ? -3.804  -19.302 20.001  1   30.926  ? 325 LEU A CG  1 
ATOM   1220 C  CD1 . LEU A 1 174 ? -4.022  -20.670 19.455  1   34.472  ? 325 LEU A CD1 1 
ATOM   1221 C  CD2 . LEU A 1 174 ? -5.049  -18.819 20.711  1   29.287  ? 325 LEU A CD2 1 
ATOM   1222 N  N   . GLU A 1 175 ? -1.599  -18.779 23.933  1   34.435  ? 326 GLU A N   1 
ATOM   1223 C  CA  . GLU A 1 175 ? -0.726  -19.208 25.008  1   35.449  ? 326 GLU A CA  1 
ATOM   1224 C  C   . GLU A 1 175 ? -1.095  -20.626 25.440  1   43.264  ? 326 GLU A C   1 
ATOM   1225 O  O   . GLU A 1 175 ? -2.236  -20.883 25.813  1   51.01   ? 326 GLU A O   1 
ATOM   1226 C  CB  . GLU A 1 175 ? -0.795  -18.245 26.196  1   35.596  ? 326 GLU A CB  1 
ATOM   1227 C  CG  . GLU A 1 175 ? -0.107  -18.795 27.452  1   46.235  ? 326 GLU A CG  1 
ATOM   1228 C  CD  . GLU A 1 175 ? 0.111   -17.715 28.509  1   53.803  ? 326 GLU A CD  1 
ATOM   1229 O  OE1 . GLU A 1 175 ? -0.622  -16.706 28.545  1   50.707  ? 326 GLU A OE1 1 
ATOM   1230 O  OE2 . GLU A 1 175 ? 1.069   -17.856 29.298  1   63.452  ? 326 GLU A OE2 1 
ATOM   1231 N  N   . ASN A 1 176 ? -0.116  -21.533 25.386  1   38.898  ? 327 ASN A N   1 
ATOM   1232 C  CA  . ASN A 1 176 ? -0.201  -22.878 25.944  1   49.15   ? 327 ASN A CA  1 
ATOM   1233 C  C   . ASN A 1 176 ? 0.248   -22.876 27.413  1   58.381  ? 327 ASN A C   1 
ATOM   1234 O  O   . ASN A 1 176 ? 1.444   -22.832 27.707  1   55.802  ? 327 ASN A O   1 
ATOM   1235 C  CB  . ASN A 1 176 ? 0.702   -23.823 25.164  1   50.822  ? 327 ASN A CB  1 
ATOM   1236 C  CG  . ASN A 1 176 ? 0.386   -25.269 25.403  1   59.465  ? 327 ASN A CG  1 
ATOM   1237 O  OD1 . ASN A 1 176 ? -0.156  -25.628 26.451  1   62.1    ? 327 ASN A OD1 1 
ATOM   1238 N  ND2 . ASN A 1 176 ? 0.795   -26.112 24.470  1   65.517  ? 327 ASN A ND2 1 
ATOM   1239 N  N   . THR A 1 177 ? -0.706  -22.992 28.337  1   62.967  ? 328 THR A N   1 
ATOM   1240 C  CA  . THR A 1 177 ? -0.355  -23.058 29.755  1   81.029  ? 328 THR A CA  1 
ATOM   1241 C  C   . THR A 1 177 ? -0.131  -24.505 30.209  1   82.481  ? 328 THR A C   1 
ATOM   1242 O  O   . THR A 1 177 ? -0.757  -25.002 31.138  1   87.905  ? 328 THR A O   1 
ATOM   1243 C  CB  . THR A 1 177 ? -1.351  -22.313 30.638  1   75.207  ? 328 THR A CB  1 
ATOM   1244 O  OG1 . THR A 1 177 ? -2.659  -22.777 30.337  1   83.66   ? 328 THR A OG1 1 
ATOM   1245 C  CG2 . THR A 1 177 ? -1.363  -20.835 30.329  1   76.596  ? 328 THR A CG2 1 
ATOM   1246 N  N   . GLN A 1 178 ? 0.805   -25.176 29.528  1   95.207  ? 329 GLN A N   1 
ATOM   1247 C  CA  . GLN A 1 178 ? 1.338   -26.474 29.942  1   88.396  ? 329 GLN A CA  1 
ATOM   1248 C  C   . GLN A 1 178 ? 2.564   -26.253 30.871  1   92.165  ? 329 GLN A C   1 
ATOM   1249 O  O   . GLN A 1 178 ? 2.592   -26.801 31.989  1   92.563  ? 329 GLN A O   1 
ATOM   1250 C  CB  . GLN A 1 178 ? 1.731   -27.329 28.722  1   82.353  ? 329 GLN A CB  1 
ATOM   1251 C  CG  . GLN A 1 178 ? 2.563   -26.599 27.647  1   89.578  ? 329 GLN A CG  1 
ATOM   1252 C  CD  . GLN A 1 178 ? 3.940   -26.119 28.080  1   81.547  ? 329 GLN A CD  1 
ATOM   1253 O  OE1 . GLN A 1 178 ? 4.860   -26.914 28.307  1   81.947  ? 329 GLN A OE1 1 
ATOM   1254 N  NE2 . GLN A 1 178 ? 4.099   -24.804 28.189  1   71.171  ? 329 GLN A NE2 1 
ATOM   1255 N  N   . ILE A 1 185 ? -5.764  -23.803 25.578  1   72.276  ? 336 ILE A N   1 
ATOM   1256 C  CA  . ILE A 1 185 ? -4.942  -22.762 24.890  1   62.992  ? 336 ILE A CA  1 
ATOM   1257 C  C   . ILE A 1 185 ? -5.724  -21.449 24.916  1   65.477  ? 336 ILE A C   1 
ATOM   1258 O  O   . ILE A 1 185 ? -6.880  -21.385 24.508  1   79.484  ? 336 ILE A O   1 
ATOM   1259 C  CB  . ILE A 1 185 ? -4.535  -23.212 23.473  1   64.522  ? 336 ILE A CB  1 
ATOM   1260 C  CG1 . ILE A 1 185 ? -3.394  -24.219 23.485  1   61.33   ? 336 ILE A CG1 1 
ATOM   1261 C  CG2 . ILE A 1 185 ? -4.170  -22.017 22.597  1   83.356  ? 336 ILE A CG2 1 
ATOM   1262 C  CD1 . ILE A 1 185 ? -2.963  -24.653 22.100  1   49.725  ? 336 ILE A CD1 1 
ATOM   1263 N  N   . ASP A 1 186 ? -5.080  -20.404 25.427  1   58.65   ? 337 ASP A N   1 
ATOM   1264 C  CA  . ASP A 1 186 ? -5.740  -19.165 25.806  1   60.293  ? 337 ASP A CA  1 
ATOM   1265 C  C   . ASP A 1 186 ? -5.251  -18.019 24.919  1   60.73   ? 337 ASP A C   1 
ATOM   1266 O  O   . ASP A 1 186 ? -4.186  -18.090 24.313  1   48.999  ? 337 ASP A O   1 
ATOM   1267 C  CB  . ASP A 1 186 ? -5.473  -18.874 27.273  1   70.676  ? 337 ASP A CB  1 
ATOM   1268 C  CG  . ASP A 1 186 ? -5.783  -20.020 28.234  1   103.269 ? 337 ASP A CG  1 
ATOM   1269 O  OD1 . ASP A 1 186 ? -6.117  -21.137 27.765  1   112.812 ? 337 ASP A OD1 1 
ATOM   1270 O  OD2 . ASP A 1 186 ? -5.699  -19.790 29.456  1   124.687 ? 337 ASP A OD2 1 
ATOM   1271 N  N   . ASP A 1 187 ? -6.037  -16.950 24.823  1   59.528  ? 338 ASP A N   1 
ATOM   1272 C  CA  . ASP A 1 187 ? -5.585  -15.827 24.031  1   63.389  ? 338 ASP A CA  1 
ATOM   1273 C  C   . ASP A 1 187 ? -4.449  -15.137 24.777  1   66.104  ? 338 ASP A C   1 
ATOM   1274 O  O   . ASP A 1 187 ? -4.168  -15.474 25.924  1   79.912  ? 338 ASP A O   1 
ATOM   1275 C  CB  . ASP A 1 187 ? -6.746  -15.028 23.473  1   69.279  ? 338 ASP A CB  1 
ATOM   1276 C  CG  . ASP A 1 187 ? -7.287  -15.574 22.158  1   88.863  ? 338 ASP A CG  1 
ATOM   1277 O  OD1 . ASP A 1 187 ? -7.680  -16.766 22.129  1   83.436  ? 338 ASP A OD1 1 
ATOM   1278 O  OD2 . ASP A 1 187 ? -7.293  -14.796 21.171  1   103.449 ? 338 ASP A OD2 1 
ATOM   1279 N  N   . GLU A 1 188 ? -3.772  -14.199 24.117  1   61.295  ? 339 GLU A N   1 
ATOM   1280 C  CA  . GLU A 1 188 ? -2.488  -13.771 24.638  1   64.663  ? 339 GLU A CA  1 
ATOM   1281 C  C   . GLU A 1 188 ? -2.616  -12.376 25.266  1   57.616  ? 339 GLU A C   1 
ATOM   1282 O  O   . GLU A 1 188 ? -3.164  -11.496 24.574  1   69.478  ? 339 GLU A O   1 
ATOM   1283 C  CB  . GLU A 1 188 ? -1.420  -13.888 23.550  1   61.463  ? 339 GLU A CB  1 
ATOM   1284 C  CG  . GLU A 1 188 ? -0.027  -14.127 24.121  1   68.806  ? 339 GLU A CG  1 
ATOM   1285 C  CD  . GLU A 1 188 ? 0.503   -13.110 25.134  1   74.315  ? 339 GLU A CD  1 
ATOM   1286 O  OE1 . GLU A 1 188 ? 0.392   -13.393 26.350  1   72.146  ? 339 GLU A OE1 1 
ATOM   1287 O  OE2 . GLU A 1 188 ? 1.066   -12.062 24.729  1   59.904  ? 339 GLU A OE2 1 
HETATM 1288 ZN ZN  . ZN  B 2 .   ? 7.238   -24.926 13.022  1   27.864  ? 400 ZN  A ZN  1 
HETATM 1289 ZN ZN  . ZN  C 2 .   ? 6.782   -9.676  3.025   1   27.705  ? 401 ZN  A ZN  1 
HETATM 1290 ZN ZN  . ZN  D 2 .   ? 4.277   28.718  -11.257 1   56.212  ? 402 ZN  A ZN  1 
HETATM 1291 ZN ZN  . ZN  E 2 .   ? 6.380   11.260  -12.830 1   48.313  ? 403 ZN  A ZN  1 
HETATM 1292 O  O   . HOH F 3 .   ? -9.803  -21.876 11.405  1   26.685  ? 501 HOH A O   1 
HETATM 1293 O  O   . HOH F 3 .   ? 2.449   -25.499 23.001  1   40.547  ? 502 HOH A O   1 
HETATM 1294 O  O   . HOH F 3 .   ? 6.839   23.376  -18.603 1   58.632  ? 503 HOH A O   1 
HETATM 1295 O  O   . HOH F 3 .   ? -10.410 31.164  -26.135 1   68.926  ? 504 HOH A O   1 
HETATM 1296 O  O   . HOH F 3 .   ? 3.841   17.803  -5.240  1   47.992  ? 505 HOH A O   1 
HETATM 1297 O  O   . HOH F 3 .   ? 12.118  -15.273 8.833   1   50.104  ? 506 HOH A O   1 
HETATM 1298 O  O   . HOH F 3 .   ? -10.857 -24.147 5.868   1   47.225  ? 507 HOH A O   1 
HETATM 1299 O  O   . HOH F 3 .   ? 5.128   10.101  -5.464  1   48.475  ? 508 HOH A O   1 
HETATM 1300 O  O   . HOH F 3 .   ? -1.558  28.931  -4.310  1   49.141  ? 509 HOH A O   1 
HETATM 1301 O  O   . HOH F 3 .   ? -7.953  25.143  -14.299 1   45.963  ? 510 HOH A O   1 
HETATM 1302 O  O   . HOH F 3 .   ? -6.002  -27.034 12.645  1   38.387  ? 511 HOH A O   1 
HETATM 1303 O  O   . HOH F 3 .   ? 9.043   -11.732 -3.985  1   41.734  ? 512 HOH A O   1 
HETATM 1304 O  O   . HOH F 3 .   ? -7.530  -9.480  0.147   1   37.036  ? 513 HOH A O   1 
HETATM 1305 O  O   . HOH F 3 .   ? -10.085 -9.142  7.214   1   41.104  ? 514 HOH A O   1 
HETATM 1306 O  O   . HOH F 3 .   ? 1.600   0.456   -13.468 1   53.131  ? 515 HOH A O   1 
HETATM 1307 O  O   . HOH F 3 .   ? -1.308  -19.421 -0.356  1   39.794  ? 516 HOH A O   1 
HETATM 1308 O  O   . HOH F 3 .   ? 1.310   -3.890  -7.748  1   50.347  ? 517 HOH A O   1 
HETATM 1309 O  O   . HOH F 3 .   ? 7.747   2.949   -15.877 1   63.105  ? 518 HOH A O   1 
HETATM 1310 O  O   . HOH F 3 .   ? 7.923   5.809   -8.594  1   68.384  ? 519 HOH A O   1 
HETATM 1311 O  O   . HOH F 3 .   ? -1.971  9.139   -14.762 1   40.024  ? 520 HOH A O   1 
HETATM 1312 O  O   . HOH F 3 .   ? -3.726  -12.459 18.777  1   49.723  ? 521 HOH A O   1 
HETATM 1313 O  O   . HOH F 3 .   ? 1.584   -9.720  9.641   1   27.013  ? 522 HOH A O   1 
HETATM 1314 O  O   . HOH F 3 .   ? 1.195   -1.591  5.115   1   60.058  ? 523 HOH A O   1 
HETATM 1315 O  O   . HOH F 3 .   ? 5.437   -19.745 -0.471  1   31.48   ? 524 HOH A O   1 
HETATM 1316 O  O   . HOH F 3 .   ? -1.484  -27.177 12.399  1   32.439  ? 525 HOH A O   1 
HETATM 1317 O  O   . HOH F 3 .   ? 7.920   -6.237  1.830   1   53.513  ? 526 HOH A O   1 
HETATM 1318 O  O   . HOH F 3 .   ? 6.110   -20.164 18.629  1   26.47   ? 527 HOH A O   1 
HETATM 1319 O  O   . HOH F 3 .   ? 11.731  -17.397 10.998  1   38.71   ? 528 HOH A O   1 
HETATM 1320 O  O   . HOH F 3 .   ? -6.865  -19.479 4.383   1   42.661  ? 529 HOH A O   1 
HETATM 1321 O  O   . HOH F 3 .   ? 5.196   -4.002  11.019  1   50.365  ? 530 HOH A O   1 
HETATM 1322 O  O   . HOH F 3 .   ? -0.066  -11.252 14.864  1   27.888  ? 531 HOH A O   1 
HETATM 1323 O  O   . HOH F 3 .   ? 11.362  -21.431 9.720   1   55.722  ? 532 HOH A O   1 
HETATM 1324 O  O   . HOH F 3 .   ? 1.404   30.621  -17.336 1   49.622  ? 533 HOH A O   1 
HETATM 1325 O  O   . HOH F 3 .   ? -2.878  -23.969 6.785   1   32.542  ? 534 HOH A O   1 
HETATM 1326 O  O   . HOH F 3 .   ? 10.975  -17.582 0.207   1   47.526  ? 535 HOH A O   1 
HETATM 1327 O  O   . HOH F 3 .   ? 10.748  -9.307  -0.735  1   51.371  ? 536 HOH A O   1 
HETATM 1328 O  O   . HOH F 3 .   ? 3.390   21.168  -19.478 1   59.443  ? 537 HOH A O   1 
HETATM 1329 O  O   . HOH F 3 .   ? 10.234  -11.141 15.378  1   29.001  ? 538 HOH A O   1 
HETATM 1330 O  O   . HOH F 3 .   ? 9.015   -29.155 16.771  1   45.941  ? 539 HOH A O   1 
HETATM 1331 O  O   . HOH F 3 .   ? 7.408   -4.994  -0.482  1   58.845  ? 540 HOH A O   1 
HETATM 1332 O  O   . HOH F 3 .   ? -2.756  -19.833 -2.565  1   42.936  ? 541 HOH A O   1 
HETATM 1333 O  O   . HOH F 3 .   ? 5.182   -15.240 12.633  1   29.997  ? 542 HOH A O   1 
HETATM 1334 O  O   . HOH F 3 .   ? 4.449   -13.847 17.061  1   46.462  ? 543 HOH A O   1 
HETATM 1335 O  O   . HOH F 3 .   ? -0.164  28.447  -1.947  1   45.902  ? 544 HOH A O   1 
HETATM 1336 O  O   . HOH F 3 .   ? 4.184   -2.434  -0.286  1   45.272  ? 545 HOH A O   1 
HETATM 1337 O  O   . HOH F 3 .   ? -2.396  -11.180 16.026  1   34.734  ? 546 HOH A O   1 
HETATM 1338 O  O   . HOH F 3 .   ? 6.229   -11.476 20.000  1   41.877  ? 547 HOH A O   1 
HETATM 1339 O  O   . HOH F 3 .   ? -8.979  -5.681  7.583   1   44.348  ? 548 HOH A O   1 
HETATM 1340 O  O   . HOH F 3 .   ? 5.656   -18.367 3.234   1   29.872  ? 549 HOH A O   1 
HETATM 1341 O  O   . HOH F 3 .   ? 12.465  5.990   -18.187 1   68.837  ? 550 HOH A O   1 
HETATM 1342 O  O   . HOH F 3 .   ? 7.385   21.991  -14.559 1   51.75   ? 551 HOH A O   1 
HETATM 1343 O  O   . HOH F 3 .   ? 11.010  -26.431 13.823  1   58.724  ? 552 HOH A O   1 
HETATM 1344 O  O   . HOH F 3 .   ? 9.893   -21.117 18.320  1   27.345  ? 553 HOH A O   1 
HETATM 1345 O  O   . HOH F 3 .   ? -4.974  -1.881  -5.009  1   49.377  ? 554 HOH A O   1 
HETATM 1346 O  O   . HOH F 3 .   ? -6.825  -16.275 13.409  1   28.842  ? 555 HOH A O   1 
HETATM 1347 O  O   . HOH F 3 .   ? -1.216  -7.444  8.178   1   47.895  ? 556 HOH A O   1 
HETATM 1348 O  O   . HOH F 3 .   ? 3.062   -1.873  -7.200  1   57.058  ? 557 HOH A O   1 
HETATM 1349 O  O   . HOH F 3 .   ? -6.467  -17.103 9.583   1   26.804  ? 558 HOH A O   1 
HETATM 1350 O  O   . HOH F 3 .   ? 7.950   -22.304 7.612   1   37.354  ? 559 HOH A O   1 
HETATM 1351 O  O   . HOH F 3 .   ? -0.901  1.210   -0.944  1   50.184  ? 560 HOH A O   1 
HETATM 1352 O  O   . HOH F 3 .   ? 5.400   -19.684 6.572   1   35.198  ? 561 HOH A O   1 
HETATM 1353 O  O   . HOH F 3 .   ? 6.303   -1.123  -3.761  1   59.523  ? 562 HOH A O   1 
HETATM 1354 O  O   . HOH F 3 .   ? 2.975   -23.210 -1.666  1   41.849  ? 563 HOH A O   1 
HETATM 1355 O  O   . HOH F 3 .   ? 10.393  -24.396 19.156  1   34.993  ? 564 HOH A O   1 
HETATM 1356 O  O   . HOH F 3 .   ? -11.531 -21.198 7.848   1   39.573  ? 565 HOH A O   1 
HETATM 1357 O  O   . HOH F 3 .   ? -4.883  -17.608 -5.402  1   45.795  ? 566 HOH A O   1 
HETATM 1358 O  O   . HOH F 3 .   ? -7.244  -6.801  3.680   1   47      ? 567 HOH A O   1 
HETATM 1359 O  O   . HOH F 3 .   ? 13.986  -16.971 6.871   1   56.753  ? 568 HOH A O   1 
HETATM 1360 O  O   . HOH F 3 .   ? -3.219  0.096   -1.270  1   61.889  ? 569 HOH A O   1 
HETATM 1361 O  O   . HOH F 3 .   ? 8.284   -26.687 19.797  1   30.863  ? 570 HOH A O   1 
HETATM 1362 O  O   . HOH F 3 .   ? 0.057   28.121  -6.334  1   46.186  ? 571 HOH A O   1 
HETATM 1363 O  O   . HOH F 3 .   ? 12.583  -10.354 7.030   1   53.587  ? 572 HOH A O   1 
HETATM 1364 O  O   . HOH F 3 .   ? -10.304 -12.100 6.832   1   41.5    ? 573 HOH A O   1 
HETATM 1365 O  O   . HOH F 3 .   ? 9.740   18.708  -8.135  1   48.413  ? 574 HOH A O   1 
HETATM 1366 O  O   . HOH F 3 .   ? 12.249  -13.257 -2.340  1   54.335  ? 575 HOH A O   1 
HETATM 1367 O  O   . HOH F 3 .   ? 3.669   -1.395  -3.945  1   44.24   ? 576 HOH A O   1 
HETATM 1368 O  O   . HOH F 3 .   ? 10.264  -10.210 10.985  1   31.635  ? 577 HOH A O   1 
HETATM 1369 O  O   . HOH F 3 .   ? 13.783  -9.438  3.403   1   51.699  ? 578 HOH A O   1 
HETATM 1370 O  O   . HOH F 3 .   ? 1.519   -7.826  7.386   1   24.697  ? 579 HOH A O   1 
HETATM 1371 O  O   . HOH F 3 .   ? 0.702   -27.324 20.816  1   50.051  ? 580 HOH A O   1 
HETATM 1372 O  O   . HOH F 3 .   ? 10.002  -25.071 23.000  1   43.273  ? 581 HOH A O   1 
HETATM 1373 O  O   . HOH F 3 .   ? 2.194   19.800  -16.317 1   54.811  ? 582 HOH A O   1 
HETATM 1374 O  O   . HOH F 3 .   ? 7.784   -5.535  -7.596  1   57.299  ? 583 HOH A O   1 
HETATM 1375 O  O   . HOH F 3 .   ? 2.851   -0.893  1.345   1   51.537  ? 584 HOH A O   1 
HETATM 1376 O  O   . HOH F 3 .   ? -1.339  -6.171  10.043  1   50.231  ? 585 HOH A O   1 
HETATM 1377 O  O   . HOH F 3 .   ? 1.563   -19.537 -8.406  1   51.35   ? 586 HOH A O   1 
HETATM 1378 O  O   . HOH F 3 .   ? 1.646   -4.119  -10.725 1   63.341  ? 587 HOH A O   1 
HETATM 1379 O  O   . HOH F 3 .   ? 13.925  -11.953 0.047   1   48.795  ? 588 HOH A O   1 
HETATM 1380 O  O   . HOH F 3 .   ? 8.112   -32.979 16.308  1   44.782  ? 589 HOH A O   1 
HETATM 1381 O  O   . HOH F 3 .   ? 10.863  -27.594 16.281  1   63.427  ? 590 HOH A O   1 
HETATM 1382 O  O   . HOH F 3 .   ? 3.038   -20.819 1.142   1   42.933  ? 591 HOH A O   1 
HETATM 1383 O  O   . HOH F 3 .   ? 3.691   -5.613  5.882   1   36.711  ? 592 HOH A O   1 
HETATM 1384 O  O   . HOH F 3 .   ? -6.072  -7.661  -4.549  1   61.346  ? 593 HOH A O   1 
HETATM 1385 O  O   . HOH F 3 .   ? 4.349   27.085  -5.587  1   49.949  ? 594 HOH A O   1 
HETATM 1386 O  O   . HOH F 3 .   ? -3.390  15.315  -4.816  1   53.451  ? 595 HOH A O   1 
HETATM 1387 O  O   . HOH F 3 .   ? 6.507   -23.673 5.327   1   49.524  ? 596 HOH A O   1 
HETATM 1388 O  O   . HOH F 3 .   ? 9.497   -9.966  -6.359  1   48.483  ? 597 HOH A O   1 
HETATM 1389 O  O   . HOH F 3 .   ? -6.276  -11.266 24.744  0.5 65.571  ? 598 HOH A O   1 
HETATM 1390 O  O   . HOH F 3 .   ? 12.567  -21.644 12.100  1   43.969  ? 599 HOH A O   1 
HETATM 1391 O  O   . HOH F 3 .   ? -14.413 -10.360 5.462   1   51.238  ? 600 HOH A O   1 
HETATM 1392 O  O   . HOH F 3 .   ? -5.684  -20.956 0.990   1   50.738  ? 601 HOH A O   1 
HETATM 1393 O  O   . HOH F 3 .   ? -5.108  -5.713  -3.920  1   59.081  ? 602 HOH A O   1 
HETATM 1394 O  O   . HOH F 3 .   ? 6.347   -6.199  5.893   1   42.754  ? 603 HOH A O   1 
HETATM 1395 O  O   . HOH F 3 .   ? 12.456  -11.314 9.718   1   45.52   ? 604 HOH A O   1 
HETATM 1396 O  O   . HOH F 3 .   ? -6.620  -3.857  -5.276  1   56.668  ? 605 HOH A O   1 
HETATM 1397 O  O   . HOH F 3 .   ? 7.900   -19.503 2.831   1   47.666  ? 606 HOH A O   1 
HETATM 1398 O  O   . HOH F 3 .   ? 12.770  -13.266 10.625  1   52.539  ? 607 HOH A O   1 
HETATM 1399 O  O   . HOH F 3 .   ? 13.248  -9.513  0.636   1   56.387  ? 608 HOH A O   1 
HETATM 1400 O  O   . HOH F 3 .   ? -6.051  -9.570  -6.090  1   64.084  ? 609 HOH A O   1 
HETATM 1401 O  O   . HOH F 3 .   ? -3.557  -4.889  -2.392  1   43.333  ? 610 HOH A O   1 
HETATM 1402 O  O   . HOH F 3 .   ? -5.168  -21.119 2.929   1   45.915  ? 611 HOH A O   1 
HETATM 1403 O  O   . HOH F 3 .   ? 9.623   -23.368 9.308   1   40.415  ? 612 HOH A O   1 
HETATM 1404 O  O   . HOH F 3 .   ? -3.307  -2.143  -3.028  1   46.337  ? 613 HOH A O   1 
HETATM 1405 O  O   . HOH F 3 .   ? 4.793   -20.892 2.748   1   49.017  ? 614 HOH A O   1 
HETATM 1406 O  O   . HOH F 3 .   ? 5.250   -1.746  -8.523  1   52.163  ? 615 HOH A O   1 
HETATM 1407 O  O   . HOH F 3 .   ? 13.721  -18.588 11.974  1   51.264  ? 616 HOH A O   1 
HETATM 1408 O  O   . HOH F 3 .   ? 1.518   -24.350 -3.642  1   43.474  ? 617 HOH A O   1 
HETATM 1409 O  O   . HOH F 3 .   ? -8.827  -17.862 12.619  0.5 25.669  ? 618 HOH A O   1 
HETATM 1410 O  O   . HOH F 3 .   ? -1.969  28.249  1.877   1   77.355  ? 619 HOH A O   1 
HETATM 1411 O  O   . HOH F 3 .   ? 12.995  -23.578 19.981  1   34.752  ? 620 HOH A O   1 
HETATM 1412 O  O   . HOH F 3 .   ? 12.860  -6.959  3.043   1   59.016  ? 621 HOH A O   1 
HETATM 1413 O  O   . HOH F 3 .   ? 4.240   -21.755 4.804   1   45.841  ? 622 HOH A O   1 
HETATM 1414 O  O   . HOH F 3 .   ? 13.305  -24.475 22.389  1   53.319  ? 623 HOH A O   1 
# 
